data_9JA3
#
_entry.id   9JA3
#
_cell.length_a   1.00
_cell.length_b   1.00
_cell.length_c   1.00
_cell.angle_alpha   90.00
_cell.angle_beta   90.00
_cell.angle_gamma   90.00
#
_symmetry.space_group_name_H-M   'P 1'
#
loop_
_entity.id
_entity.type
_entity.pdbx_description
1 polymer 'DNA polymerase'
2 polymer 'DNA polymerase processivity factor'
3 polymer 'DNA (27-MER)'
4 polymer "DNA (5'-D(*AP*GP*GP*CP*CP*AP*TP*AP*CP*GP*AP*TP*CP*CP*TP*TP*CP*CP*CP*CP*TP*AP*C)-3')"
5 non-polymer 'CALCIUM ION'
6 non-polymer 'ACYCLOVIR TRIPHOSPHATE'
#
loop_
_entity_poly.entity_id
_entity_poly.type
_entity_poly.pdbx_seq_one_letter_code
_entity_poly.pdbx_strand_id
1 'polypeptide(L)'
;MFSGGGGPLSPGGKSAARAASGFFAPAGPRGASRGPPPCLRQNFYNPYLAPVGTQQKPTGPTQRHTYYSECDEFRFIAPR
VLDEDAPPEKRAGVHDGHLKRAPKVYCGGDERDVLRVGSGGFWPRRSRLWGGVDHAPAGFNPTVTVFHVYDILENVEHAY
GMRAAQFHARFMDAITPTGTVITLLGLTPEGHRVAVHVYGTRQYFYMNKEEVDRHLQCRAPRDLCERMAAALRESPGASF
RGISADHFEAEVVERTDVYYYETRPALFYRVYVRSGRVLSYLCDNFCPAIKKYEGGVDATTRFILDNPGFVTFGWYRLKP
GRNNTLAQPRAPMAFGTSSDVEFNCTADNLAIEGGMSDLPAYKLMCFDIECKAGGEDELAFPVAGHPEDLVIQISCLLYD
LSTTALEHVLLFSLGSCDLPESHLNELAARGLPTPVVLEFDSEFEMLLAFMTLVKQYGPEFVTGYNIINFDWPFLLAKLT
DIYKVPLDGYGRMNGRGVFRVWDIGQSHFQKRSKIKVNGMVNIDMYGIITDKIKLSSYKLNAVAEAVLKDKKKDLSYRDI
PAYYAAGPAQRGVIGEYCIQDSLLVGQLFFKFLPHLELSAVARLAGINITRTIYDGQQIRVFTCLLRLADQKGFILPDTQ
GRFRGAGGEAPKRPAAAREDEERPEEEGEDEDEREEGGGEREPEGARETAGRHVGYQGARVLDPTSGFHVNPVVVFDFAS
LYPSIIQAHNLCFSTLSLRADAVAHLEAGKDYLEIEVGGRRLFFVKAHVRESLLSILLRDWLAMRKQIRSRIPQSSPEEA
VLLDKQQAAIKVVCNSVYGFTGVQHGLLPCLHVAATVTTIGREMLLATREYVHARWAAFEQLLADFPEAADMRAPGPYSM
RIIYGDTDSIFVLCRGLTAAGLTAVGDKMASHISRALFLPPIKLECEKTFTKLLLIAKKKYIGVIYGGKMLIKGVDLVRK
NNCAFINRTSRALVDLLFYDDTVSGAAAALAERPAEEWLARPLPEGLQAFGAVLVDAHRRITDPERDIQDFVLTAELSRH
PRAYTNKRLAHLTVYYKLMARRAQVPSIKDRIPYVIVAQTREVEETVARLAALRELDAAAPGDEPAPPAALPSPAKRPRE
TPSPADPPGGASKPRKLLVSELAEDPAYAIAHGVALNTDYYFSHLLGAACVTFKALFGNNAKITESLLKRFIPEVWHPPD
DVAARLRTAGFGAVGAGATAEETRRMLHRAFDTLA
;
A
2 'polypeptide(L)'
;MHHHHHHHHDYDIPTTENLYFQGADMTDSPGGVAPASPVEDASDASLGQPEEGAPCQVVLQGAELNGILQAFAPLRTSLL
DSLLVMGDRGILIHNTIFGEQVFLPLEHSQFSRYRWRGPTAAFLSLVDQKRSLLSVFRANQYPDLRRVELAITGQAPFRT
LVQRIWTTTSDGEAVELASETLMKRELTSFVVLVPQGTPDVQLRLTRPQLTKVLNATGADSATPTTFELGVNGKFSVFTT
STCVTFAAREEGVSSSTSTQVQILSNALTKAGQAAANAKTVYGENTHRTFSVVVDDCSMRAVLRRLQVGGGTLKFFLTTP
VPSLCVTATGPNAVSAVFLLKPQKICLDWLGHSQGSPSAGSSASRASGSEPTDSQDSASDAVSHGDPEDLDGAARAGEAG
ALHACPMPSSTTRVTPTTKRGRSGGEDARADTALKKPKTGSPTAPPPADPVPLDTEDDSDAADGTAARPAAPDARSGSRY
ACYFRDLPTGEASPGAFSAFRGGPQTPYGFGFP
;
B
3 'polydeoxyribonucleotide'
;(DA)(DA)(DT)(DC)(DG)(DT)(DA)(DG)(DG)(DG)(DG)(DA)(DA)(DG)(DG)(DA)(DT)(DC)(DG)(DT)
(DA)(DT)(DG)(DG)(DC)(DC)(DT)
;
T
4 'polydeoxyribonucleotide'
;(DA)(DG)(DG)(DC)(DC)(DA)(DT)(DA)(DC)(DG)(DA)(DT)(DC)(DC)(DT)(DT)(DC)(DC)(DC)(DC)
(DT)(DA)(DC)
;
P
#
# COMPACT_ATOMS: atom_id res chain seq x y z
N THR A 59 44.78 2.25 41.16
CA THR A 59 45.69 3.08 40.39
C THR A 59 44.98 4.28 39.79
N GLY A 60 43.94 4.01 38.99
CA GLY A 60 43.17 5.05 38.36
C GLY A 60 42.77 4.68 36.94
N PRO A 61 41.49 4.85 36.61
CA PRO A 61 41.01 4.48 35.27
C PRO A 61 41.57 5.42 34.21
N THR A 62 42.24 4.85 33.22
CA THR A 62 42.80 5.65 32.14
C THR A 62 41.69 6.33 31.32
N GLN A 63 40.60 5.62 31.08
CA GLN A 63 39.47 6.15 30.33
C GLN A 63 38.31 6.42 31.28
N ARG A 64 37.82 7.65 31.26
CA ARG A 64 36.74 8.05 32.15
C ARG A 64 35.46 7.31 31.80
N HIS A 65 34.75 6.84 32.83
CA HIS A 65 33.47 6.16 32.66
C HIS A 65 32.36 7.20 32.65
N THR A 66 31.80 7.48 31.47
CA THR A 66 30.78 8.50 31.35
C THR A 66 29.43 8.05 31.90
N TYR A 67 29.15 6.75 31.88
CA TYR A 67 27.87 6.25 32.36
C TYR A 67 27.75 6.46 33.87
N TYR A 68 26.51 6.71 34.31
CA TYR A 68 26.27 7.01 35.72
C TYR A 68 26.62 5.82 36.60
N SER A 69 27.34 6.11 37.69
CA SER A 69 27.65 5.11 38.70
C SER A 69 27.41 5.59 40.12
N GLU A 70 27.40 6.89 40.38
CA GLU A 70 27.12 7.45 41.70
C GLU A 70 26.29 8.70 41.51
N CYS A 71 25.05 8.69 42.01
CA CYS A 71 24.12 9.81 41.85
C CYS A 71 23.60 10.23 43.22
N ASP A 72 23.42 11.53 43.40
CA ASP A 72 22.92 12.06 44.67
C ASP A 72 21.74 13.00 44.45
N GLU A 73 21.70 13.66 43.30
CA GLU A 73 20.64 14.62 42.99
C GLU A 73 19.99 14.22 41.67
N PHE A 74 18.66 14.37 41.61
CA PHE A 74 17.92 14.04 40.40
C PHE A 74 16.61 14.82 40.39
N ARG A 75 16.01 14.90 39.20
CA ARG A 75 14.74 15.59 39.01
C ARG A 75 13.59 14.65 39.34
N PHE A 76 12.65 15.13 40.16
CA PHE A 76 11.52 14.34 40.61
C PHE A 76 10.27 14.77 39.87
N ILE A 77 9.73 13.89 39.03
CA ILE A 77 8.48 14.12 38.31
C ILE A 77 7.65 12.86 38.44
N ALA A 78 6.43 12.99 38.98
CA ALA A 78 5.56 11.85 39.20
C ALA A 78 4.14 12.36 39.37
N PRO A 79 3.13 11.55 39.05
CA PRO A 79 1.74 11.98 39.24
C PRO A 79 1.41 12.14 40.72
N ARG A 80 0.43 13.00 40.99
CA ARG A 80 0.00 13.28 42.35
C ARG A 80 -1.07 12.32 42.84
N VAL A 81 -1.50 11.37 42.03
CA VAL A 81 -2.56 10.45 42.41
C VAL A 81 -1.97 9.17 42.98
N LEU A 82 -0.71 9.21 43.39
CA LEU A 82 -0.02 8.02 43.84
C LEU A 82 0.36 8.04 45.32
N ASP A 83 0.49 9.22 45.92
CA ASP A 83 0.98 9.31 47.29
C ASP A 83 -0.01 8.70 48.28
N GLU A 84 -1.14 9.38 48.50
CA GLU A 84 -2.16 8.81 49.38
C GLU A 84 -3.58 8.98 48.83
N ASP A 85 -3.73 9.27 47.54
CA ASP A 85 -5.03 9.55 46.92
C ASP A 85 -5.70 10.72 47.61
N ALA A 86 -5.08 11.88 47.45
CA ALA A 86 -5.50 13.10 48.11
C ALA A 86 -6.85 13.56 47.57
N PRO A 87 -7.56 14.41 48.30
CA PRO A 87 -8.82 14.98 47.80
C PRO A 87 -8.62 15.66 46.46
N PRO A 88 -9.70 15.86 45.69
CA PRO A 88 -9.56 16.38 44.31
C PRO A 88 -8.81 17.70 44.21
N GLU A 89 -8.71 18.43 45.31
CA GLU A 89 -7.97 19.70 45.30
C GLU A 89 -6.51 19.47 44.95
N LYS A 90 -5.80 18.69 45.76
CA LYS A 90 -4.40 18.35 45.50
C LYS A 90 -4.30 16.94 44.91
N ARG A 91 -5.01 16.73 43.81
CA ARG A 91 -4.98 15.43 43.15
C ARG A 91 -4.63 15.53 41.67
N ALA A 92 -5.08 16.58 40.99
CA ALA A 92 -4.77 16.73 39.57
C ALA A 92 -3.36 17.27 39.38
N GLY A 93 -2.84 17.08 38.17
CA GLY A 93 -1.52 17.56 37.83
C GLY A 93 -0.44 16.52 38.07
N VAL A 94 0.80 16.97 37.90
CA VAL A 94 1.99 16.13 38.06
C VAL A 94 2.97 16.84 38.98
N HIS A 95 3.56 16.08 39.91
CA HIS A 95 4.55 16.66 40.82
C HIS A 95 5.81 17.04 40.07
N ASP A 96 6.43 18.13 40.51
CA ASP A 96 7.67 18.59 39.90
C ASP A 96 8.54 19.25 40.97
N GLY A 97 9.84 19.23 40.75
CA GLY A 97 10.77 19.83 41.67
C GLY A 97 12.11 19.11 41.62
N HIS A 98 13.00 19.52 42.51
CA HIS A 98 14.33 18.96 42.62
C HIS A 98 14.46 18.23 43.96
N LEU A 99 14.86 16.96 43.90
CA LEU A 99 14.99 16.12 45.08
C LEU A 99 16.44 15.71 45.27
N LYS A 100 16.91 15.76 46.51
CA LYS A 100 18.30 15.47 46.86
C LYS A 100 18.35 14.18 47.66
N ARG A 101 18.39 13.05 46.95
CA ARG A 101 18.54 11.75 47.58
C ARG A 101 18.96 10.74 46.54
N ALA A 102 19.51 9.63 47.00
CA ALA A 102 19.97 8.59 46.08
C ALA A 102 18.77 7.86 45.48
N PRO A 103 18.76 7.61 44.16
CA PRO A 103 17.67 6.84 43.57
C PRO A 103 17.60 5.43 44.15
N LYS A 104 16.38 4.93 44.30
CA LYS A 104 16.14 3.63 44.91
C LYS A 104 15.02 2.91 44.18
N VAL A 105 15.01 1.58 44.34
CA VAL A 105 14.05 0.71 43.69
C VAL A 105 13.41 -0.19 44.75
N TYR A 106 12.11 -0.42 44.60
CA TYR A 106 11.35 -1.29 45.49
C TYR A 106 11.00 -2.59 44.76
N CYS A 107 11.07 -3.70 45.48
CA CYS A 107 10.71 -4.99 44.91
C CYS A 107 10.30 -5.92 46.05
N GLY A 108 9.04 -6.32 46.08
CA GLY A 108 8.55 -7.24 47.09
C GLY A 108 8.74 -6.73 48.51
N GLY A 109 8.54 -5.44 48.73
CA GLY A 109 8.77 -4.85 50.03
C GLY A 109 10.21 -4.61 50.39
N ASP A 110 11.14 -4.84 49.47
CA ASP A 110 12.57 -4.65 49.72
C ASP A 110 13.04 -3.41 48.97
N GLU A 111 13.73 -2.52 49.69
CA GLU A 111 14.24 -1.29 49.11
C GLU A 111 15.74 -1.43 48.88
N ARG A 112 16.19 -1.11 47.67
CA ARG A 112 17.60 -1.22 47.32
C ARG A 112 18.02 0.02 46.54
N ASP A 113 19.32 0.26 46.48
CA ASP A 113 19.86 1.34 45.67
C ASP A 113 20.15 0.84 44.26
N VAL A 114 19.79 1.66 43.27
CA VAL A 114 19.95 1.24 41.87
C VAL A 114 21.43 1.07 41.55
N LEU A 115 22.25 2.03 41.97
CA LEU A 115 23.70 1.99 41.72
C LEU A 115 24.44 1.40 42.93
N ARG A 116 24.11 0.15 43.23
CA ARG A 116 24.64 -0.55 44.40
C ARG A 116 25.10 -1.96 44.00
N VAL A 117 25.92 -2.04 42.96
CA VAL A 117 26.43 -3.32 42.49
C VAL A 117 27.14 -4.05 43.63
N GLY A 118 26.79 -5.32 43.83
CA GLY A 118 27.39 -6.11 44.88
C GLY A 118 26.40 -6.90 45.70
N SER A 119 26.64 -8.20 45.82
CA SER A 119 25.82 -9.10 46.62
C SER A 119 24.37 -9.11 46.15
N GLY A 120 23.49 -8.47 46.94
CA GLY A 120 22.08 -8.49 46.60
C GLY A 120 21.76 -7.67 45.36
N GLY A 121 20.73 -8.11 44.65
CA GLY A 121 20.29 -7.42 43.46
C GLY A 121 18.98 -7.99 42.96
N PHE A 122 18.30 -7.21 42.13
CA PHE A 122 17.01 -7.58 41.58
C PHE A 122 17.12 -8.07 40.13
N TRP A 123 17.80 -7.31 39.28
CA TRP A 123 17.95 -7.76 37.89
C TRP A 123 19.30 -8.44 37.70
N PRO A 124 19.38 -9.40 36.77
CA PRO A 124 20.66 -10.08 36.53
C PRO A 124 21.71 -9.12 35.99
N ARG A 125 22.97 -9.40 36.33
CA ARG A 125 24.09 -8.57 35.92
C ARG A 125 25.16 -9.43 35.29
N ARG A 126 25.79 -8.91 34.24
CA ARG A 126 26.89 -9.59 33.57
C ARG A 126 28.14 -8.71 33.44
N SER A 127 28.17 -7.59 34.15
CA SER A 127 29.30 -6.66 34.07
C SER A 127 30.29 -6.93 35.19
N ARG A 128 31.58 -6.88 34.86
CA ARG A 128 32.64 -7.12 35.82
C ARG A 128 33.03 -5.85 36.58
N LEU A 129 33.39 -4.80 35.85
CA LEU A 129 33.77 -3.54 36.46
C LEU A 129 32.56 -2.63 36.61
N TRP A 130 32.63 -1.73 37.60
CA TRP A 130 31.57 -0.74 37.81
C TRP A 130 32.20 0.46 38.52
N GLY A 131 32.45 1.52 37.76
CA GLY A 131 33.02 2.73 38.33
C GLY A 131 34.41 2.55 38.90
N GLY A 132 35.27 1.83 38.20
CA GLY A 132 36.63 1.62 38.67
C GLY A 132 36.77 0.63 39.80
N VAL A 133 35.77 -0.23 40.02
CA VAL A 133 35.81 -1.24 41.06
C VAL A 133 35.66 -2.60 40.40
N ASP A 134 36.57 -3.52 40.72
CA ASP A 134 36.57 -4.86 40.13
C ASP A 134 35.66 -5.76 40.97
N HIS A 135 34.46 -6.02 40.46
CA HIS A 135 33.51 -6.91 41.12
C HIS A 135 33.65 -8.33 40.58
N ALA A 136 34.87 -8.86 40.69
CA ALA A 136 35.21 -10.19 40.21
C ALA A 136 35.94 -10.95 41.30
N PRO A 137 35.84 -12.28 41.30
CA PRO A 137 36.57 -13.07 42.30
C PRO A 137 38.08 -12.93 42.13
N ALA A 138 38.80 -13.06 43.24
CA ALA A 138 40.25 -12.95 43.22
C ALA A 138 40.86 -14.09 42.41
N GLY A 139 41.95 -13.78 41.71
CA GLY A 139 42.61 -14.75 40.86
C GLY A 139 41.79 -15.19 39.66
N PHE A 140 41.11 -14.23 39.02
CA PHE A 140 40.26 -14.52 37.86
C PHE A 140 41.05 -14.18 36.60
N ASN A 141 41.72 -15.18 36.04
CA ASN A 141 42.52 -15.03 34.82
C ASN A 141 42.14 -16.14 33.84
N PRO A 142 40.96 -16.05 33.22
CA PRO A 142 40.55 -17.08 32.26
C PRO A 142 41.42 -17.05 31.01
N THR A 143 41.59 -18.23 30.42
CA THR A 143 42.36 -18.36 29.18
C THR A 143 41.43 -18.23 27.98
N VAL A 144 41.92 -17.56 26.94
CA VAL A 144 41.15 -17.30 25.74
C VAL A 144 41.95 -17.79 24.54
N THR A 145 41.38 -18.75 23.81
CA THR A 145 41.99 -19.26 22.58
C THR A 145 41.08 -19.15 21.37
N VAL A 146 39.78 -19.42 21.55
CA VAL A 146 38.80 -19.32 20.47
C VAL A 146 37.65 -18.44 20.96
N PHE A 147 37.23 -17.49 20.13
CA PHE A 147 36.12 -16.62 20.51
C PHE A 147 35.33 -16.24 19.26
N HIS A 148 34.01 -16.20 19.40
CA HIS A 148 33.12 -15.84 18.30
C HIS A 148 32.86 -14.34 18.33
N VAL A 149 33.33 -13.64 17.31
CA VAL A 149 33.13 -12.20 17.19
C VAL A 149 31.87 -11.93 16.37
N TYR A 150 31.05 -11.01 16.86
CA TYR A 150 29.80 -10.65 16.19
C TYR A 150 29.76 -9.22 15.68
N ASP A 151 30.50 -8.31 16.30
CA ASP A 151 30.54 -6.91 15.91
C ASP A 151 31.98 -6.43 15.86
N ILE A 152 32.21 -5.43 15.02
CA ILE A 152 33.53 -4.82 14.87
C ILE A 152 33.40 -3.32 15.11
N LEU A 153 34.22 -2.79 16.00
CA LEU A 153 34.23 -1.37 16.33
C LEU A 153 35.44 -0.70 15.69
N GLU A 154 35.56 0.61 15.93
CA GLU A 154 36.65 1.40 15.38
C GLU A 154 36.72 2.71 16.14
N ASN A 155 37.91 3.04 16.65
CA ASN A 155 38.09 4.25 17.44
C ASN A 155 39.51 4.76 17.25
N VAL A 156 39.79 5.91 17.86
CA VAL A 156 41.06 6.59 17.75
C VAL A 156 41.72 6.65 19.12
N GLU A 157 43.03 6.44 19.17
CA GLU A 157 43.79 6.47 20.41
C GLU A 157 45.08 7.25 20.21
N HIS A 158 45.58 7.82 21.31
CA HIS A 158 46.82 8.58 21.29
C HIS A 158 47.78 8.02 22.34
N ALA A 159 49.08 8.15 22.05
CA ALA A 159 50.09 7.64 22.97
C ALA A 159 50.11 8.44 24.27
N TYR A 160 49.84 9.74 24.19
CA TYR A 160 49.85 10.57 25.40
C TYR A 160 48.78 10.11 26.38
N GLY A 161 47.59 9.80 25.88
CA GLY A 161 46.55 9.28 26.75
C GLY A 161 46.86 7.90 27.32
N MET A 162 47.52 7.05 26.54
CA MET A 162 47.80 5.68 26.93
C MET A 162 49.15 5.52 27.62
N ARG A 163 49.86 6.62 27.88
CA ARG A 163 51.16 6.53 28.55
C ARG A 163 51.03 6.01 29.98
N ALA A 164 49.86 6.12 30.60
CA ALA A 164 49.69 5.61 31.96
C ALA A 164 49.67 4.09 31.99
N ALA A 165 49.16 3.45 30.94
CA ALA A 165 49.05 2.00 30.92
C ALA A 165 50.43 1.37 30.72
N GLN A 166 50.46 0.03 30.73
CA GLN A 166 51.69 -0.75 30.58
C GLN A 166 51.75 -1.45 29.23
N PHE A 167 51.32 -0.75 28.17
CA PHE A 167 51.30 -1.35 26.84
C PHE A 167 52.72 -1.63 26.35
N HIS A 168 52.84 -2.63 25.50
CA HIS A 168 54.13 -2.99 24.93
C HIS A 168 54.61 -1.90 23.97
N ALA A 169 55.91 -1.94 23.67
CA ALA A 169 56.50 -0.95 22.77
C ALA A 169 55.91 -1.05 21.36
N ARG A 170 55.67 -2.28 20.90
CA ARG A 170 55.14 -2.47 19.56
C ARG A 170 53.72 -1.93 19.43
N PHE A 171 52.98 -1.86 20.53
CA PHE A 171 51.62 -1.33 20.52
C PHE A 171 51.58 0.17 20.79
N MET A 172 52.73 0.79 21.06
CA MET A 172 52.80 2.22 21.32
C MET A 172 53.49 3.00 20.22
N ASP A 173 54.47 2.41 19.53
CA ASP A 173 55.15 3.10 18.44
C ASP A 173 54.29 3.20 17.18
N ALA A 174 53.31 2.30 17.03
CA ALA A 174 52.45 2.33 15.86
C ALA A 174 51.35 3.38 15.94
N ILE A 175 51.07 3.91 17.13
CA ILE A 175 50.03 4.92 17.30
C ILE A 175 50.59 6.11 18.07
N THR A 176 51.90 6.29 18.03
CA THR A 176 52.52 7.31 18.88
C THR A 176 52.02 8.74 18.62
N PRO A 177 51.81 9.22 17.37
CA PRO A 177 51.19 10.54 17.25
C PRO A 177 49.67 10.49 17.36
N THR A 178 49.10 9.42 16.82
CA THR A 178 47.67 9.16 16.69
C THR A 178 47.58 7.77 16.06
N GLY A 179 46.43 7.12 16.21
CA GLY A 179 46.27 5.80 15.62
C GLY A 179 44.83 5.36 15.62
N THR A 180 44.55 4.35 14.80
CA THR A 180 43.23 3.73 14.70
C THR A 180 43.36 2.28 15.14
N VAL A 181 42.46 1.86 16.03
CA VAL A 181 42.47 0.51 16.59
C VAL A 181 41.15 -0.16 16.26
N ILE A 182 41.22 -1.38 15.73
CA ILE A 182 40.03 -2.14 15.37
C ILE A 182 39.65 -3.02 16.55
N THR A 183 38.44 -2.82 17.08
CA THR A 183 37.97 -3.56 18.25
C THR A 183 36.97 -4.61 17.81
N LEU A 184 37.25 -5.87 18.13
CA LEU A 184 36.37 -6.99 17.81
C LEU A 184 35.70 -7.47 19.09
N LEU A 185 34.37 -7.50 19.09
CA LEU A 185 33.57 -7.85 20.25
C LEU A 185 32.93 -9.22 20.04
N GLY A 186 33.06 -10.09 21.03
CA GLY A 186 32.50 -11.41 20.91
C GLY A 186 32.40 -12.12 22.23
N LEU A 187 32.11 -13.42 22.15
CA LEU A 187 31.92 -14.28 23.31
C LEU A 187 32.82 -15.49 23.23
N THR A 188 33.34 -15.91 24.38
CA THR A 188 34.07 -17.15 24.50
C THR A 188 33.09 -18.32 24.66
N PRO A 189 33.52 -19.54 24.35
CA PRO A 189 32.61 -20.69 24.53
C PRO A 189 32.13 -20.85 25.96
N GLU A 190 32.95 -20.50 26.95
CA GLU A 190 32.50 -20.54 28.34
C GLU A 190 31.39 -19.54 28.59
N GLY A 191 31.49 -18.35 28.01
CA GLY A 191 30.47 -17.33 28.19
C GLY A 191 31.02 -15.99 28.63
N HIS A 192 32.33 -15.81 28.52
CA HIS A 192 32.98 -14.57 28.92
C HIS A 192 33.00 -13.59 27.75
N ARG A 193 32.56 -12.36 27.99
CA ARG A 193 32.59 -11.34 26.96
C ARG A 193 34.03 -10.90 26.71
N VAL A 194 34.44 -10.88 25.43
CA VAL A 194 35.80 -10.59 25.05
C VAL A 194 35.81 -9.46 24.04
N ALA A 195 36.76 -8.53 24.20
CA ALA A 195 36.94 -7.42 23.28
C ALA A 195 38.43 -7.32 22.95
N VAL A 196 38.79 -7.75 21.74
CA VAL A 196 40.19 -7.82 21.34
C VAL A 196 40.51 -6.64 20.44
N HIS A 197 41.65 -6.01 20.71
CA HIS A 197 42.08 -4.82 19.98
C HIS A 197 43.19 -5.17 19.00
N VAL A 198 43.08 -4.66 17.78
CA VAL A 198 44.05 -4.90 16.72
C VAL A 198 44.62 -3.55 16.28
N TYR A 199 45.95 -3.47 16.24
CA TYR A 199 46.66 -2.26 15.86
C TYR A 199 47.27 -2.44 14.46
N GLY A 200 47.90 -1.37 13.98
CA GLY A 200 48.64 -1.43 12.73
C GLY A 200 47.82 -1.28 11.48
N THR A 201 46.55 -0.87 11.58
CA THR A 201 45.69 -0.68 10.42
C THR A 201 45.58 0.81 10.13
N ARG A 202 45.92 1.19 8.90
CA ARG A 202 45.85 2.58 8.46
C ARG A 202 45.13 2.66 7.12
N GLN A 203 44.24 3.64 6.99
CA GLN A 203 43.57 3.86 5.72
C GLN A 203 44.54 4.41 4.69
N TYR A 204 44.28 4.09 3.43
CA TYR A 204 45.10 4.57 2.33
C TYR A 204 44.23 4.83 1.12
N PHE A 205 44.70 5.75 0.27
CA PHE A 205 44.00 6.07 -0.96
C PHE A 205 45.00 6.39 -2.06
N TYR A 206 44.55 6.24 -3.31
CA TYR A 206 45.39 6.44 -4.48
C TYR A 206 45.15 7.81 -5.08
N MET A 207 46.22 8.43 -5.57
CA MET A 207 46.14 9.69 -6.29
C MET A 207 47.03 9.61 -7.52
N ASN A 208 46.70 10.40 -8.54
CA ASN A 208 47.46 10.37 -9.79
C ASN A 208 48.78 11.11 -9.60
N LYS A 209 49.89 10.40 -9.86
CA LYS A 209 51.21 11.02 -9.71
C LYS A 209 51.44 12.11 -10.74
N GLU A 210 50.97 11.89 -11.98
CA GLU A 210 51.18 12.89 -13.02
C GLU A 210 50.45 14.18 -12.70
N GLU A 211 49.22 14.09 -12.19
CA GLU A 211 48.45 15.30 -11.89
C GLU A 211 49.10 16.12 -10.78
N VAL A 212 49.54 15.46 -9.71
CA VAL A 212 50.18 16.20 -8.61
C VAL A 212 51.52 16.75 -9.04
N ASP A 213 52.25 16.01 -9.88
CA ASP A 213 53.55 16.50 -10.37
C ASP A 213 53.38 17.68 -11.31
N ARG A 214 52.27 17.74 -12.05
CA ARG A 214 52.04 18.82 -13.00
C ARG A 214 51.43 20.06 -12.35
N HIS A 215 50.49 19.88 -11.43
CA HIS A 215 49.80 21.01 -10.82
C HIS A 215 50.60 21.62 -9.67
N LEU A 216 51.10 20.79 -8.75
CA LEU A 216 51.82 21.29 -7.59
C LEU A 216 53.32 21.34 -7.79
N GLN A 217 53.86 20.55 -8.72
CA GLN A 217 55.30 20.51 -9.01
C GLN A 217 56.11 20.21 -7.75
N CYS A 218 55.87 19.03 -7.18
CA CYS A 218 56.55 18.60 -5.97
C CYS A 218 56.94 17.13 -6.10
N ARG A 219 58.22 16.88 -6.32
CA ARG A 219 58.76 15.52 -6.28
C ARG A 219 59.12 15.18 -4.83
N ALA A 220 59.90 14.10 -4.64
CA ALA A 220 60.36 13.71 -3.32
C ALA A 220 59.16 13.45 -2.41
N PRO A 221 58.44 12.32 -2.60
CA PRO A 221 57.14 12.11 -1.95
C PRO A 221 57.02 12.56 -0.50
N ARG A 222 58.13 12.62 0.23
CA ARG A 222 58.11 13.23 1.56
C ARG A 222 57.67 14.69 1.47
N ASP A 223 58.10 15.39 0.40
CA ASP A 223 57.65 16.76 0.20
C ASP A 223 56.15 16.84 -0.03
N LEU A 224 55.56 15.81 -0.64
CA LEU A 224 54.10 15.78 -0.78
C LEU A 224 53.42 15.73 0.58
N CYS A 225 53.95 14.90 1.50
CA CYS A 225 53.40 14.85 2.85
C CYS A 225 53.60 16.17 3.57
N GLU A 226 54.75 16.82 3.37
CA GLU A 226 54.99 18.13 3.97
C GLU A 226 53.99 19.16 3.45
N ARG A 227 53.72 19.14 2.14
CA ARG A 227 52.75 20.07 1.58
C ARG A 227 51.35 19.79 2.12
N MET A 228 50.98 18.52 2.25
CA MET A 228 49.68 18.17 2.82
C MET A 228 49.56 18.66 4.25
N ALA A 229 50.61 18.48 5.05
CA ALA A 229 50.59 18.94 6.44
C ALA A 229 50.50 20.45 6.50
N ALA A 230 51.21 21.15 5.61
CA ALA A 230 51.14 22.61 5.58
C ALA A 230 49.74 23.08 5.20
N ALA A 231 49.11 22.41 4.23
CA ALA A 231 47.74 22.77 3.87
C ALA A 231 46.78 22.52 5.02
N LEU A 232 46.97 21.41 5.75
CA LEU A 232 46.12 21.13 6.90
C LEU A 232 46.32 22.17 8.01
N ARG A 233 47.56 22.62 8.19
CA ARG A 233 47.85 23.57 9.27
C ARG A 233 47.17 24.92 9.02
N GLU A 234 46.95 25.29 7.76
CA GLU A 234 46.34 26.56 7.41
C GLU A 234 44.83 26.42 7.15
N SER A 235 44.22 25.33 7.62
CA SER A 235 42.80 25.14 7.43
C SER A 235 42.02 26.18 8.24
N PRO A 236 40.83 26.57 7.76
CA PRO A 236 40.05 27.57 8.52
C PRO A 236 39.70 27.12 9.93
N GLY A 237 39.45 25.83 10.14
CA GLY A 237 39.15 25.33 11.47
C GLY A 237 40.40 25.18 12.31
N ALA A 238 40.31 25.59 13.58
CA ALA A 238 41.42 25.48 14.51
C ALA A 238 41.38 24.14 15.24
N SER A 239 41.51 23.06 14.45
CA SER A 239 41.48 21.71 14.98
C SER A 239 42.61 20.83 14.49
N PHE A 240 43.24 21.14 13.36
CA PHE A 240 44.34 20.34 12.83
C PHE A 240 45.69 20.90 13.28
N ARG A 241 45.91 20.87 14.60
CA ARG A 241 47.14 21.35 15.20
C ARG A 241 48.02 20.17 15.59
N GLY A 242 49.33 20.32 15.35
CA GLY A 242 50.27 19.26 15.63
C GLY A 242 50.42 18.23 14.54
N ILE A 243 49.75 18.39 13.42
CA ILE A 243 49.85 17.44 12.30
C ILE A 243 51.08 17.79 11.48
N SER A 244 51.95 16.79 11.28
CA SER A 244 53.17 16.99 10.50
C SER A 244 53.28 15.96 9.38
N ALA A 245 54.41 15.95 8.68
CA ALA A 245 54.60 15.01 7.58
C ALA A 245 54.72 13.57 8.06
N ASP A 246 55.07 13.35 9.33
CA ASP A 246 55.20 11.99 9.85
C ASP A 246 53.86 11.27 9.92
N HIS A 247 52.74 12.00 9.93
CA HIS A 247 51.43 11.37 9.98
C HIS A 247 51.04 10.74 8.65
N PHE A 248 51.73 11.09 7.56
CA PHE A 248 51.40 10.62 6.23
C PHE A 248 52.52 9.75 5.69
N GLU A 249 52.16 8.77 4.86
CA GLU A 249 53.14 7.88 4.23
C GLU A 249 52.81 7.77 2.75
N ALA A 250 53.61 8.41 1.90
CA ALA A 250 53.39 8.42 0.47
C ALA A 250 54.37 7.47 -0.22
N GLU A 251 53.84 6.56 -1.02
CA GLU A 251 54.65 5.62 -1.79
C GLU A 251 54.19 5.60 -3.24
N VAL A 252 55.00 4.98 -4.09
CA VAL A 252 54.73 4.90 -5.53
C VAL A 252 54.32 3.46 -5.85
N VAL A 253 53.20 3.31 -6.53
CA VAL A 253 52.67 1.99 -6.89
C VAL A 253 52.25 2.02 -8.35
N GLU A 254 52.16 0.83 -8.94
CA GLU A 254 51.73 0.68 -10.34
C GLU A 254 50.31 0.13 -10.34
N ARG A 255 49.37 0.93 -10.84
CA ARG A 255 47.96 0.57 -10.79
C ARG A 255 47.29 0.86 -12.13
N THR A 256 46.15 0.21 -12.35
CA THR A 256 45.36 0.38 -13.55
C THR A 256 43.94 0.78 -13.20
N ASP A 257 43.40 1.75 -13.94
CA ASP A 257 42.03 2.18 -13.70
C ASP A 257 41.04 1.12 -14.16
N VAL A 258 39.96 0.96 -13.40
CA VAL A 258 38.98 -0.08 -13.72
C VAL A 258 38.16 0.27 -14.95
N TYR A 259 37.91 1.56 -15.18
CA TYR A 259 37.03 1.96 -16.27
C TYR A 259 37.70 1.77 -17.63
N TYR A 260 36.95 1.20 -18.57
CA TYR A 260 37.32 1.06 -19.97
C TYR A 260 38.46 0.06 -20.18
N TYR A 261 38.45 -0.60 -21.34
CA TYR A 261 39.41 -1.65 -21.64
C TYR A 261 40.74 -1.11 -22.16
N GLU A 262 40.74 0.08 -22.76
CA GLU A 262 41.95 0.63 -23.36
C GLU A 262 42.84 1.36 -22.37
N THR A 263 42.43 1.45 -21.10
CA THR A 263 43.25 2.15 -20.12
C THR A 263 44.55 1.40 -19.87
N ARG A 264 45.66 2.15 -19.81
CA ARG A 264 46.97 1.57 -19.62
C ARG A 264 47.41 1.71 -18.16
N PRO A 265 48.17 0.74 -17.65
CA PRO A 265 48.68 0.87 -16.28
C PRO A 265 49.59 2.08 -16.14
N ALA A 266 49.53 2.73 -14.98
CA ALA A 266 50.28 3.94 -14.73
C ALA A 266 50.81 3.92 -13.29
N LEU A 267 51.47 5.01 -12.92
CA LEU A 267 52.06 5.17 -11.60
C LEU A 267 51.17 6.07 -10.75
N PHE A 268 50.93 5.66 -9.51
CA PHE A 268 50.06 6.39 -8.59
C PHE A 268 50.77 6.56 -7.26
N TYR A 269 50.43 7.65 -6.58
CA TYR A 269 50.87 7.90 -5.21
C TYR A 269 49.85 7.26 -4.27
N ARG A 270 50.26 6.23 -3.56
CA ARG A 270 49.45 5.63 -2.51
C ARG A 270 49.78 6.34 -1.20
N VAL A 271 48.76 6.94 -0.58
CA VAL A 271 48.94 7.74 0.63
C VAL A 271 48.26 7.00 1.78
N TYR A 272 49.04 6.67 2.79
CA TYR A 272 48.56 6.14 4.05
C TYR A 272 48.37 7.29 5.03
N VAL A 273 47.19 7.38 5.62
CA VAL A 273 46.87 8.38 6.63
C VAL A 273 46.55 7.64 7.93
N ARG A 274 47.04 8.18 9.04
CA ARG A 274 46.93 7.54 10.34
C ARG A 274 45.80 8.13 11.18
N SER A 275 44.70 8.51 10.53
CA SER A 275 43.53 9.04 11.23
C SER A 275 42.31 8.84 10.34
N GLY A 276 41.15 9.19 10.88
CA GLY A 276 39.90 9.01 10.15
C GLY A 276 39.34 10.27 9.54
N ARG A 277 39.33 11.37 10.31
CA ARG A 277 38.81 12.63 9.80
C ARG A 277 39.81 13.32 8.87
N VAL A 278 41.10 13.04 9.03
CA VAL A 278 42.11 13.65 8.17
C VAL A 278 41.92 13.21 6.73
N LEU A 279 41.65 11.92 6.52
CA LEU A 279 41.42 11.41 5.17
C LEU A 279 40.20 12.08 4.54
N SER A 280 39.11 12.22 5.30
CA SER A 280 37.92 12.87 4.78
C SER A 280 38.18 14.33 4.42
N TYR A 281 38.90 15.04 5.29
CA TYR A 281 39.20 16.45 4.99
C TYR A 281 40.10 16.58 3.77
N LEU A 282 41.09 15.69 3.63
CA LEU A 282 41.97 15.75 2.46
C LEU A 282 41.19 15.44 1.18
N CYS A 283 40.31 14.44 1.23
CA CYS A 283 39.52 14.11 0.04
C CYS A 283 38.50 15.19 -0.27
N ASP A 284 38.10 15.97 0.73
CA ASP A 284 37.06 16.98 0.54
C ASP A 284 37.61 18.32 0.09
N ASN A 285 38.58 18.87 0.83
CA ASN A 285 39.04 20.24 0.60
C ASN A 285 40.40 20.34 -0.07
N PHE A 286 41.26 19.35 0.08
CA PHE A 286 42.63 19.44 -0.43
C PHE A 286 42.63 19.15 -1.93
N CYS A 287 42.75 20.21 -2.73
CA CYS A 287 42.88 20.15 -4.18
C CYS A 287 41.79 19.29 -4.80
N PRO A 288 40.54 19.77 -4.86
CA PRO A 288 39.46 18.96 -5.41
C PRO A 288 39.51 18.79 -6.92
N ALA A 289 40.53 19.32 -7.60
CA ALA A 289 40.64 19.21 -9.05
C ALA A 289 41.43 17.99 -9.50
N ILE A 290 41.86 17.14 -8.57
CA ILE A 290 42.66 15.97 -8.87
C ILE A 290 41.84 14.72 -8.56
N LYS A 291 41.81 13.77 -9.48
CA LYS A 291 41.05 12.55 -9.29
C LYS A 291 41.61 11.75 -8.11
N LYS A 292 40.71 11.19 -7.31
CA LYS A 292 41.06 10.38 -6.16
C LYS A 292 40.39 9.01 -6.27
N TYR A 293 41.07 7.99 -5.75
CA TYR A 293 40.62 6.61 -5.86
C TYR A 293 40.48 6.00 -4.48
N GLU A 294 39.34 5.36 -4.23
CA GLU A 294 39.07 4.64 -2.98
C GLU A 294 39.23 5.55 -1.76
N GLY A 295 38.79 6.80 -1.89
CA GLY A 295 38.88 7.75 -0.81
C GLY A 295 37.76 7.69 0.21
N GLY A 296 36.77 6.82 0.02
CA GLY A 296 35.66 6.72 0.95
C GLY A 296 35.62 5.44 1.73
N VAL A 297 36.58 4.54 1.48
CA VAL A 297 36.61 3.25 2.14
C VAL A 297 37.13 3.42 3.56
N ASP A 298 36.39 2.91 4.53
CA ASP A 298 36.75 3.05 5.94
C ASP A 298 37.83 2.03 6.32
N ALA A 299 38.40 2.23 7.51
CA ALA A 299 39.52 1.39 7.96
C ALA A 299 39.07 -0.04 8.24
N THR A 300 37.81 -0.22 8.66
CA THR A 300 37.33 -1.57 8.93
C THR A 300 37.37 -2.44 7.68
N THR A 301 36.94 -1.89 6.54
CA THR A 301 36.99 -2.63 5.29
C THR A 301 38.43 -2.93 4.90
N ARG A 302 39.34 -1.98 5.13
CA ARG A 302 40.74 -2.22 4.83
C ARG A 302 41.29 -3.38 5.67
N PHE A 303 40.96 -3.39 6.96
CA PHE A 303 41.42 -4.49 7.82
C PHE A 303 40.82 -5.82 7.38
N ILE A 304 39.55 -5.82 6.97
CA ILE A 304 38.91 -7.06 6.56
C ILE A 304 39.55 -7.59 5.27
N LEU A 305 39.79 -6.71 4.30
CA LEU A 305 40.21 -7.18 2.98
C LEU A 305 41.71 -7.42 2.90
N ASP A 306 42.51 -6.72 3.72
CA ASP A 306 43.95 -6.93 3.68
C ASP A 306 44.33 -8.34 4.08
N ASN A 307 43.67 -8.88 5.10
CA ASN A 307 43.95 -10.23 5.57
C ASN A 307 42.97 -11.19 4.94
N PRO A 308 43.41 -12.13 4.10
CA PRO A 308 42.46 -13.04 3.44
C PRO A 308 41.76 -13.94 4.44
N GLY A 309 40.50 -14.24 4.14
CA GLY A 309 39.70 -15.14 4.95
C GLY A 309 39.02 -14.53 6.15
N PHE A 310 39.30 -13.26 6.46
CA PHE A 310 38.70 -12.63 7.62
C PHE A 310 37.22 -12.35 7.37
N VAL A 311 36.41 -12.47 8.43
CA VAL A 311 34.98 -12.28 8.35
C VAL A 311 34.54 -11.34 9.47
N THR A 312 33.37 -10.73 9.27
CA THR A 312 32.81 -9.80 10.24
C THR A 312 31.90 -10.47 11.26
N PHE A 313 31.64 -11.77 11.11
CA PHE A 313 30.72 -12.48 12.00
C PHE A 313 31.11 -13.95 11.97
N GLY A 314 31.82 -14.39 13.01
CA GLY A 314 32.26 -15.78 13.04
C GLY A 314 33.34 -15.99 14.09
N TRP A 315 33.89 -17.20 14.08
CA TRP A 315 34.86 -17.60 15.09
C TRP A 315 36.27 -17.17 14.70
N TYR A 316 37.06 -16.82 15.71
CA TYR A 316 38.45 -16.43 15.54
C TYR A 316 39.29 -17.13 16.59
N ARG A 317 40.58 -17.31 16.28
CA ARG A 317 41.51 -17.99 17.16
C ARG A 317 42.76 -17.13 17.34
N LEU A 318 43.24 -17.05 18.57
CA LEU A 318 44.47 -16.32 18.88
C LEU A 318 45.66 -17.24 18.70
N LYS A 319 46.64 -16.79 17.92
CA LYS A 319 47.82 -17.57 17.58
C LYS A 319 49.05 -16.70 17.76
N PRO A 320 50.22 -17.32 17.97
CA PRO A 320 51.46 -16.54 18.05
C PRO A 320 51.74 -15.80 16.76
N GLY A 321 52.33 -14.62 16.90
CA GLY A 321 52.56 -13.74 15.77
C GLY A 321 53.74 -14.15 14.92
N ARG A 322 54.26 -13.19 14.16
CA ARG A 322 55.36 -13.46 13.24
C ARG A 322 56.62 -13.90 13.98
N ASN A 323 57.16 -13.01 14.82
CA ASN A 323 58.39 -13.32 15.56
C ASN A 323 58.08 -13.92 16.93
N ASN A 324 57.22 -14.94 16.94
CA ASN A 324 56.83 -15.65 18.18
C ASN A 324 56.34 -14.67 19.24
N THR A 325 55.55 -13.68 18.82
CA THR A 325 54.95 -12.74 19.73
C THR A 325 53.51 -13.15 20.04
N LEU A 326 53.07 -12.82 21.24
CA LEU A 326 51.77 -13.23 21.74
C LEU A 326 50.95 -12.01 22.13
N ALA A 327 49.63 -12.20 22.16
CA ALA A 327 48.71 -11.12 22.54
C ALA A 327 48.88 -10.79 24.01
N GLN A 328 48.87 -9.49 24.32
CA GLN A 328 49.02 -9.02 25.70
C GLN A 328 47.65 -8.86 26.33
N PRO A 329 47.31 -9.61 27.38
CA PRO A 329 46.11 -9.28 28.16
C PRO A 329 46.21 -7.89 28.76
N ARG A 330 45.10 -7.17 28.76
CA ARG A 330 45.09 -5.80 29.24
C ARG A 330 44.78 -5.78 30.74
N ALA A 331 45.40 -4.83 31.44
CA ALA A 331 45.14 -4.70 32.87
C ALA A 331 43.68 -4.29 33.10
N PRO A 332 43.04 -4.80 34.15
CA PRO A 332 41.63 -4.45 34.38
C PRO A 332 41.39 -2.96 34.55
N MET A 333 42.33 -2.23 35.14
CA MET A 333 42.14 -0.80 35.34
C MET A 333 42.16 -0.02 34.03
N ALA A 334 42.80 -0.55 32.99
CA ALA A 334 42.91 0.12 31.70
C ALA A 334 41.87 -0.35 30.71
N PHE A 335 40.82 -1.06 31.17
CA PHE A 335 39.79 -1.55 30.28
C PHE A 335 39.04 -0.39 29.63
N GLY A 336 38.79 -0.51 28.33
CA GLY A 336 38.08 0.51 27.60
C GLY A 336 36.64 0.17 27.31
N THR A 337 36.25 -1.08 27.59
CA THR A 337 34.89 -1.53 27.34
C THR A 337 34.29 -2.13 28.61
N SER A 338 33.12 -2.77 28.49
CA SER A 338 32.48 -3.45 29.60
C SER A 338 32.63 -4.97 29.51
N SER A 339 33.68 -5.43 28.86
CA SER A 339 33.91 -6.87 28.71
C SER A 339 34.61 -7.42 29.95
N ASP A 340 34.56 -8.74 30.09
CA ASP A 340 35.21 -9.41 31.21
C ASP A 340 36.72 -9.44 31.03
N VAL A 341 37.18 -9.76 29.82
CA VAL A 341 38.61 -9.87 29.53
C VAL A 341 38.89 -9.19 28.19
N GLU A 342 40.00 -8.47 28.11
CA GLU A 342 40.41 -7.77 26.91
C GLU A 342 41.83 -8.16 26.54
N PHE A 343 42.15 -8.01 25.25
CA PHE A 343 43.45 -8.40 24.73
C PHE A 343 43.98 -7.31 23.82
N ASN A 344 45.30 -7.26 23.68
CA ASN A 344 45.98 -6.40 22.74
C ASN A 344 46.81 -7.25 21.80
N CYS A 345 46.62 -7.07 20.50
CA CYS A 345 47.33 -7.87 19.50
C CYS A 345 47.31 -7.12 18.18
N THR A 346 47.85 -7.76 17.15
CA THR A 346 47.88 -7.24 15.78
C THR A 346 47.19 -8.24 14.85
N ALA A 347 47.16 -7.89 13.57
CA ALA A 347 46.53 -8.75 12.58
C ALA A 347 47.25 -10.08 12.40
N ASP A 348 48.52 -10.16 12.79
CA ASP A 348 49.29 -11.40 12.65
C ASP A 348 48.95 -12.43 13.71
N ASN A 349 48.28 -12.03 14.78
CA ASN A 349 47.98 -12.91 15.90
C ASN A 349 46.63 -13.60 15.79
N LEU A 350 45.85 -13.32 14.75
CA LEU A 350 44.50 -13.83 14.61
C LEU A 350 44.41 -14.77 13.42
N ALA A 351 43.64 -15.84 13.58
CA ALA A 351 43.40 -16.81 12.52
C ALA A 351 41.93 -17.18 12.50
N ILE A 352 41.49 -17.75 11.38
CA ILE A 352 40.10 -18.13 11.19
C ILE A 352 39.95 -19.61 11.53
N GLU A 353 39.01 -19.92 12.42
CA GLU A 353 38.75 -21.29 12.84
C GLU A 353 37.50 -21.80 12.11
N GLY A 354 37.69 -22.77 11.22
CA GLY A 354 36.60 -23.35 10.47
C GLY A 354 35.86 -24.47 11.16
N GLY A 355 36.25 -24.84 12.37
CA GLY A 355 35.60 -25.92 13.08
C GLY A 355 34.27 -25.52 13.70
N MET A 356 34.30 -24.54 14.60
CA MET A 356 33.09 -24.09 15.26
C MET A 356 32.19 -23.36 14.29
N SER A 357 30.90 -23.72 14.26
CA SER A 357 29.93 -23.10 13.37
C SER A 357 28.59 -22.89 14.06
N ASP A 358 28.61 -22.65 15.38
CA ASP A 358 27.38 -22.45 16.14
C ASP A 358 27.49 -21.17 16.95
N LEU A 359 26.34 -20.53 17.16
CA LEU A 359 26.32 -19.28 17.90
C LEU A 359 26.62 -19.54 19.38
N PRO A 360 27.31 -18.63 20.06
CA PRO A 360 27.51 -18.78 21.50
C PRO A 360 26.29 -18.33 22.29
N ALA A 361 26.40 -18.31 23.62
CA ALA A 361 25.27 -17.97 24.49
C ALA A 361 25.07 -16.46 24.52
N TYR A 362 24.57 -15.93 23.41
CA TYR A 362 24.24 -14.52 23.33
C TYR A 362 22.92 -14.23 24.06
N LYS A 363 22.67 -12.95 24.32
CA LYS A 363 21.49 -12.52 25.05
C LYS A 363 20.65 -11.61 24.17
N LEU A 364 19.33 -11.80 24.25
CA LEU A 364 18.36 -11.01 23.51
C LEU A 364 17.42 -10.32 24.48
N MET A 365 17.14 -9.05 24.24
CA MET A 365 16.26 -8.26 25.09
C MET A 365 15.10 -7.74 24.24
N CYS A 366 13.92 -8.30 24.45
CA CYS A 366 12.70 -7.82 23.81
C CYS A 366 12.03 -6.83 24.75
N PHE A 367 11.95 -5.57 24.34
CA PHE A 367 11.47 -4.54 25.24
C PHE A 367 10.31 -3.77 24.63
N ASP A 368 9.51 -3.15 25.50
CA ASP A 368 8.39 -2.33 25.09
C ASP A 368 8.12 -1.30 26.18
N ILE A 369 7.59 -0.15 25.79
CA ILE A 369 7.31 0.93 26.74
C ILE A 369 5.88 1.40 26.53
N GLU A 370 5.32 2.00 27.59
CA GLU A 370 3.97 2.56 27.54
C GLU A 370 3.95 3.93 28.19
N CYS A 371 3.14 4.83 27.64
CA CYS A 371 3.07 6.22 28.08
C CYS A 371 1.64 6.61 28.38
N LYS A 372 1.50 7.69 29.14
CA LYS A 372 0.18 8.20 29.54
C LYS A 372 0.25 9.71 29.64
N ALA A 373 -0.64 10.40 28.94
CA ALA A 373 -0.66 11.86 28.99
C ALA A 373 -1.09 12.34 30.37
N GLY A 374 -0.33 13.28 30.92
CA GLY A 374 -0.56 13.75 32.28
C GLY A 374 -1.06 15.18 32.39
N GLY A 375 -1.22 15.86 31.25
CA GLY A 375 -1.68 17.22 31.23
C GLY A 375 -3.17 17.32 30.95
N GLU A 376 -3.59 18.50 30.50
CA GLU A 376 -4.97 18.69 30.10
C GLU A 376 -5.28 17.88 28.86
N ASP A 377 -6.55 17.48 28.72
CA ASP A 377 -7.01 16.64 27.62
C ASP A 377 -6.22 15.32 27.59
N GLU A 378 -6.43 14.54 28.66
CA GLU A 378 -5.67 13.31 28.86
C GLU A 378 -5.85 12.31 27.72
N LEU A 379 -6.92 12.44 26.93
CA LEU A 379 -7.10 11.55 25.79
C LEU A 379 -6.13 11.84 24.64
N ALA A 380 -5.39 12.94 24.71
CA ALA A 380 -4.42 13.25 23.68
C ALA A 380 -3.21 12.33 23.77
N PHE A 381 -2.55 12.14 22.64
CA PHE A 381 -1.38 11.27 22.60
C PHE A 381 -0.22 11.92 23.36
N PRO A 382 0.59 11.14 24.07
CA PRO A 382 1.72 11.71 24.81
C PRO A 382 2.75 12.32 23.88
N VAL A 383 3.42 13.35 24.38
CA VAL A 383 4.48 14.05 23.66
C VAL A 383 5.76 13.95 24.48
N ALA A 384 6.84 13.54 23.83
CA ALA A 384 8.11 13.37 24.53
C ALA A 384 8.63 14.68 25.10
N GLY A 385 8.45 15.78 24.36
CA GLY A 385 8.94 17.06 24.83
C GLY A 385 8.20 17.58 26.04
N HIS A 386 6.96 17.14 26.24
CA HIS A 386 6.18 17.61 27.37
C HIS A 386 6.62 16.90 28.65
N PRO A 387 7.08 17.63 29.67
CA PRO A 387 7.47 16.96 30.93
C PRO A 387 6.33 16.24 31.61
N GLU A 388 5.09 16.73 31.46
CA GLU A 388 3.96 16.10 32.14
C GLU A 388 3.68 14.69 31.63
N ASP A 389 3.91 14.45 30.34
CA ASP A 389 3.78 13.10 29.81
C ASP A 389 4.89 12.21 30.35
N LEU A 390 4.53 10.99 30.74
CA LEU A 390 5.44 10.09 31.42
C LEU A 390 5.37 8.70 30.81
N VAL A 391 6.44 7.93 31.01
CA VAL A 391 6.47 6.52 30.67
C VAL A 391 6.08 5.76 31.94
N ILE A 392 4.84 5.27 31.98
CA ILE A 392 4.34 4.63 33.19
C ILE A 392 4.95 3.24 33.37
N GLN A 393 5.14 2.50 32.28
CA GLN A 393 5.57 1.11 32.39
C GLN A 393 6.55 0.76 31.28
N ILE A 394 7.43 -0.19 31.58
CA ILE A 394 8.35 -0.79 30.63
C ILE A 394 8.36 -2.29 30.87
N SER A 395 8.29 -3.07 29.80
CA SER A 395 8.36 -4.53 29.88
C SER A 395 9.63 -4.99 29.17
N CYS A 396 10.39 -5.88 29.81
CA CYS A 396 11.66 -6.36 29.27
C CYS A 396 11.75 -7.86 29.47
N LEU A 397 11.86 -8.59 28.36
CA LEU A 397 11.98 -10.04 28.40
C LEU A 397 13.38 -10.41 27.90
N LEU A 398 14.14 -11.14 28.72
CA LEU A 398 15.51 -11.51 28.41
C LEU A 398 15.55 -12.99 28.04
N TYR A 399 15.93 -13.26 26.79
CA TYR A 399 16.09 -14.59 26.23
C TYR A 399 17.57 -14.89 26.02
N ASP A 400 17.87 -16.18 25.89
CA ASP A 400 19.20 -16.65 25.53
C ASP A 400 19.17 -17.12 24.08
N LEU A 401 20.06 -16.57 23.25
CA LEU A 401 20.08 -16.91 21.83
C LEU A 401 20.94 -18.14 21.55
N SER A 402 20.70 -19.21 22.31
CA SER A 402 21.28 -20.51 22.01
C SER A 402 20.29 -21.65 22.13
N THR A 403 19.21 -21.50 22.89
CA THR A 403 18.17 -22.52 23.00
C THR A 403 16.77 -21.97 22.83
N THR A 404 16.63 -20.67 22.54
CA THR A 404 15.33 -20.03 22.32
C THR A 404 14.41 -20.24 23.52
N ALA A 405 14.95 -20.05 24.73
CA ALA A 405 14.21 -20.30 25.96
C ALA A 405 14.14 -19.03 26.80
N LEU A 406 12.99 -18.84 27.45
CA LEU A 406 12.83 -17.71 28.36
C LEU A 406 13.83 -17.81 29.51
N GLU A 407 14.45 -16.68 29.82
CA GLU A 407 15.36 -16.60 30.96
C GLU A 407 14.86 -15.65 32.04
N HIS A 408 14.45 -14.43 31.67
CA HIS A 408 14.01 -13.47 32.67
C HIS A 408 12.87 -12.63 32.13
N VAL A 409 12.00 -12.21 33.04
CA VAL A 409 10.90 -11.30 32.75
C VAL A 409 10.92 -10.19 33.78
N LEU A 410 10.89 -8.93 33.30
CA LEU A 410 10.93 -7.78 34.18
C LEU A 410 9.88 -6.77 33.75
N LEU A 411 9.26 -6.12 34.73
CA LEU A 411 8.22 -5.13 34.48
C LEU A 411 8.49 -3.91 35.36
N PHE A 412 9.18 -2.92 34.80
CA PHE A 412 9.34 -1.65 35.49
C PHE A 412 8.02 -0.89 35.49
N SER A 413 7.57 -0.46 36.66
CA SER A 413 6.32 0.27 36.80
C SER A 413 6.53 1.48 37.69
N LEU A 414 5.92 2.60 37.34
CA LEU A 414 6.01 3.82 38.14
C LEU A 414 4.83 3.80 39.12
N GLY A 415 5.06 3.31 40.32
CA GLY A 415 4.02 3.12 41.29
C GLY A 415 3.73 1.64 41.53
N SER A 416 2.89 1.39 42.54
CA SER A 416 2.55 0.02 42.90
C SER A 416 1.80 -0.68 41.77
N CYS A 417 2.10 -1.95 41.57
CA CYS A 417 1.49 -2.72 40.50
C CYS A 417 1.40 -4.18 40.94
N ASP A 418 0.18 -4.64 41.21
CA ASP A 418 -0.07 -6.03 41.61
C ASP A 418 -0.68 -6.76 40.42
N LEU A 419 0.08 -7.67 39.84
CA LEU A 419 -0.38 -8.40 38.68
C LEU A 419 -1.52 -9.34 39.07
N PRO A 420 -2.53 -9.51 38.20
CA PRO A 420 -3.63 -10.41 38.52
C PRO A 420 -3.16 -11.85 38.64
N GLU A 421 -3.85 -12.62 39.50
CA GLU A 421 -3.49 -14.02 39.70
C GLU A 421 -3.74 -14.86 38.47
N SER A 422 -4.69 -14.46 37.62
CA SER A 422 -4.98 -15.23 36.41
C SER A 422 -3.78 -15.24 35.47
N HIS A 423 -3.12 -14.08 35.30
CA HIS A 423 -1.93 -14.01 34.45
C HIS A 423 -0.81 -14.86 35.00
N LEU A 424 -0.61 -14.82 36.33
CA LEU A 424 0.43 -15.64 36.94
C LEU A 424 0.16 -17.12 36.75
N ASN A 425 -1.11 -17.54 36.92
CA ASN A 425 -1.47 -18.94 36.70
C ASN A 425 -1.24 -19.35 35.25
N GLU A 426 -1.62 -18.49 34.31
CA GLU A 426 -1.42 -18.79 32.89
C GLU A 426 0.06 -18.93 32.57
N LEU A 427 0.89 -18.03 33.10
CA LEU A 427 2.33 -18.10 32.85
C LEU A 427 2.93 -19.36 33.48
N ALA A 428 2.49 -19.71 34.69
CA ALA A 428 3.01 -20.91 35.34
C ALA A 428 2.55 -22.18 34.64
N ALA A 429 1.40 -22.14 33.97
CA ALA A 429 0.91 -23.32 33.25
C ALA A 429 1.83 -23.70 32.11
N ARG A 430 2.48 -22.72 31.48
CA ARG A 430 3.38 -22.97 30.36
C ARG A 430 4.84 -23.10 30.78
N GLY A 431 5.14 -23.00 32.07
CA GLY A 431 6.49 -23.13 32.56
C GLY A 431 7.34 -21.87 32.44
N LEU A 432 6.75 -20.74 32.07
CA LEU A 432 7.50 -19.51 31.95
C LEU A 432 7.90 -19.00 33.33
N PRO A 433 9.02 -18.29 33.42
CA PRO A 433 9.47 -17.79 34.73
C PRO A 433 8.50 -16.78 35.33
N THR A 434 8.49 -16.74 36.66
CA THR A 434 7.62 -15.81 37.38
C THR A 434 8.10 -14.38 37.16
N PRO A 435 7.22 -13.45 36.78
CA PRO A 435 7.64 -12.07 36.54
C PRO A 435 8.13 -11.39 37.81
N VAL A 436 9.02 -10.41 37.62
CA VAL A 436 9.54 -9.57 38.69
C VAL A 436 9.11 -8.14 38.42
N VAL A 437 8.46 -7.53 39.39
CA VAL A 437 7.92 -6.18 39.26
C VAL A 437 8.72 -5.25 40.15
N LEU A 438 9.26 -4.18 39.56
CA LEU A 438 10.02 -3.17 40.29
C LEU A 438 9.23 -1.87 40.31
N GLU A 439 9.00 -1.35 41.50
CA GLU A 439 8.23 -0.13 41.69
C GLU A 439 9.16 1.05 41.93
N PHE A 440 8.79 2.21 41.38
CA PHE A 440 9.60 3.41 41.46
C PHE A 440 8.76 4.58 41.90
N ASP A 441 9.42 5.55 42.56
CA ASP A 441 8.74 6.75 43.04
C ASP A 441 8.63 7.82 41.96
N SER A 442 9.61 7.90 41.06
CA SER A 442 9.62 8.89 40.00
C SER A 442 9.98 8.22 38.67
N GLU A 443 9.83 8.97 37.58
CA GLU A 443 10.14 8.43 36.27
C GLU A 443 11.65 8.37 36.03
N PHE A 444 12.40 9.33 36.57
CA PHE A 444 13.84 9.34 36.36
C PHE A 444 14.48 8.10 36.97
N GLU A 445 14.01 7.68 38.15
CA GLU A 445 14.55 6.48 38.77
C GLU A 445 14.32 5.25 37.89
N MET A 446 13.12 5.14 37.31
CA MET A 446 12.82 4.01 36.43
C MET A 446 13.68 4.03 35.19
N LEU A 447 13.84 5.21 34.56
CA LEU A 447 14.67 5.31 33.37
C LEU A 447 16.12 4.98 33.68
N LEU A 448 16.63 5.48 34.81
CA LEU A 448 18.01 5.19 35.21
C LEU A 448 18.19 3.71 35.50
N ALA A 449 17.19 3.07 36.12
CA ALA A 449 17.28 1.63 36.36
C ALA A 449 17.28 0.85 35.06
N PHE A 450 16.45 1.27 34.09
CA PHE A 450 16.46 0.59 32.79
C PHE A 450 17.80 0.74 32.09
N MET A 451 18.36 1.94 32.10
CA MET A 451 19.67 2.15 31.48
C MET A 451 20.76 1.38 32.19
N THR A 452 20.69 1.31 33.53
CA THR A 452 21.67 0.54 34.29
C THR A 452 21.56 -0.95 33.97
N LEU A 453 20.34 -1.46 33.84
CA LEU A 453 20.17 -2.86 33.43
C LEU A 453 20.74 -3.11 32.05
N VAL A 454 20.50 -2.18 31.11
CA VAL A 454 21.05 -2.33 29.77
C VAL A 454 22.58 -2.35 29.81
N LYS A 455 23.17 -1.46 30.60
CA LYS A 455 24.63 -1.39 30.67
C LYS A 455 25.22 -2.63 31.34
N GLN A 456 24.57 -3.13 32.39
CA GLN A 456 25.12 -4.23 33.17
C GLN A 456 24.91 -5.58 32.49
N TYR A 457 23.65 -5.92 32.19
CA TYR A 457 23.37 -7.18 31.51
C TYR A 457 24.00 -7.19 30.12
N GLY A 458 23.93 -6.06 29.41
CA GLY A 458 24.54 -5.92 28.11
C GLY A 458 23.97 -6.88 27.09
N PRO A 459 22.71 -6.67 26.70
CA PRO A 459 22.10 -7.55 25.69
C PRO A 459 22.76 -7.35 24.33
N GLU A 460 23.36 -8.42 23.82
CA GLU A 460 24.02 -8.33 22.52
C GLU A 460 23.01 -8.08 21.40
N PHE A 461 21.80 -8.61 21.53
CA PHE A 461 20.73 -8.38 20.57
C PHE A 461 19.54 -7.75 21.29
N VAL A 462 18.93 -6.75 20.64
CA VAL A 462 17.79 -6.03 21.21
C VAL A 462 16.68 -6.00 20.16
N THR A 463 15.44 -6.15 20.61
CA THR A 463 14.32 -6.24 19.69
C THR A 463 13.05 -5.74 20.36
N GLY A 464 12.01 -5.63 19.55
CA GLY A 464 10.72 -5.13 20.00
C GLY A 464 9.80 -4.97 18.81
N TYR A 465 8.79 -4.13 18.97
CA TYR A 465 7.88 -3.81 17.88
C TYR A 465 7.75 -2.30 17.79
N ASN A 466 8.03 -1.75 16.60
CA ASN A 466 7.97 -0.31 16.36
C ASN A 466 8.86 0.46 17.34
N ILE A 467 10.04 -0.11 17.63
CA ILE A 467 10.93 0.52 18.60
C ILE A 467 11.74 1.64 17.95
N ILE A 468 12.05 1.53 16.65
CA ILE A 468 12.85 2.55 15.98
C ILE A 468 12.08 3.86 15.89
N ASN A 469 10.77 3.79 15.69
CA ASN A 469 9.98 5.00 15.46
C ASN A 469 9.39 5.59 16.74
N PHE A 470 8.98 4.74 17.70
CA PHE A 470 8.25 5.21 18.87
C PHE A 470 9.03 5.02 20.17
N ASP A 471 9.46 3.80 20.48
CA ASP A 471 10.02 3.52 21.81
C ASP A 471 11.37 4.21 21.99
N TRP A 472 12.34 3.87 21.15
CA TRP A 472 13.68 4.43 21.31
C TRP A 472 13.72 5.95 21.20
N PRO A 473 13.08 6.59 20.21
CA PRO A 473 13.09 8.07 20.20
C PRO A 473 12.47 8.68 21.45
N PHE A 474 11.39 8.08 21.96
CA PHE A 474 10.75 8.60 23.16
C PHE A 474 11.70 8.51 24.35
N LEU A 475 12.32 7.35 24.54
CA LEU A 475 13.24 7.17 25.66
C LEU A 475 14.44 8.12 25.55
N LEU A 476 14.99 8.24 24.34
CA LEU A 476 16.15 9.11 24.16
C LEU A 476 15.79 10.57 24.40
N ALA A 477 14.65 11.02 23.89
CA ALA A 477 14.23 12.40 24.11
C ALA A 477 14.01 12.67 25.59
N LYS A 478 13.37 11.74 26.31
CA LYS A 478 13.15 11.94 27.73
C LYS A 478 14.47 11.96 28.49
N LEU A 479 15.42 11.10 28.11
CA LEU A 479 16.68 11.03 28.83
C LEU A 479 17.58 12.23 28.56
N THR A 480 17.54 12.77 27.34
CA THR A 480 18.46 13.84 26.96
C THR A 480 17.86 15.23 27.13
N ASP A 481 16.69 15.49 26.54
CA ASP A 481 16.15 16.84 26.53
C ASP A 481 15.67 17.27 27.91
N ILE A 482 15.28 16.33 28.77
CA ILE A 482 14.70 16.68 30.07
C ILE A 482 15.73 16.52 31.18
N TYR A 483 16.25 15.31 31.34
CA TYR A 483 17.13 15.00 32.46
C TYR A 483 18.61 15.26 32.16
N LYS A 484 18.96 15.54 30.90
CA LYS A 484 20.33 15.88 30.51
C LYS A 484 21.32 14.79 30.94
N VAL A 485 21.12 13.60 30.40
CA VAL A 485 21.95 12.43 30.70
C VAL A 485 22.84 12.15 29.50
N PRO A 486 24.15 11.96 29.69
CA PRO A 486 25.03 11.57 28.58
C PRO A 486 24.95 10.06 28.34
N LEU A 487 24.44 9.67 27.17
CA LEU A 487 24.29 8.28 26.80
C LEU A 487 25.38 7.80 25.83
N ASP A 488 26.48 8.55 25.73
CA ASP A 488 27.56 8.13 24.84
C ASP A 488 28.21 6.84 25.32
N GLY A 489 28.36 6.67 26.63
CA GLY A 489 29.01 5.50 27.18
C GLY A 489 28.08 4.43 27.70
N TYR A 490 26.82 4.47 27.29
CA TYR A 490 25.82 3.51 27.74
C TYR A 490 25.68 2.30 26.83
N GLY A 491 26.52 2.19 25.81
CA GLY A 491 26.51 1.02 24.95
C GLY A 491 27.41 -0.06 25.51
N ARG A 492 28.41 -0.47 24.72
CA ARG A 492 29.44 -1.38 25.23
C ARG A 492 30.74 -0.67 25.55
N MET A 493 31.10 0.37 24.81
CA MET A 493 32.25 1.18 25.16
C MET A 493 31.97 1.97 26.43
N ASN A 494 33.00 2.16 27.26
CA ASN A 494 32.84 2.86 28.51
C ASN A 494 32.65 4.37 28.32
N GLY A 495 32.88 4.89 27.13
CA GLY A 495 32.68 6.30 26.88
C GLY A 495 33.01 6.65 25.45
N ARG A 496 32.53 7.81 25.03
CA ARG A 496 32.76 8.34 23.68
C ARG A 496 32.32 7.34 22.61
N GLY A 497 31.17 6.72 22.84
CA GLY A 497 30.60 5.77 21.90
C GLY A 497 29.58 6.41 20.96
N VAL A 498 28.83 5.55 20.29
CA VAL A 498 27.79 5.97 19.36
C VAL A 498 26.45 5.49 19.91
N PHE A 499 25.52 6.43 20.09
CA PHE A 499 24.18 6.12 20.61
C PHE A 499 23.23 7.14 19.99
N ARG A 500 22.61 6.77 18.87
CA ARG A 500 21.84 7.76 18.13
C ARG A 500 20.77 7.06 17.29
N VAL A 501 19.78 7.85 16.88
CA VAL A 501 18.70 7.40 16.01
C VAL A 501 18.54 8.42 14.89
N TRP A 502 18.47 7.93 13.64
CA TRP A 502 18.22 8.74 12.47
C TRP A 502 16.83 8.42 11.93
N ASP A 503 16.11 9.44 11.50
CA ASP A 503 14.81 9.28 10.87
C ASP A 503 14.86 9.75 9.42
N ILE A 504 13.78 9.48 8.70
CA ILE A 504 13.69 9.92 7.31
C ILE A 504 13.49 11.42 7.23
N GLY A 505 12.38 11.91 7.79
CA GLY A 505 12.15 13.34 7.82
C GLY A 505 11.92 13.92 6.44
N GLN A 506 12.25 15.20 6.29
CA GLN A 506 12.09 15.89 5.01
C GLN A 506 13.19 15.51 4.03
N SER A 507 14.40 15.27 4.53
CA SER A 507 15.54 14.97 3.69
C SER A 507 15.31 13.71 2.86
N HIS A 508 15.58 13.81 1.55
CA HIS A 508 15.42 12.68 0.66
C HIS A 508 16.68 11.80 0.59
N PHE A 509 17.75 12.20 1.27
CA PHE A 509 18.99 11.42 1.25
C PHE A 509 18.76 10.04 1.85
N GLN A 510 18.03 9.98 2.97
CA GLN A 510 17.73 8.73 3.62
C GLN A 510 16.36 8.22 3.18
N LYS A 511 16.22 6.89 3.18
CA LYS A 511 14.91 6.29 2.96
C LYS A 511 14.44 5.44 4.11
N ARG A 512 15.30 5.13 5.07
CA ARG A 512 14.98 4.24 6.17
C ARG A 512 15.42 4.87 7.48
N SER A 513 14.62 4.63 8.53
CA SER A 513 14.98 5.03 9.89
C SER A 513 15.94 4.01 10.47
N LYS A 514 17.01 4.51 11.08
CA LYS A 514 18.09 3.68 11.57
C LYS A 514 18.38 4.02 13.02
N ILE A 515 18.99 3.07 13.73
CA ILE A 515 19.48 3.29 15.09
C ILE A 515 20.87 2.70 15.19
N LYS A 516 21.81 3.49 15.71
CA LYS A 516 23.20 3.07 15.87
C LYS A 516 23.55 3.05 17.34
N VAL A 517 23.88 1.88 17.85
CA VAL A 517 24.42 1.68 19.19
C VAL A 517 25.63 0.77 19.09
N ASN A 518 26.73 1.16 19.73
CA ASN A 518 27.95 0.38 19.64
C ASN A 518 27.81 -0.94 20.41
N GLY A 519 28.15 -2.04 19.74
CA GLY A 519 28.06 -3.35 20.36
C GLY A 519 26.65 -3.74 20.75
N MET A 520 25.67 -3.43 19.91
CA MET A 520 24.26 -3.70 20.24
C MET A 520 23.48 -3.74 18.93
N VAL A 521 23.04 -4.94 18.54
CA VAL A 521 22.33 -5.13 17.28
C VAL A 521 20.84 -4.98 17.56
N ASN A 522 20.24 -3.91 17.05
CA ASN A 522 18.81 -3.64 17.19
C ASN A 522 18.08 -4.17 15.96
N ILE A 523 17.11 -5.05 16.18
CA ILE A 523 16.34 -5.67 15.10
C ILE A 523 14.87 -5.40 15.38
N ASP A 524 14.33 -4.34 14.79
CA ASP A 524 12.91 -4.05 14.90
C ASP A 524 12.12 -5.08 14.08
N MET A 525 11.10 -5.66 14.71
CA MET A 525 10.31 -6.68 14.02
C MET A 525 9.29 -6.11 13.05
N TYR A 526 8.99 -4.80 13.16
CA TYR A 526 8.07 -4.19 12.21
C TYR A 526 8.63 -4.25 10.79
N GLY A 527 9.91 -3.92 10.64
CA GLY A 527 10.53 -3.99 9.32
C GLY A 527 10.60 -5.41 8.79
N ILE A 528 10.89 -6.37 9.66
CA ILE A 528 10.96 -7.78 9.23
C ILE A 528 9.59 -8.24 8.77
N ILE A 529 8.53 -7.92 9.52
CA ILE A 529 7.18 -8.34 9.14
C ILE A 529 6.76 -7.63 7.85
N THR A 530 7.19 -6.38 7.67
CA THR A 530 6.73 -5.59 6.52
C THR A 530 7.11 -6.24 5.19
N ASP A 531 8.27 -6.88 5.12
CA ASP A 531 8.75 -7.47 3.87
C ASP A 531 8.77 -8.98 3.91
N LYS A 532 7.84 -9.59 4.64
CA LYS A 532 7.72 -11.05 4.66
C LYS A 532 6.29 -11.49 4.37
N ILE A 533 5.31 -10.68 4.78
CA ILE A 533 3.90 -10.98 4.55
C ILE A 533 3.23 -9.72 4.03
N LYS A 534 2.11 -9.93 3.33
CA LYS A 534 1.35 -8.85 2.70
C LYS A 534 0.03 -8.70 3.45
N LEU A 535 -0.11 -7.59 4.19
CA LEU A 535 -1.34 -7.29 4.91
C LEU A 535 -1.68 -5.82 4.73
N SER A 536 -2.98 -5.53 4.70
CA SER A 536 -3.43 -4.15 4.56
C SER A 536 -3.02 -3.32 5.76
N SER A 537 -3.16 -3.87 6.97
CA SER A 537 -2.77 -3.20 8.20
C SER A 537 -1.70 -4.04 8.89
N TYR A 538 -0.61 -3.37 9.29
CA TYR A 538 0.51 -4.04 9.95
C TYR A 538 0.51 -3.81 11.45
N LYS A 539 -0.66 -3.62 12.05
CA LYS A 539 -0.75 -3.49 13.49
C LYS A 539 -0.44 -4.82 14.17
N LEU A 540 -0.10 -4.74 15.46
CA LEU A 540 0.32 -5.93 16.20
C LEU A 540 -0.80 -6.96 16.25
N ASN A 541 -2.04 -6.53 16.50
CA ASN A 541 -3.15 -7.46 16.57
C ASN A 541 -3.39 -8.16 15.24
N ALA A 542 -3.30 -7.41 14.14
CA ALA A 542 -3.57 -7.98 12.83
C ALA A 542 -2.53 -9.05 12.48
N VAL A 543 -1.24 -8.74 12.66
CA VAL A 543 -0.21 -9.72 12.34
C VAL A 543 -0.27 -10.90 13.29
N ALA A 544 -0.59 -10.65 14.56
CA ALA A 544 -0.70 -11.74 15.52
C ALA A 544 -1.81 -12.70 15.14
N GLU A 545 -2.95 -12.17 14.68
CA GLU A 545 -4.02 -13.03 14.20
C GLU A 545 -3.71 -13.65 12.85
N ALA A 546 -2.81 -13.04 12.07
CA ALA A 546 -2.52 -13.55 10.74
C ALA A 546 -1.54 -14.71 10.77
N VAL A 547 -0.33 -14.47 11.26
CA VAL A 547 0.71 -15.50 11.18
C VAL A 547 0.66 -16.45 12.38
N LEU A 548 0.50 -15.91 13.60
CA LEU A 548 0.43 -16.76 14.78
C LEU A 548 -0.95 -17.36 14.98
N LYS A 549 -1.97 -16.82 14.32
CA LYS A 549 -3.36 -17.26 14.48
C LYS A 549 -3.81 -17.18 15.93
N ASP A 550 -3.29 -16.20 16.66
CA ASP A 550 -3.58 -16.02 18.08
C ASP A 550 -4.37 -14.72 18.25
N LYS A 551 -5.66 -14.85 18.51
CA LYS A 551 -6.50 -13.68 18.78
C LYS A 551 -6.16 -13.13 20.17
N LYS A 552 -5.51 -11.98 20.20
CA LYS A 552 -5.02 -11.39 21.44
C LYS A 552 -5.79 -10.12 21.76
N LYS A 553 -6.02 -9.90 23.05
CA LYS A 553 -6.71 -8.70 23.51
C LYS A 553 -5.81 -7.48 23.34
N ASP A 554 -6.43 -6.32 23.26
CA ASP A 554 -5.72 -5.07 23.04
C ASP A 554 -6.24 -4.00 24.00
N LEU A 555 -5.39 -3.01 24.26
CA LEU A 555 -5.74 -1.90 25.15
C LEU A 555 -5.27 -0.61 24.49
N SER A 556 -6.20 0.27 24.18
CA SER A 556 -5.88 1.53 23.52
C SER A 556 -5.28 2.50 24.53
N TYR A 557 -4.97 3.71 24.06
CA TYR A 557 -4.41 4.76 24.90
C TYR A 557 -5.47 5.70 25.47
N ARG A 558 -6.75 5.47 25.16
CA ARG A 558 -7.82 6.33 25.65
C ARG A 558 -8.38 5.87 27.00
N ASP A 559 -8.11 4.63 27.40
CA ASP A 559 -8.54 4.13 28.69
C ASP A 559 -7.38 3.92 29.65
N ILE A 560 -6.14 4.16 29.21
CA ILE A 560 -4.99 4.02 30.10
C ILE A 560 -5.05 5.00 31.27
N PRO A 561 -5.33 6.30 31.07
CA PRO A 561 -5.38 7.21 32.23
C PRO A 561 -6.40 6.80 33.30
N ALA A 562 -7.57 6.31 32.89
CA ALA A 562 -8.57 5.87 33.87
C ALA A 562 -8.05 4.68 34.67
N TYR A 563 -7.43 3.72 34.00
CA TYR A 563 -6.85 2.58 34.70
C TYR A 563 -5.76 3.02 35.66
N TYR A 564 -4.89 3.93 35.22
CA TYR A 564 -3.79 4.38 36.07
C TYR A 564 -4.30 5.11 37.30
N ALA A 565 -5.34 5.93 37.14
CA ALA A 565 -5.91 6.65 38.27
C ALA A 565 -6.85 5.81 39.11
N ALA A 566 -7.21 4.60 38.64
CA ALA A 566 -8.15 3.77 39.39
C ALA A 566 -7.49 3.12 40.60
N GLY A 567 -6.50 2.27 40.37
CA GLY A 567 -5.83 1.57 41.45
C GLY A 567 -4.77 0.60 41.00
N PRO A 568 -4.09 -0.03 41.96
CA PRO A 568 -3.01 -0.98 41.61
C PRO A 568 -3.47 -2.17 40.79
N ALA A 569 -4.72 -2.62 40.96
CA ALA A 569 -5.19 -3.75 40.17
C ALA A 569 -5.22 -3.43 38.68
N GLN A 570 -5.66 -2.21 38.33
CA GLN A 570 -5.66 -1.81 36.93
C GLN A 570 -4.24 -1.69 36.39
N ARG A 571 -3.31 -1.24 37.22
CA ARG A 571 -1.90 -1.25 36.81
C ARG A 571 -1.40 -2.66 36.56
N GLY A 572 -1.82 -3.62 37.38
CA GLY A 572 -1.47 -5.00 37.13
C GLY A 572 -2.07 -5.52 35.83
N VAL A 573 -3.31 -5.10 35.52
CA VAL A 573 -3.92 -5.48 34.26
C VAL A 573 -3.13 -4.92 33.07
N ILE A 574 -2.71 -3.66 33.19
CA ILE A 574 -1.89 -3.06 32.14
C ILE A 574 -0.58 -3.83 31.99
N GLY A 575 0.06 -4.16 33.11
CA GLY A 575 1.29 -4.93 33.05
C GLY A 575 1.11 -6.28 32.40
N GLU A 576 -0.03 -6.94 32.69
CA GLU A 576 -0.33 -8.21 32.04
C GLU A 576 -0.44 -8.04 30.53
N TYR A 577 -1.15 -7.00 30.08
CA TYR A 577 -1.27 -6.76 28.64
C TYR A 577 0.10 -6.50 28.01
N CYS A 578 0.94 -5.72 28.71
CA CYS A 578 2.25 -5.39 28.16
C CYS A 578 3.15 -6.62 28.09
N ILE A 579 3.08 -7.49 29.10
CA ILE A 579 3.86 -8.72 29.09
C ILE A 579 3.39 -9.64 27.97
N GLN A 580 2.08 -9.68 27.72
CA GLN A 580 1.57 -10.44 26.58
C GLN A 580 2.08 -9.88 25.27
N ASP A 581 2.14 -8.55 25.16
CA ASP A 581 2.69 -7.91 23.97
C ASP A 581 4.15 -8.33 23.75
N SER A 582 4.96 -8.26 24.80
CA SER A 582 6.36 -8.63 24.68
C SER A 582 6.51 -10.11 24.33
N LEU A 583 5.67 -10.96 24.92
CA LEU A 583 5.72 -12.38 24.59
C LEU A 583 5.38 -12.63 23.13
N LEU A 584 4.38 -11.92 22.61
CA LEU A 584 4.04 -12.06 21.20
C LEU A 584 5.18 -11.61 20.30
N VAL A 585 5.83 -10.49 20.66
CA VAL A 585 6.96 -10.01 19.87
C VAL A 585 8.10 -11.02 19.87
N GLY A 586 8.39 -11.60 21.04
CA GLY A 586 9.41 -12.62 21.11
C GLY A 586 9.05 -13.86 20.31
N GLN A 587 7.77 -14.24 20.33
CA GLN A 587 7.33 -15.37 19.53
C GLN A 587 7.56 -15.12 18.04
N LEU A 588 7.22 -13.92 17.58
CA LEU A 588 7.47 -13.58 16.18
C LEU A 588 8.97 -13.60 15.87
N PHE A 589 9.78 -13.05 16.77
CA PHE A 589 11.22 -13.00 16.55
C PHE A 589 11.81 -14.39 16.41
N PHE A 590 11.41 -15.31 17.29
CA PHE A 590 11.94 -16.67 17.23
C PHE A 590 11.26 -17.53 16.18
N LYS A 591 10.11 -17.10 15.66
CA LYS A 591 9.51 -17.79 14.52
C LYS A 591 10.22 -17.44 13.22
N PHE A 592 10.64 -16.17 13.07
CA PHE A 592 11.27 -15.75 11.82
C PHE A 592 12.79 -15.84 11.86
N LEU A 593 13.41 -15.57 13.00
CA LEU A 593 14.86 -15.65 13.19
C LEU A 593 15.59 -14.80 12.16
N PRO A 594 15.51 -13.47 12.24
CA PRO A 594 16.21 -12.65 11.24
C PRO A 594 17.71 -12.61 11.42
N HIS A 595 18.20 -12.87 12.65
CA HIS A 595 19.63 -12.69 12.93
C HIS A 595 20.47 -13.66 12.10
N LEU A 596 20.00 -14.89 11.91
CA LEU A 596 20.77 -15.86 11.13
C LEU A 596 20.93 -15.40 9.69
N GLU A 597 19.83 -14.97 9.06
CA GLU A 597 19.90 -14.52 7.67
C GLU A 597 20.77 -13.28 7.54
N LEU A 598 20.61 -12.32 8.44
CA LEU A 598 21.40 -11.10 8.37
C LEU A 598 22.89 -11.39 8.59
N SER A 599 23.20 -12.31 9.50
CA SER A 599 24.59 -12.68 9.74
C SER A 599 25.18 -13.39 8.52
N ALA A 600 24.41 -14.26 7.87
CA ALA A 600 24.91 -14.92 6.67
C ALA A 600 25.19 -13.92 5.57
N VAL A 601 24.28 -12.96 5.37
CA VAL A 601 24.49 -11.95 4.33
C VAL A 601 25.70 -11.09 4.67
N ALA A 602 25.85 -10.70 5.94
CA ALA A 602 27.00 -9.89 6.34
C ALA A 602 28.31 -10.64 6.15
N ARG A 603 28.33 -11.93 6.47
CA ARG A 603 29.54 -12.73 6.29
C ARG A 603 29.89 -12.85 4.81
N LEU A 604 28.88 -13.09 3.96
CA LEU A 604 29.17 -13.26 2.53
C LEU A 604 29.60 -11.94 1.90
N ALA A 605 29.00 -10.82 2.32
CA ALA A 605 29.33 -9.53 1.72
C ALA A 605 30.69 -9.03 2.18
N GLY A 606 30.85 -8.84 3.49
CA GLY A 606 32.10 -8.33 4.03
C GLY A 606 31.94 -7.05 4.82
N ILE A 607 30.73 -6.83 5.35
CA ILE A 607 30.43 -5.65 6.14
C ILE A 607 29.81 -6.10 7.46
N ASN A 608 29.60 -5.15 8.36
CA ASN A 608 29.01 -5.43 9.65
C ASN A 608 27.54 -5.83 9.50
N ILE A 609 27.02 -6.48 10.54
CA ILE A 609 25.61 -6.86 10.52
C ILE A 609 24.73 -5.62 10.60
N THR A 610 25.16 -4.60 11.34
CA THR A 610 24.40 -3.36 11.41
C THR A 610 24.31 -2.69 10.05
N ARG A 611 25.43 -2.64 9.33
CA ARG A 611 25.42 -2.07 7.98
C ARG A 611 24.64 -2.93 7.01
N THR A 612 24.63 -4.25 7.22
CA THR A 612 23.78 -5.12 6.42
C THR A 612 22.31 -4.79 6.64
N ILE A 613 21.92 -4.55 7.89
CA ILE A 613 20.52 -4.26 8.20
C ILE A 613 20.10 -2.89 7.66
N TYR A 614 20.95 -1.87 7.86
CA TYR A 614 20.49 -0.50 7.74
C TYR A 614 21.01 0.28 6.54
N ASP A 615 22.17 -0.09 5.98
CA ASP A 615 22.77 0.75 4.94
C ASP A 615 22.02 0.62 3.62
N GLY A 616 22.00 -0.57 3.05
CA GLY A 616 21.31 -0.77 1.79
C GLY A 616 21.95 -1.87 0.98
N GLN A 617 21.75 -1.80 -0.33
CA GLN A 617 22.21 -2.84 -1.26
C GLN A 617 23.44 -2.45 -2.05
N GLN A 618 23.68 -1.15 -2.26
CA GLN A 618 24.85 -0.73 -3.02
C GLN A 618 26.14 -1.02 -2.26
N ILE A 619 26.12 -0.85 -0.93
CA ILE A 619 27.34 -1.00 -0.14
C ILE A 619 27.83 -2.44 -0.19
N ARG A 620 26.90 -3.41 -0.16
CA ARG A 620 27.31 -4.82 -0.22
C ARG A 620 28.02 -5.13 -1.53
N VAL A 621 27.45 -4.68 -2.65
CA VAL A 621 28.04 -4.95 -3.95
C VAL A 621 29.39 -4.25 -4.07
N PHE A 622 29.48 -3.00 -3.62
CA PHE A 622 30.74 -2.27 -3.70
C PHE A 622 31.83 -2.95 -2.87
N THR A 623 31.48 -3.35 -1.64
CA THR A 623 32.47 -4.00 -0.77
C THR A 623 32.92 -5.33 -1.35
N CYS A 624 31.99 -6.11 -1.90
CA CYS A 624 32.36 -7.39 -2.47
C CYS A 624 33.16 -7.24 -3.76
N LEU A 625 32.93 -6.16 -4.51
CA LEU A 625 33.70 -5.91 -5.73
C LEU A 625 35.10 -5.37 -5.41
N LEU A 626 35.24 -4.66 -4.29
CA LEU A 626 36.55 -4.11 -3.93
C LEU A 626 37.59 -5.20 -3.74
N ARG A 627 37.17 -6.38 -3.27
CA ARG A 627 38.12 -7.48 -3.10
C ARG A 627 38.73 -7.88 -4.44
N LEU A 628 37.90 -8.10 -5.45
CA LEU A 628 38.42 -8.45 -6.77
C LEU A 628 39.20 -7.31 -7.39
N ALA A 629 38.76 -6.07 -7.14
CA ALA A 629 39.49 -4.92 -7.67
C ALA A 629 40.91 -4.85 -7.12
N ASP A 630 41.06 -5.09 -5.82
CA ASP A 630 42.39 -5.11 -5.23
C ASP A 630 43.20 -6.32 -5.69
N GLN A 631 42.54 -7.48 -5.82
CA GLN A 631 43.25 -8.70 -6.22
C GLN A 631 43.80 -8.59 -7.63
N LYS A 632 43.02 -8.02 -8.56
CA LYS A 632 43.39 -7.96 -9.96
C LYS A 632 44.24 -6.74 -10.30
N GLY A 633 44.57 -5.90 -9.32
CA GLY A 633 45.38 -4.72 -9.56
C GLY A 633 44.63 -3.50 -10.03
N PHE A 634 43.30 -3.52 -10.00
CA PHE A 634 42.50 -2.36 -10.39
C PHE A 634 42.27 -1.44 -9.19
N ILE A 635 41.89 -0.21 -9.48
CA ILE A 635 41.53 0.78 -8.47
C ILE A 635 40.21 1.42 -8.87
N LEU A 636 39.32 1.58 -7.90
CA LEU A 636 37.98 2.09 -8.16
C LEU A 636 37.94 3.59 -7.92
N PRO A 637 37.64 4.40 -8.93
CA PRO A 637 37.59 5.85 -8.73
C PRO A 637 36.37 6.26 -7.93
N ASP A 638 36.45 7.48 -7.36
CA ASP A 638 35.38 8.05 -6.57
C ASP A 638 34.78 9.24 -7.30
N THR A 639 33.46 9.23 -7.48
CA THR A 639 32.75 10.28 -8.19
C THR A 639 31.87 11.14 -7.31
N GLN A 640 31.33 10.58 -6.23
CA GLN A 640 30.46 11.33 -5.33
C GLN A 640 31.22 12.44 -4.62
N HIS A 693 14.33 10.95 -13.07
CA HIS A 693 13.86 10.65 -14.42
C HIS A 693 14.43 9.31 -14.89
N VAL A 694 13.81 8.74 -15.92
CA VAL A 694 14.25 7.45 -16.44
C VAL A 694 15.62 7.60 -17.09
N GLY A 695 16.52 6.67 -16.78
CA GLY A 695 17.88 6.73 -17.28
C GLY A 695 18.10 6.05 -18.62
N TYR A 696 17.53 4.87 -18.79
CA TYR A 696 17.71 4.09 -20.01
C TYR A 696 16.46 3.27 -20.26
N GLN A 697 16.50 2.42 -21.28
CA GLN A 697 15.35 1.61 -21.68
C GLN A 697 15.41 0.26 -20.99
N GLY A 698 14.24 -0.23 -20.57
CA GLY A 698 14.16 -1.49 -19.85
C GLY A 698 13.68 -2.65 -20.71
N ALA A 699 12.91 -3.55 -20.12
CA ALA A 699 12.45 -4.75 -20.79
C ALA A 699 11.21 -4.44 -21.65
N ARG A 700 10.72 -5.46 -22.33
CA ARG A 700 9.58 -5.33 -23.24
C ARG A 700 8.45 -6.23 -22.77
N VAL A 701 7.23 -5.70 -22.79
CA VAL A 701 6.03 -6.46 -22.47
C VAL A 701 5.24 -6.63 -23.76
N LEU A 702 4.92 -7.87 -24.09
CA LEU A 702 4.24 -8.19 -25.34
C LEU A 702 2.77 -7.75 -25.26
N ASP A 703 2.04 -7.92 -26.36
CA ASP A 703 0.64 -7.55 -26.42
C ASP A 703 -0.21 -8.69 -25.89
N PRO A 704 -0.99 -8.48 -24.83
CA PRO A 704 -1.82 -9.55 -24.29
C PRO A 704 -3.11 -9.72 -25.07
N THR A 705 -3.37 -10.93 -25.55
CA THR A 705 -4.63 -11.26 -26.20
C THR A 705 -5.65 -11.57 -25.11
N SER A 706 -6.24 -10.50 -24.56
CA SER A 706 -7.11 -10.61 -23.41
C SER A 706 -8.35 -11.43 -23.74
N GLY A 707 -8.82 -12.18 -22.74
CA GLY A 707 -10.00 -13.00 -22.91
C GLY A 707 -9.99 -14.15 -21.93
N PHE A 708 -10.97 -15.05 -22.12
CA PHE A 708 -11.13 -16.23 -21.28
C PHE A 708 -10.74 -17.44 -22.12
N HIS A 709 -9.58 -18.02 -21.81
CA HIS A 709 -9.06 -19.17 -22.54
C HIS A 709 -9.28 -20.43 -21.72
N VAL A 710 -9.94 -21.42 -22.33
CA VAL A 710 -10.17 -22.70 -21.67
C VAL A 710 -9.08 -23.71 -22.00
N ASN A 711 -8.41 -23.56 -23.14
CA ASN A 711 -7.34 -24.48 -23.51
C ASN A 711 -6.13 -24.29 -22.61
N PRO A 712 -5.31 -25.33 -22.45
CA PRO A 712 -4.15 -25.23 -21.54
C PRO A 712 -3.18 -24.15 -21.98
N VAL A 713 -2.58 -23.49 -21.00
CA VAL A 713 -1.59 -22.44 -21.22
C VAL A 713 -0.34 -22.82 -20.44
N VAL A 714 0.78 -22.99 -21.14
CA VAL A 714 2.04 -23.29 -20.49
C VAL A 714 2.87 -22.02 -20.37
N VAL A 715 3.77 -22.00 -19.39
CA VAL A 715 4.57 -20.82 -19.09
C VAL A 715 6.04 -21.20 -19.12
N PHE A 716 6.82 -20.45 -19.90
CA PHE A 716 8.27 -20.62 -19.97
C PHE A 716 8.96 -19.40 -19.38
N ASP A 717 10.04 -19.62 -18.65
CA ASP A 717 10.73 -18.50 -18.02
C ASP A 717 12.22 -18.81 -17.90
N PHE A 718 13.03 -17.76 -18.08
CA PHE A 718 14.47 -17.88 -17.90
C PHE A 718 14.81 -17.90 -16.42
N ALA A 719 15.90 -18.60 -16.08
CA ALA A 719 16.36 -18.71 -14.70
C ALA A 719 17.53 -17.75 -14.50
N SER A 720 17.35 -16.80 -13.59
CA SER A 720 18.35 -15.76 -13.28
C SER A 720 18.78 -15.05 -14.56
N LEU A 721 17.82 -14.36 -15.17
CA LEU A 721 18.01 -13.76 -16.48
C LEU A 721 19.21 -12.82 -16.51
N TYR A 722 19.16 -11.75 -15.71
CA TYR A 722 20.23 -10.76 -15.75
C TYR A 722 21.58 -11.30 -15.31
N PRO A 723 21.71 -12.04 -14.19
CA PRO A 723 23.01 -12.63 -13.85
C PRO A 723 23.54 -13.56 -14.93
N SER A 724 22.66 -14.37 -15.55
CA SER A 724 23.12 -15.25 -16.61
C SER A 724 23.60 -14.47 -17.82
N ILE A 725 22.91 -13.39 -18.17
CA ILE A 725 23.34 -12.53 -19.28
C ILE A 725 24.72 -11.95 -18.99
N ILE A 726 24.89 -11.41 -17.78
CA ILE A 726 26.17 -10.79 -17.42
C ILE A 726 27.29 -11.82 -17.44
N GLN A 727 27.03 -13.01 -16.92
CA GLN A 727 28.06 -14.05 -16.90
C GLN A 727 28.41 -14.52 -18.31
N ALA A 728 27.40 -14.72 -19.16
CA ALA A 728 27.64 -15.32 -20.47
C ALA A 728 28.29 -14.32 -21.42
N HIS A 729 27.85 -13.07 -21.41
CA HIS A 729 28.31 -12.10 -22.39
C HIS A 729 29.51 -11.29 -21.93
N ASN A 730 30.02 -11.54 -20.72
CA ASN A 730 31.22 -10.87 -20.21
C ASN A 730 31.05 -9.36 -20.23
N LEU A 731 30.10 -8.88 -19.43
CA LEU A 731 29.81 -7.45 -19.31
C LEU A 731 30.35 -6.96 -17.98
N CYS A 732 31.27 -6.01 -18.03
CA CYS A 732 31.89 -5.47 -16.82
C CYS A 732 32.49 -4.10 -17.13
N PHE A 733 32.88 -3.40 -16.06
CA PHE A 733 33.48 -2.09 -16.22
C PHE A 733 34.81 -2.18 -16.95
N SER A 734 35.64 -3.17 -16.59
CA SER A 734 36.96 -3.29 -17.20
C SER A 734 36.88 -3.70 -18.65
N THR A 735 35.89 -4.50 -19.02
CA THR A 735 35.73 -4.98 -20.39
C THR A 735 34.68 -4.17 -21.14
N LEU A 736 35.09 -2.99 -21.62
CA LEU A 736 34.21 -2.11 -22.37
C LEU A 736 34.99 -1.03 -23.11
N SER A 737 34.72 -0.87 -24.40
CA SER A 737 35.37 0.16 -25.21
C SER A 737 34.30 0.98 -25.91
N LEU A 738 34.34 2.30 -25.73
CA LEU A 738 33.39 3.20 -26.37
C LEU A 738 33.85 3.67 -27.74
N ARG A 739 35.09 3.36 -28.14
CA ARG A 739 35.64 3.84 -29.39
C ARG A 739 36.34 2.70 -30.11
N ALA A 740 36.38 2.81 -31.44
CA ALA A 740 37.07 1.82 -32.26
C ALA A 740 38.56 2.08 -32.25
N ASP A 741 39.30 1.23 -32.96
CA ASP A 741 40.76 1.26 -33.10
C ASP A 741 41.48 0.95 -31.80
N ALA A 742 40.76 0.72 -30.70
CA ALA A 742 41.37 0.32 -29.43
C ALA A 742 41.20 -1.18 -29.16
N VAL A 743 40.41 -1.88 -29.98
CA VAL A 743 40.24 -3.32 -29.85
C VAL A 743 40.48 -3.93 -31.22
N ALA A 744 40.98 -3.11 -32.16
CA ALA A 744 41.18 -3.55 -33.53
C ALA A 744 42.48 -4.34 -33.70
N HIS A 745 42.71 -5.31 -32.82
CA HIS A 745 43.81 -6.25 -33.00
C HIS A 745 43.39 -7.67 -32.64
N LEU A 746 42.09 -7.94 -32.61
CA LEU A 746 41.55 -9.26 -32.32
C LEU A 746 40.55 -9.64 -33.40
N GLU A 747 40.33 -10.94 -33.56
CA GLU A 747 39.38 -11.41 -34.55
C GLU A 747 37.97 -10.96 -34.20
N ALA A 748 37.26 -10.46 -35.22
CA ALA A 748 35.90 -9.95 -35.00
C ALA A 748 34.95 -11.09 -34.69
N GLY A 749 34.06 -10.86 -33.73
CA GLY A 749 33.06 -11.84 -33.36
C GLY A 749 33.56 -12.91 -32.42
N LYS A 750 34.62 -13.62 -32.84
CA LYS A 750 35.16 -14.70 -32.00
C LYS A 750 35.78 -14.15 -30.71
N ASP A 751 36.48 -13.02 -30.81
CA ASP A 751 37.18 -12.48 -29.66
C ASP A 751 36.42 -11.36 -28.94
N TYR A 752 35.53 -10.66 -29.63
CA TYR A 752 34.76 -9.60 -28.98
C TYR A 752 33.38 -9.54 -29.58
N LEU A 753 32.46 -8.96 -28.83
CA LEU A 753 31.06 -8.81 -29.22
C LEU A 753 30.76 -7.33 -29.40
N GLU A 754 30.16 -6.98 -30.54
CA GLU A 754 29.76 -5.62 -30.86
C GLU A 754 28.25 -5.50 -30.71
N ILE A 755 27.81 -4.50 -29.96
CA ILE A 755 26.40 -4.30 -29.67
C ILE A 755 26.01 -2.87 -30.00
N GLU A 756 24.73 -2.67 -30.30
CA GLU A 756 24.17 -1.37 -30.66
C GLU A 756 23.21 -0.95 -29.57
N VAL A 757 23.66 -0.06 -28.69
CA VAL A 757 22.89 0.39 -27.54
C VAL A 757 22.77 1.90 -27.59
N GLY A 758 21.55 2.41 -27.61
CA GLY A 758 21.31 3.85 -27.55
C GLY A 758 21.94 4.61 -28.70
N GLY A 759 21.96 4.03 -29.90
CA GLY A 759 22.62 4.66 -31.01
C GLY A 759 24.12 4.66 -30.96
N ARG A 760 24.72 3.87 -30.07
CA ARG A 760 26.16 3.81 -29.92
C ARG A 760 26.64 2.37 -30.03
N ARG A 761 27.80 2.19 -30.64
CA ARG A 761 28.40 0.86 -30.79
C ARG A 761 29.35 0.60 -29.64
N LEU A 762 29.18 -0.54 -28.99
CA LEU A 762 29.98 -0.92 -27.83
C LEU A 762 30.63 -2.28 -28.06
N PHE A 763 31.85 -2.43 -27.54
CA PHE A 763 32.62 -3.66 -27.70
C PHE A 763 32.89 -4.28 -26.34
N PHE A 764 32.57 -5.56 -26.20
CA PHE A 764 32.85 -6.33 -25.00
C PHE A 764 33.69 -7.53 -25.39
N VAL A 765 34.93 -7.56 -24.92
CA VAL A 765 35.85 -8.62 -25.31
C VAL A 765 35.54 -9.88 -24.51
N LYS A 766 35.79 -11.04 -25.12
CA LYS A 766 35.36 -12.31 -24.55
C LYS A 766 36.11 -12.62 -23.26
N ALA A 767 35.68 -13.71 -22.60
CA ALA A 767 36.20 -14.03 -21.28
C ALA A 767 37.66 -14.45 -21.33
N HIS A 768 38.07 -15.17 -22.39
CA HIS A 768 39.43 -15.68 -22.46
C HIS A 768 40.48 -14.58 -22.61
N VAL A 769 40.07 -13.35 -22.88
CA VAL A 769 41.00 -12.23 -22.98
C VAL A 769 41.06 -11.44 -21.68
N ARG A 770 39.90 -11.10 -21.12
CA ARG A 770 39.84 -10.32 -19.88
C ARG A 770 38.55 -10.68 -19.18
N GLU A 771 38.64 -11.45 -18.11
CA GLU A 771 37.44 -11.92 -17.41
C GLU A 771 36.73 -10.78 -16.70
N SER A 772 35.40 -10.84 -16.70
CA SER A 772 34.59 -9.83 -16.03
C SER A 772 34.79 -9.91 -14.52
N LEU A 773 34.80 -8.75 -13.86
CA LEU A 773 34.83 -8.73 -12.41
C LEU A 773 33.47 -9.10 -11.82
N LEU A 774 32.39 -8.69 -12.49
CA LEU A 774 31.04 -8.98 -12.00
C LEU A 774 30.67 -10.45 -12.14
N SER A 775 31.30 -11.17 -13.07
CA SER A 775 30.98 -12.58 -13.25
C SER A 775 31.27 -13.38 -12.00
N ILE A 776 32.44 -13.15 -11.39
CA ILE A 776 32.76 -13.85 -10.14
C ILE A 776 31.84 -13.38 -9.00
N LEU A 777 31.46 -12.11 -9.00
CA LEU A 777 30.50 -11.61 -8.02
C LEU A 777 29.20 -12.42 -8.06
N LEU A 778 28.62 -12.55 -9.25
CA LEU A 778 27.38 -13.30 -9.37
C LEU A 778 27.60 -14.80 -9.12
N ARG A 779 28.75 -15.33 -9.52
CA ARG A 779 29.04 -16.73 -9.26
C ARG A 779 29.07 -17.02 -7.76
N ASP A 780 29.68 -16.12 -6.99
CA ASP A 780 29.72 -16.30 -5.54
C ASP A 780 28.35 -16.10 -4.91
N TRP A 781 27.58 -15.13 -5.41
CA TRP A 781 26.30 -14.82 -4.77
C TRP A 781 25.22 -15.85 -5.10
N LEU A 782 25.31 -16.53 -6.25
CA LEU A 782 24.30 -17.52 -6.61
C LEU A 782 24.47 -18.83 -5.85
N ALA A 783 25.65 -19.09 -5.29
CA ALA A 783 25.86 -20.33 -4.55
C ALA A 783 24.98 -20.40 -3.31
N MET A 784 24.81 -19.26 -2.62
CA MET A 784 23.95 -19.23 -1.44
C MET A 784 22.51 -19.55 -1.81
N ARG A 785 22.01 -18.97 -2.92
CA ARG A 785 20.65 -19.27 -3.35
C ARG A 785 20.50 -20.74 -3.74
N LYS A 786 21.51 -21.28 -4.44
CA LYS A 786 21.45 -22.68 -4.83
C LYS A 786 21.41 -23.60 -3.61
N GLN A 787 22.21 -23.26 -2.59
CA GLN A 787 22.19 -24.05 -1.35
C GLN A 787 20.86 -23.93 -0.62
N ILE A 788 20.30 -22.72 -0.56
CA ILE A 788 19.05 -22.51 0.15
C ILE A 788 17.91 -23.26 -0.53
N ARG A 789 17.84 -23.19 -1.86
CA ARG A 789 16.75 -23.85 -2.58
C ARG A 789 16.88 -25.36 -2.61
N SER A 790 18.02 -25.91 -2.18
CA SER A 790 18.22 -27.36 -2.21
C SER A 790 17.63 -28.07 -1.00
N ARG A 791 17.12 -27.33 -0.02
CA ARG A 791 16.55 -27.93 1.18
C ARG A 791 15.03 -27.85 1.24
N ILE A 792 14.40 -27.05 0.36
CA ILE A 792 12.94 -26.93 0.41
C ILE A 792 12.23 -28.25 0.14
N PRO A 793 12.55 -29.01 -0.91
CA PRO A 793 11.79 -30.24 -1.18
C PRO A 793 12.25 -31.45 -0.37
N GLN A 794 13.19 -31.28 0.55
CA GLN A 794 13.67 -32.43 1.33
C GLN A 794 12.71 -32.77 2.45
N SER A 795 12.51 -31.84 3.38
CA SER A 795 11.58 -32.06 4.50
C SER A 795 11.14 -30.69 5.01
N SER A 796 9.94 -30.27 4.64
CA SER A 796 9.42 -28.98 5.09
C SER A 796 7.89 -28.97 5.00
N PRO A 797 7.18 -29.36 6.07
CA PRO A 797 5.73 -29.29 6.04
C PRO A 797 5.22 -27.85 5.98
N GLU A 798 5.76 -27.00 6.87
CA GLU A 798 5.42 -25.59 6.87
C GLU A 798 6.64 -24.69 7.01
N GLU A 799 7.84 -25.25 7.10
CA GLU A 799 9.05 -24.44 7.21
C GLU A 799 9.43 -23.83 5.87
N ALA A 800 9.02 -24.45 4.76
CA ALA A 800 9.42 -23.98 3.43
C ALA A 800 8.95 -22.56 3.14
N VAL A 801 7.92 -22.08 3.85
CA VAL A 801 7.46 -20.71 3.63
C VAL A 801 8.50 -19.69 4.06
N LEU A 802 9.44 -20.07 4.93
CA LEU A 802 10.52 -19.18 5.32
C LEU A 802 11.74 -19.32 4.41
N LEU A 803 12.05 -20.55 3.98
CA LEU A 803 13.12 -20.74 3.01
C LEU A 803 12.80 -20.07 1.69
N ASP A 804 11.51 -20.02 1.32
CA ASP A 804 11.12 -19.29 0.13
C ASP A 804 11.42 -17.80 0.27
N LYS A 805 11.14 -17.22 1.43
CA LYS A 805 11.48 -15.81 1.64
C LYS A 805 12.99 -15.59 1.63
N GLN A 806 13.74 -16.53 2.22
CA GLN A 806 15.19 -16.40 2.23
C GLN A 806 15.76 -16.44 0.81
N GLN A 807 15.29 -17.40 -0.01
CA GLN A 807 15.79 -17.48 -1.38
C GLN A 807 15.31 -16.30 -2.21
N ALA A 808 14.12 -15.76 -1.93
CA ALA A 808 13.69 -14.55 -2.61
C ALA A 808 14.58 -13.36 -2.27
N ALA A 809 14.97 -13.24 -1.00
CA ALA A 809 15.89 -12.17 -0.62
C ALA A 809 17.24 -12.33 -1.30
N ILE A 810 17.74 -13.57 -1.37
CA ILE A 810 19.02 -13.80 -2.04
C ILE A 810 18.90 -13.50 -3.53
N LYS A 811 17.77 -13.84 -4.14
CA LYS A 811 17.55 -13.48 -5.54
C LYS A 811 17.53 -11.97 -5.73
N VAL A 812 16.92 -11.24 -4.79
CA VAL A 812 16.89 -9.79 -4.88
C VAL A 812 18.30 -9.22 -4.80
N VAL A 813 19.10 -9.71 -3.84
CA VAL A 813 20.45 -9.17 -3.71
C VAL A 813 21.33 -9.60 -4.88
N CYS A 814 21.01 -10.72 -5.53
CA CYS A 814 21.75 -11.11 -6.73
C CYS A 814 21.41 -10.20 -7.90
N ASN A 815 20.11 -9.93 -8.11
CA ASN A 815 19.69 -9.03 -9.18
C ASN A 815 20.07 -7.59 -8.90
N SER A 816 20.39 -7.26 -7.65
CA SER A 816 20.78 -5.89 -7.30
C SER A 816 22.09 -5.47 -7.92
N VAL A 817 22.89 -6.39 -8.46
CA VAL A 817 24.12 -6.00 -9.13
C VAL A 817 23.81 -5.18 -10.38
N TYR A 818 22.80 -5.60 -11.14
CA TYR A 818 22.39 -4.84 -12.31
C TYR A 818 21.85 -3.47 -11.92
N GLY A 819 21.09 -3.40 -10.83
CA GLY A 819 20.64 -2.10 -10.34
C GLY A 819 21.80 -1.21 -9.94
N PHE A 820 22.79 -1.79 -9.26
CA PHE A 820 23.97 -1.03 -8.86
C PHE A 820 24.72 -0.49 -10.06
N THR A 821 24.89 -1.31 -11.11
CA THR A 821 25.58 -0.82 -12.29
C THR A 821 24.72 0.14 -13.10
N GLY A 822 23.41 0.16 -12.87
CA GLY A 822 22.51 1.06 -13.55
C GLY A 822 22.04 2.27 -12.76
N VAL A 823 22.63 2.55 -11.60
CA VAL A 823 22.22 3.68 -10.78
C VAL A 823 22.84 4.95 -11.34
N GLN A 824 22.02 5.96 -11.60
CA GLN A 824 22.53 7.25 -12.02
C GLN A 824 22.86 8.11 -10.81
N HIS A 825 24.00 8.80 -10.87
CA HIS A 825 24.49 9.65 -9.78
C HIS A 825 24.72 8.86 -8.50
N GLY A 826 25.09 7.59 -8.63
CA GLY A 826 25.46 6.75 -7.52
C GLY A 826 26.96 6.68 -7.32
N LEU A 827 27.43 5.54 -6.82
CA LEU A 827 28.85 5.29 -6.66
C LEU A 827 29.27 4.19 -7.62
N LEU A 828 30.32 4.46 -8.40
CA LEU A 828 30.82 3.60 -9.47
C LEU A 828 29.71 3.23 -10.45
N PRO A 829 29.14 4.22 -11.16
CA PRO A 829 28.05 3.90 -12.11
C PRO A 829 28.54 3.74 -13.55
N CYS A 830 27.82 2.93 -14.34
CA CYS A 830 28.06 2.84 -15.77
C CYS A 830 26.77 2.33 -16.42
N LEU A 831 26.00 3.24 -17.01
CA LEU A 831 24.71 2.89 -17.59
C LEU A 831 24.84 2.00 -18.81
N HIS A 832 26.03 1.95 -19.43
CA HIS A 832 26.21 1.14 -20.63
C HIS A 832 25.97 -0.34 -20.35
N VAL A 833 26.49 -0.84 -19.23
CA VAL A 833 26.33 -2.25 -18.91
C VAL A 833 24.86 -2.59 -18.67
N ALA A 834 24.16 -1.76 -17.91
CA ALA A 834 22.75 -2.00 -17.64
C ALA A 834 21.92 -1.96 -18.91
N ALA A 835 22.17 -0.97 -19.76
CA ALA A 835 21.43 -0.88 -21.02
C ALA A 835 21.73 -2.07 -21.92
N THR A 836 22.99 -2.53 -21.92
CA THR A 836 23.34 -3.72 -22.70
C THR A 836 22.60 -4.95 -22.19
N VAL A 837 22.50 -5.08 -20.86
CA VAL A 837 21.79 -6.22 -20.29
C VAL A 837 20.32 -6.19 -20.69
N THR A 838 19.69 -5.00 -20.61
CA THR A 838 18.30 -4.89 -21.01
C THR A 838 18.10 -5.21 -22.49
N THR A 839 18.99 -4.70 -23.34
CA THR A 839 18.89 -4.97 -24.77
C THR A 839 19.06 -6.46 -25.07
N ILE A 840 20.01 -7.11 -24.39
CA ILE A 840 20.21 -8.55 -24.60
C ILE A 840 18.98 -9.33 -24.16
N GLY A 841 18.39 -8.95 -23.03
CA GLY A 841 17.17 -9.61 -22.59
C GLY A 841 16.02 -9.46 -23.57
N ARG A 842 15.85 -8.24 -24.11
CA ARG A 842 14.80 -8.03 -25.10
C ARG A 842 15.05 -8.84 -26.36
N GLU A 843 16.30 -8.88 -26.83
CA GLU A 843 16.62 -9.67 -28.01
C GLU A 843 16.37 -11.15 -27.78
N MET A 844 16.72 -11.65 -26.59
CA MET A 844 16.46 -13.06 -26.28
C MET A 844 14.97 -13.36 -26.25
N LEU A 845 14.18 -12.45 -25.68
CA LEU A 845 12.73 -12.65 -25.64
C LEU A 845 12.15 -12.72 -27.05
N LEU A 846 12.53 -11.78 -27.91
CA LEU A 846 12.02 -11.79 -29.28
C LEU A 846 12.49 -13.02 -30.04
N ALA A 847 13.74 -13.43 -29.84
CA ALA A 847 14.26 -14.61 -30.51
C ALA A 847 13.51 -15.86 -30.07
N THR A 848 13.22 -15.98 -28.78
CA THR A 848 12.45 -17.13 -28.30
C THR A 848 11.05 -17.14 -28.89
N ARG A 849 10.39 -15.97 -28.94
CA ARG A 849 9.06 -15.91 -29.52
C ARG A 849 9.08 -16.36 -30.98
N GLU A 850 10.02 -15.82 -31.77
CA GLU A 850 10.10 -16.19 -33.18
C GLU A 850 10.43 -17.66 -33.36
N TYR A 851 11.34 -18.19 -32.53
CA TYR A 851 11.70 -19.60 -32.66
C TYR A 851 10.52 -20.51 -32.34
N VAL A 852 9.74 -20.17 -31.32
CA VAL A 852 8.59 -21.00 -30.96
C VAL A 852 7.52 -20.92 -32.05
N HIS A 853 7.31 -19.72 -32.61
CA HIS A 853 6.30 -19.57 -33.66
C HIS A 853 6.64 -20.38 -34.90
N ALA A 854 7.91 -20.40 -35.30
CA ALA A 854 8.30 -20.85 -36.62
C ALA A 854 8.82 -22.29 -36.66
N ARG A 855 8.72 -23.03 -35.56
CA ARG A 855 9.28 -24.38 -35.52
C ARG A 855 8.22 -25.47 -35.36
N TRP A 856 7.42 -25.42 -34.29
CA TRP A 856 6.53 -26.52 -33.94
C TRP A 856 5.07 -26.25 -34.27
N ALA A 857 4.78 -25.21 -35.03
CA ALA A 857 3.41 -24.71 -35.15
C ALA A 857 2.69 -25.17 -36.41
N ALA A 858 3.32 -25.97 -37.28
CA ALA A 858 2.67 -26.23 -38.56
C ALA A 858 1.62 -27.33 -38.45
N PHE A 859 2.04 -28.59 -38.34
CA PHE A 859 1.09 -29.63 -37.96
C PHE A 859 1.71 -30.74 -37.11
N GLU A 860 3.00 -31.00 -37.31
CA GLU A 860 3.59 -32.25 -36.83
C GLU A 860 4.98 -32.13 -36.22
N GLN A 861 5.63 -30.96 -36.27
CA GLN A 861 7.03 -30.88 -35.85
C GLN A 861 7.18 -31.24 -34.37
N LEU A 862 6.24 -30.80 -33.53
CA LEU A 862 6.28 -31.18 -32.12
C LEU A 862 6.15 -32.70 -31.96
N LEU A 863 5.26 -33.31 -32.74
CA LEU A 863 5.12 -34.77 -32.69
C LEU A 863 6.39 -35.47 -33.15
N ALA A 864 7.02 -34.95 -34.21
CA ALA A 864 8.24 -35.56 -34.71
C ALA A 864 9.37 -35.45 -33.69
N ASP A 865 9.49 -34.30 -33.02
CA ASP A 865 10.54 -34.11 -32.03
C ASP A 865 10.31 -34.99 -30.80
N PHE A 866 9.06 -35.12 -30.36
CA PHE A 866 8.73 -35.89 -29.16
C PHE A 866 7.62 -36.88 -29.48
N PRO A 867 7.91 -38.18 -29.50
CA PRO A 867 6.84 -39.17 -29.74
C PRO A 867 5.75 -39.17 -28.68
N GLU A 868 6.06 -38.67 -27.47
CA GLU A 868 5.07 -38.69 -26.39
C GLU A 868 3.86 -37.83 -26.70
N ALA A 869 3.94 -36.95 -27.70
CA ALA A 869 2.78 -36.18 -28.13
C ALA A 869 1.71 -37.05 -28.78
N ALA A 870 2.04 -38.29 -29.13
CA ALA A 870 1.03 -39.18 -29.72
C ALA A 870 -0.09 -39.47 -28.73
N ASP A 871 0.25 -39.68 -27.46
CA ASP A 871 -0.76 -39.97 -26.45
C ASP A 871 -1.64 -38.75 -26.18
N MET A 872 -1.02 -37.58 -26.01
CA MET A 872 -1.74 -36.36 -25.68
C MET A 872 -2.07 -35.62 -26.97
N ARG A 873 -3.29 -35.84 -27.48
CA ARG A 873 -3.74 -35.16 -28.70
C ARG A 873 -5.25 -35.03 -28.62
N ALA A 874 -5.72 -33.85 -28.22
CA ALA A 874 -7.14 -33.56 -28.20
C ALA A 874 -7.64 -33.26 -29.61
N PRO A 875 -8.94 -33.44 -29.87
CA PRO A 875 -9.49 -33.09 -31.18
C PRO A 875 -9.28 -31.61 -31.49
N GLY A 876 -8.97 -31.32 -32.75
CA GLY A 876 -8.69 -29.98 -33.18
C GLY A 876 -7.26 -29.83 -33.66
N PRO A 877 -7.01 -28.83 -34.50
CA PRO A 877 -5.67 -28.64 -35.05
C PRO A 877 -4.75 -27.90 -34.08
N TYR A 878 -3.45 -28.00 -34.36
CA TYR A 878 -2.45 -27.30 -33.56
C TYR A 878 -2.52 -25.80 -33.82
N SER A 879 -2.51 -25.02 -32.74
CA SER A 879 -2.46 -23.56 -32.84
C SER A 879 -1.51 -23.03 -31.77
N MET A 880 -0.34 -23.66 -31.64
CA MET A 880 0.66 -23.26 -30.66
C MET A 880 1.15 -21.84 -30.94
N ARG A 881 0.77 -20.89 -30.09
CA ARG A 881 1.14 -19.49 -30.27
C ARG A 881 1.41 -18.86 -28.91
N ILE A 882 2.16 -17.76 -28.93
CA ILE A 882 2.43 -16.98 -27.73
C ILE A 882 1.39 -15.87 -27.63
N ILE A 883 0.76 -15.75 -26.45
CA ILE A 883 -0.28 -14.76 -26.23
C ILE A 883 0.13 -13.68 -25.24
N TYR A 884 1.19 -13.86 -24.47
CA TYR A 884 1.62 -12.86 -23.51
C TYR A 884 3.10 -13.05 -23.21
N GLY A 885 3.77 -11.94 -22.96
CA GLY A 885 5.18 -11.97 -22.60
C GLY A 885 5.52 -10.84 -21.67
N ASP A 886 6.48 -11.09 -20.78
CA ASP A 886 6.90 -10.10 -19.79
C ASP A 886 8.36 -10.35 -19.45
N THR A 887 9.26 -9.55 -20.03
CA THR A 887 10.69 -9.60 -19.75
C THR A 887 11.28 -10.94 -20.16
N ASP A 888 10.98 -11.99 -19.42
CA ASP A 888 11.46 -13.33 -19.75
C ASP A 888 10.41 -14.42 -19.60
N SER A 889 9.18 -14.07 -19.26
CA SER A 889 8.10 -15.04 -19.13
C SER A 889 7.26 -15.03 -20.40
N ILE A 890 7.00 -16.22 -20.94
CA ILE A 890 6.27 -16.39 -22.18
C ILE A 890 5.10 -17.33 -21.92
N PHE A 891 3.90 -16.92 -22.31
CA PHE A 891 2.70 -17.75 -22.20
C PHE A 891 2.39 -18.34 -23.56
N VAL A 892 2.28 -19.66 -23.63
CA VAL A 892 1.99 -20.36 -24.87
C VAL A 892 0.64 -21.06 -24.72
N LEU A 893 -0.29 -20.73 -25.61
CA LEU A 893 -1.63 -21.32 -25.59
C LEU A 893 -1.62 -22.55 -26.49
N CYS A 894 -1.52 -23.73 -25.87
CA CYS A 894 -1.44 -24.99 -26.61
C CYS A 894 -2.83 -25.61 -26.72
N ARG A 895 -3.66 -25.00 -27.57
CA ARG A 895 -4.99 -25.54 -27.81
C ARG A 895 -4.90 -26.83 -28.63
N GLY A 896 -5.91 -27.68 -28.48
CA GLY A 896 -5.94 -28.95 -29.17
C GLY A 896 -5.12 -30.05 -28.55
N LEU A 897 -4.52 -29.82 -27.38
CA LEU A 897 -3.73 -30.82 -26.68
C LEU A 897 -4.18 -30.91 -25.24
N THR A 898 -4.19 -32.13 -24.70
CA THR A 898 -4.58 -32.33 -23.31
C THR A 898 -3.54 -31.74 -22.37
N ALA A 899 -4.01 -31.25 -21.23
CA ALA A 899 -3.14 -30.64 -20.23
C ALA A 899 -2.38 -31.67 -19.40
N ALA A 900 -2.77 -32.95 -19.46
CA ALA A 900 -2.07 -33.98 -18.71
C ALA A 900 -0.72 -34.34 -19.31
N GLY A 901 -0.50 -34.02 -20.58
CA GLY A 901 0.76 -34.31 -21.23
C GLY A 901 1.49 -33.07 -21.69
N LEU A 902 1.46 -32.01 -20.89
CA LEU A 902 2.11 -30.76 -21.26
C LEU A 902 3.05 -30.25 -20.17
N THR A 903 3.61 -31.15 -19.36
CA THR A 903 4.60 -30.78 -18.36
C THR A 903 5.97 -31.35 -18.67
N ALA A 904 6.09 -32.66 -18.85
CA ALA A 904 7.35 -33.25 -19.29
C ALA A 904 7.70 -32.75 -20.69
N VAL A 905 6.70 -32.66 -21.57
CA VAL A 905 6.88 -32.15 -22.92
C VAL A 905 7.36 -30.70 -22.85
N GLY A 906 6.76 -29.92 -21.96
CA GLY A 906 7.17 -28.55 -21.76
C GLY A 906 8.62 -28.44 -21.30
N ASP A 907 9.01 -29.29 -20.36
CA ASP A 907 10.39 -29.30 -19.88
C ASP A 907 11.36 -29.65 -21.02
N LYS A 908 11.00 -30.66 -21.83
CA LYS A 908 11.84 -31.04 -22.95
C LYS A 908 11.96 -29.90 -23.96
N MET A 909 10.85 -29.22 -24.26
CA MET A 909 10.86 -28.09 -25.18
C MET A 909 11.74 -26.96 -24.65
N ALA A 910 11.62 -26.67 -23.35
CA ALA A 910 12.45 -25.62 -22.75
C ALA A 910 13.93 -25.97 -22.84
N SER A 911 14.28 -27.21 -22.53
CA SER A 911 15.67 -27.63 -22.64
C SER A 911 16.18 -27.54 -24.07
N HIS A 912 15.35 -27.96 -25.04
CA HIS A 912 15.77 -27.88 -26.45
C HIS A 912 15.97 -26.44 -26.88
N ILE A 913 15.06 -25.54 -26.48
CA ILE A 913 15.20 -24.13 -26.85
C ILE A 913 16.46 -23.54 -26.23
N SER A 914 16.71 -23.83 -24.95
CA SER A 914 17.91 -23.32 -24.30
C SER A 914 19.17 -23.84 -24.96
N ARG A 915 19.17 -25.12 -25.36
CA ARG A 915 20.35 -25.68 -26.01
C ARG A 915 20.57 -25.09 -27.40
N ALA A 916 19.50 -24.87 -28.15
CA ALA A 916 19.61 -24.50 -29.55
C ALA A 916 19.59 -22.99 -29.80
N LEU A 917 19.38 -22.18 -28.78
CA LEU A 917 19.34 -20.74 -29.00
C LEU A 917 20.34 -19.94 -28.19
N PHE A 918 20.61 -20.33 -26.94
CA PHE A 918 21.40 -19.51 -26.04
C PHE A 918 22.56 -20.30 -25.46
N LEU A 919 23.68 -19.62 -25.28
CA LEU A 919 24.86 -20.20 -24.67
C LEU A 919 24.72 -20.21 -23.14
N PRO A 920 25.38 -21.13 -22.46
CA PRO A 920 25.29 -21.18 -20.99
C PRO A 920 25.95 -19.97 -20.37
N PRO A 921 25.59 -19.63 -19.12
CA PRO A 921 24.66 -20.30 -18.22
C PRO A 921 23.22 -19.78 -18.32
N ILE A 922 22.70 -19.58 -19.53
CA ILE A 922 21.32 -19.14 -19.73
C ILE A 922 20.45 -20.37 -19.93
N LYS A 923 19.47 -20.55 -19.06
CA LYS A 923 18.59 -21.72 -19.10
C LYS A 923 17.14 -21.30 -18.97
N LEU A 924 16.31 -21.77 -19.90
CA LEU A 924 14.88 -21.52 -19.89
C LEU A 924 14.16 -22.78 -19.44
N GLU A 925 13.21 -22.64 -18.52
CA GLU A 925 12.51 -23.76 -17.92
C GLU A 925 11.00 -23.55 -18.01
N CYS A 926 10.27 -24.66 -18.09
CA CYS A 926 8.80 -24.63 -18.09
C CYS A 926 8.33 -24.60 -16.64
N GLU A 927 7.80 -23.44 -16.22
CA GLU A 927 7.45 -23.26 -14.82
C GLU A 927 6.07 -23.84 -14.49
N LYS A 928 5.03 -23.32 -15.10
CA LYS A 928 3.66 -23.65 -14.76
C LYS A 928 2.93 -24.23 -15.96
N THR A 929 1.67 -24.60 -15.75
CA THR A 929 0.81 -25.09 -16.82
C THR A 929 -0.63 -24.78 -16.42
N PHE A 930 -1.19 -23.71 -16.98
CA PHE A 930 -2.54 -23.31 -16.66
C PHE A 930 -3.56 -24.23 -17.32
N THR A 931 -4.72 -24.35 -16.67
CA THR A 931 -5.87 -25.05 -17.24
C THR A 931 -6.95 -24.10 -17.74
N LYS A 932 -7.20 -23.02 -17.01
CA LYS A 932 -8.13 -21.98 -17.44
C LYS A 932 -7.48 -20.63 -17.14
N LEU A 933 -7.32 -19.81 -18.18
CA LEU A 933 -6.65 -18.52 -18.05
C LEU A 933 -7.64 -17.40 -18.35
N LEU A 934 -7.47 -16.27 -17.68
CA LEU A 934 -8.30 -15.09 -17.87
C LEU A 934 -7.37 -13.89 -17.99
N LEU A 935 -6.99 -13.56 -19.22
CA LEU A 935 -6.10 -12.44 -19.47
C LEU A 935 -6.89 -11.14 -19.51
N ILE A 936 -6.46 -10.16 -18.70
CA ILE A 936 -7.12 -8.87 -18.60
C ILE A 936 -6.32 -7.78 -19.31
N ALA A 937 -5.08 -7.57 -18.89
CA ALA A 937 -4.22 -6.55 -19.48
C ALA A 937 -2.77 -6.95 -19.20
N LYS A 938 -1.85 -6.02 -19.40
CA LYS A 938 -0.44 -6.29 -19.09
C LYS A 938 -0.26 -6.37 -17.58
N LYS A 939 0.42 -7.43 -17.13
CA LYS A 939 0.73 -7.64 -15.72
C LYS A 939 -0.55 -7.75 -14.87
N LYS A 940 -1.57 -8.41 -15.41
CA LYS A 940 -2.84 -8.57 -14.70
C LYS A 940 -3.53 -9.82 -15.26
N TYR A 941 -3.59 -10.88 -14.46
CA TYR A 941 -4.26 -12.09 -14.92
C TYR A 941 -4.58 -12.99 -13.74
N ILE A 942 -5.67 -13.75 -13.89
CA ILE A 942 -6.09 -14.76 -12.92
C ILE A 942 -6.21 -16.09 -13.64
N GLY A 943 -5.58 -17.13 -13.10
CA GLY A 943 -5.58 -18.43 -13.72
C GLY A 943 -5.65 -19.55 -12.70
N VAL A 944 -5.80 -20.76 -13.21
CA VAL A 944 -5.88 -21.97 -12.40
C VAL A 944 -4.77 -22.91 -12.84
N ILE A 945 -3.99 -23.40 -11.87
CA ILE A 945 -2.92 -24.35 -12.17
C ILE A 945 -3.52 -25.74 -12.38
N TYR A 946 -2.74 -26.61 -13.03
CA TYR A 946 -3.21 -27.96 -13.29
C TYR A 946 -3.44 -28.72 -11.98
N GLY A 947 -2.59 -28.49 -10.98
CA GLY A 947 -2.77 -29.17 -9.71
C GLY A 947 -4.06 -28.82 -9.02
N GLY A 948 -4.45 -27.54 -9.06
CA GLY A 948 -5.69 -27.10 -8.45
C GLY A 948 -5.59 -25.73 -7.80
N LYS A 949 -4.37 -25.26 -7.57
CA LYS A 949 -4.18 -23.94 -6.99
C LYS A 949 -4.59 -22.85 -7.98
N MET A 950 -4.95 -21.69 -7.44
CA MET A 950 -5.40 -20.57 -8.24
C MET A 950 -4.45 -19.40 -8.04
N LEU A 951 -3.96 -18.84 -9.15
CA LEU A 951 -2.96 -17.78 -9.14
C LEU A 951 -3.59 -16.47 -9.57
N ILE A 952 -3.34 -15.41 -8.80
CA ILE A 952 -3.87 -14.09 -9.06
C ILE A 952 -2.70 -13.11 -9.12
N LYS A 953 -2.63 -12.32 -10.19
CA LYS A 953 -1.56 -11.34 -10.35
C LYS A 953 -2.14 -10.02 -10.82
N GLY A 954 -1.76 -8.94 -10.13
CA GLY A 954 -2.05 -7.58 -10.56
C GLY A 954 -3.36 -6.95 -10.13
N VAL A 955 -4.46 -7.70 -10.22
CA VAL A 955 -5.79 -7.14 -10.01
C VAL A 955 -5.99 -6.78 -8.54
N ASP A 956 -7.08 -6.08 -8.24
CA ASP A 956 -7.30 -5.51 -6.91
C ASP A 956 -7.47 -6.55 -5.83
N LEU A 957 -7.66 -7.83 -6.18
CA LEU A 957 -7.71 -8.88 -5.16
C LEU A 957 -6.39 -8.99 -4.41
N VAL A 958 -5.28 -8.84 -5.12
CA VAL A 958 -3.96 -8.96 -4.51
C VAL A 958 -3.34 -7.59 -4.24
N ARG A 959 -4.16 -6.54 -4.14
CA ARG A 959 -3.71 -5.20 -3.82
C ARG A 959 -4.15 -4.83 -2.41
N LYS A 960 -3.38 -3.94 -1.79
CA LYS A 960 -3.54 -3.63 -0.38
C LYS A 960 -4.37 -2.37 -0.14
N ASN A 961 -5.02 -1.83 -1.17
CA ASN A 961 -5.83 -0.62 -1.04
C ASN A 961 -7.31 -0.89 -1.30
N ASN A 962 -7.79 -2.07 -0.93
CA ASN A 962 -9.19 -2.43 -1.11
C ASN A 962 -9.74 -3.00 0.19
N CYS A 963 -11.02 -2.74 0.44
CA CYS A 963 -11.65 -3.13 1.69
C CYS A 963 -11.98 -4.63 1.67
N ALA A 964 -12.47 -5.13 2.80
CA ALA A 964 -12.71 -6.57 2.93
C ALA A 964 -13.96 -7.01 2.18
N PHE A 965 -15.01 -6.19 2.17
CA PHE A 965 -16.27 -6.58 1.53
C PHE A 965 -16.10 -6.75 0.03
N ILE A 966 -15.49 -5.76 -0.62
CA ILE A 966 -15.29 -5.83 -2.07
C ILE A 966 -14.38 -7.00 -2.42
N ASN A 967 -13.31 -7.20 -1.63
CA ASN A 967 -12.39 -8.29 -1.90
C ASN A 967 -13.09 -9.64 -1.76
N ARG A 968 -13.92 -9.80 -0.72
CA ARG A 968 -14.63 -11.07 -0.54
C ARG A 968 -15.62 -11.32 -1.67
N THR A 969 -16.35 -10.29 -2.08
CA THR A 969 -17.29 -10.45 -3.19
C THR A 969 -16.57 -10.81 -4.49
N SER A 970 -15.45 -10.13 -4.77
CA SER A 970 -14.70 -10.41 -5.97
C SER A 970 -14.12 -11.81 -5.95
N ARG A 971 -13.62 -12.25 -4.79
CA ARG A 971 -13.10 -13.61 -4.68
C ARG A 971 -14.20 -14.64 -4.89
N ALA A 972 -15.39 -14.39 -4.34
CA ALA A 972 -16.52 -15.29 -4.55
C ALA A 972 -16.88 -15.36 -6.03
N LEU A 973 -16.91 -14.22 -6.71
CA LEU A 973 -17.22 -14.21 -8.14
C LEU A 973 -16.16 -14.96 -8.94
N VAL A 974 -14.89 -14.77 -8.61
CA VAL A 974 -13.82 -15.44 -9.34
C VAL A 974 -13.89 -16.94 -9.14
N ASP A 975 -14.11 -17.38 -7.89
CA ASP A 975 -14.25 -18.81 -7.62
C ASP A 975 -15.45 -19.40 -8.35
N LEU A 976 -16.56 -18.66 -8.36
CA LEU A 976 -17.75 -19.11 -9.09
C LEU A 976 -17.44 -19.30 -10.56
N LEU A 977 -16.79 -18.31 -11.18
CA LEU A 977 -16.50 -18.39 -12.60
C LEU A 977 -15.52 -19.52 -12.92
N PHE A 978 -14.52 -19.72 -12.06
CA PHE A 978 -13.46 -20.68 -12.36
C PHE A 978 -13.75 -22.09 -11.88
N TYR A 979 -14.83 -22.31 -11.14
CA TYR A 979 -15.08 -23.65 -10.61
C TYR A 979 -16.39 -24.27 -11.07
N ASP A 980 -17.48 -23.51 -11.11
CA ASP A 980 -18.75 -24.05 -11.57
C ASP A 980 -18.72 -24.26 -13.08
N ASP A 981 -19.24 -25.40 -13.52
CA ASP A 981 -19.17 -25.77 -14.93
C ASP A 981 -20.15 -24.95 -15.77
N THR A 982 -21.35 -24.71 -15.24
CA THR A 982 -22.39 -24.03 -16.02
C THR A 982 -21.98 -22.60 -16.34
N VAL A 983 -21.52 -21.84 -15.34
CA VAL A 983 -21.14 -20.45 -15.58
C VAL A 983 -19.90 -20.39 -16.47
N SER A 984 -18.96 -21.34 -16.32
CA SER A 984 -17.79 -21.37 -17.18
C SER A 984 -18.19 -21.62 -18.64
N GLY A 985 -19.11 -22.56 -18.87
CA GLY A 985 -19.58 -22.80 -20.22
C GLY A 985 -20.31 -21.61 -20.80
N ALA A 986 -21.11 -20.94 -19.98
CA ALA A 986 -21.82 -19.74 -20.44
C ALA A 986 -20.84 -18.62 -20.78
N ALA A 987 -19.80 -18.45 -19.96
CA ALA A 987 -18.78 -17.45 -20.25
C ALA A 987 -18.03 -17.78 -21.54
N ALA A 988 -17.75 -19.06 -21.76
CA ALA A 988 -17.13 -19.47 -23.02
C ALA A 988 -18.04 -19.18 -24.21
N ALA A 989 -19.34 -19.43 -24.05
CA ALA A 989 -20.30 -19.14 -25.12
C ALA A 989 -20.48 -17.63 -25.34
N LEU A 990 -20.19 -16.82 -24.32
CA LEU A 990 -20.32 -15.37 -24.48
C LEU A 990 -19.36 -14.82 -25.54
N ALA A 991 -18.25 -15.51 -25.78
CA ALA A 991 -17.24 -15.01 -26.70
C ALA A 991 -17.65 -15.14 -28.16
N GLU A 992 -18.64 -15.98 -28.47
CA GLU A 992 -19.05 -16.17 -29.86
C GLU A 992 -19.61 -14.88 -30.46
N ARG A 993 -20.43 -14.16 -29.71
CA ARG A 993 -20.98 -12.94 -30.27
C ARG A 993 -20.25 -11.72 -29.74
N PRO A 994 -20.17 -10.65 -30.53
CA PRO A 994 -19.58 -9.41 -30.04
C PRO A 994 -20.41 -8.81 -28.91
N ALA A 995 -19.78 -7.93 -28.14
CA ALA A 995 -20.44 -7.34 -26.97
C ALA A 995 -21.69 -6.56 -27.35
N GLU A 996 -21.70 -5.93 -28.52
CA GLU A 996 -22.86 -5.13 -28.92
C GLU A 996 -24.13 -5.97 -29.00
N GLU A 997 -24.02 -7.17 -29.58
CA GLU A 997 -25.17 -8.06 -29.63
C GLU A 997 -25.68 -8.40 -28.23
N TRP A 998 -24.78 -8.46 -27.26
CA TRP A 998 -25.19 -8.75 -25.89
C TRP A 998 -25.88 -7.57 -25.22
N LEU A 999 -25.86 -6.39 -25.83
CA LEU A 999 -26.55 -5.24 -25.28
C LEU A 999 -28.03 -5.23 -25.61
N ALA A 1000 -28.48 -6.10 -26.52
CA ALA A 1000 -29.90 -6.16 -26.89
C ALA A 1000 -30.40 -7.60 -26.99
N ARG A 1001 -29.67 -8.56 -26.46
CA ARG A 1001 -30.06 -9.96 -26.48
C ARG A 1001 -29.98 -10.53 -25.07
N PRO A 1002 -30.93 -11.38 -24.68
CA PRO A 1002 -30.88 -11.95 -23.33
C PRO A 1002 -29.61 -12.75 -23.10
N LEU A 1003 -29.08 -12.66 -21.89
CA LEU A 1003 -27.86 -13.35 -21.53
C LEU A 1003 -28.10 -14.85 -21.44
N PRO A 1004 -27.05 -15.66 -21.60
CA PRO A 1004 -27.21 -17.12 -21.46
C PRO A 1004 -27.66 -17.48 -20.05
N GLU A 1005 -28.37 -18.61 -19.95
CA GLU A 1005 -28.91 -19.05 -18.68
C GLU A 1005 -27.84 -19.36 -17.66
N GLY A 1006 -26.59 -19.55 -18.09
CA GLY A 1006 -25.53 -19.84 -17.14
C GLY A 1006 -25.26 -18.70 -16.18
N LEU A 1007 -25.27 -17.46 -16.69
CA LEU A 1007 -25.02 -16.29 -15.85
C LEU A 1007 -26.26 -16.00 -15.01
N GLN A 1008 -26.52 -16.91 -14.08
CA GLN A 1008 -27.58 -16.75 -13.09
C GLN A 1008 -27.04 -16.64 -11.67
N ALA A 1009 -26.02 -17.43 -11.32
CA ALA A 1009 -25.41 -17.32 -10.01
C ALA A 1009 -24.66 -15.99 -9.86
N PHE A 1010 -24.19 -15.42 -10.97
CA PHE A 1010 -23.55 -14.10 -10.90
C PHE A 1010 -24.55 -13.06 -10.39
N GLY A 1011 -25.76 -13.07 -10.92
CA GLY A 1011 -26.79 -12.16 -10.44
C GLY A 1011 -27.15 -12.43 -8.99
N ALA A 1012 -27.15 -13.70 -8.59
CA ALA A 1012 -27.41 -14.03 -7.20
C ALA A 1012 -26.35 -13.44 -6.28
N VAL A 1013 -25.07 -13.57 -6.66
CA VAL A 1013 -24.00 -12.98 -5.87
C VAL A 1013 -24.14 -11.46 -5.81
N LEU A 1014 -24.47 -10.84 -6.95
CA LEU A 1014 -24.61 -9.39 -6.98
C LEU A 1014 -25.73 -8.91 -6.08
N VAL A 1015 -26.89 -9.58 -6.13
CA VAL A 1015 -28.02 -9.15 -5.32
C VAL A 1015 -27.76 -9.44 -3.84
N ASP A 1016 -27.05 -10.54 -3.54
CA ASP A 1016 -26.70 -10.81 -2.15
C ASP A 1016 -25.76 -9.73 -1.61
N ALA A 1017 -24.78 -9.32 -2.41
CA ALA A 1017 -23.88 -8.26 -1.98
C ALA A 1017 -24.63 -6.95 -1.78
N HIS A 1018 -25.56 -6.64 -2.69
CA HIS A 1018 -26.34 -5.41 -2.56
C HIS A 1018 -27.20 -5.43 -1.29
N ARG A 1019 -27.81 -6.58 -1.00
CA ARG A 1019 -28.61 -6.71 0.21
C ARG A 1019 -27.75 -6.58 1.46
N ARG A 1020 -26.57 -7.20 1.45
CA ARG A 1020 -25.69 -7.15 2.62
C ARG A 1020 -25.12 -5.75 2.82
N ILE A 1021 -24.97 -4.97 1.75
CA ILE A 1021 -24.43 -3.62 1.88
C ILE A 1021 -25.48 -2.60 2.25
N THR A 1022 -26.76 -2.98 2.29
CA THR A 1022 -27.84 -2.04 2.56
C THR A 1022 -28.72 -2.51 3.72
N ASP A 1023 -28.12 -2.90 4.83
CA ASP A 1023 -28.84 -3.34 6.01
C ASP A 1023 -28.34 -2.55 7.22
N PRO A 1024 -29.18 -2.40 8.24
CA PRO A 1024 -28.73 -1.70 9.45
C PRO A 1024 -27.64 -2.45 10.18
N GLU A 1025 -26.83 -1.70 10.93
CA GLU A 1025 -25.76 -2.25 11.76
C GLU A 1025 -24.74 -3.03 10.92
N ARG A 1026 -24.08 -2.31 10.02
CA ARG A 1026 -23.01 -2.89 9.23
C ARG A 1026 -21.69 -2.83 10.00
N ASP A 1027 -20.87 -3.85 9.82
CA ASP A 1027 -19.55 -3.86 10.45
C ASP A 1027 -18.63 -2.86 9.74
N ILE A 1028 -18.14 -1.88 10.49
CA ILE A 1028 -17.33 -0.83 9.89
C ILE A 1028 -15.98 -1.38 9.42
N GLN A 1029 -15.47 -2.43 10.07
CA GLN A 1029 -14.19 -2.99 9.71
C GLN A 1029 -14.17 -3.64 8.33
N ASP A 1030 -15.34 -3.89 7.74
CA ASP A 1030 -15.42 -4.46 6.40
C ASP A 1030 -15.45 -3.40 5.31
N PHE A 1031 -15.39 -2.12 5.68
CA PHE A 1031 -15.45 -1.01 4.73
C PHE A 1031 -14.32 -0.03 4.99
N VAL A 1032 -13.13 -0.53 5.34
CA VAL A 1032 -11.98 0.29 5.63
C VAL A 1032 -10.93 0.08 4.53
N LEU A 1033 -10.38 1.19 4.04
CA LEU A 1033 -9.34 1.16 3.03
C LEU A 1033 -8.03 1.69 3.61
N THR A 1034 -6.93 1.34 2.97
CA THR A 1034 -5.61 1.71 3.46
C THR A 1034 -4.81 2.38 2.36
N ALA A 1035 -4.08 3.44 2.71
CA ALA A 1035 -3.20 4.12 1.78
C ALA A 1035 -1.86 4.37 2.46
N GLU A 1036 -0.77 4.05 1.77
CA GLU A 1036 0.57 4.15 2.34
C GLU A 1036 1.11 5.55 2.14
N LEU A 1037 1.63 6.15 3.22
CA LEU A 1037 2.34 7.41 3.15
C LEU A 1037 3.81 7.13 2.88
N SER A 1038 4.31 7.62 1.74
CA SER A 1038 5.67 7.35 1.32
C SER A 1038 6.58 8.57 1.39
N ARG A 1039 6.03 9.77 1.39
CA ARG A 1039 6.82 11.00 1.44
C ARG A 1039 6.31 11.90 2.56
N HIS A 1040 7.09 12.93 2.84
CA HIS A 1040 6.65 13.95 3.79
C HIS A 1040 5.44 14.69 3.23
N PRO A 1041 4.50 15.08 4.10
CA PRO A 1041 3.31 15.80 3.60
C PRO A 1041 3.65 17.09 2.87
N ARG A 1042 4.73 17.77 3.26
CA ARG A 1042 5.14 18.99 2.56
C ARG A 1042 5.73 18.71 1.19
N ALA A 1043 6.01 17.46 0.86
CA ALA A 1043 6.58 17.08 -0.44
C ALA A 1043 5.54 16.51 -1.38
N TYR A 1044 4.28 16.92 -1.24
CA TYR A 1044 3.19 16.45 -2.09
C TYR A 1044 2.71 17.60 -2.95
N THR A 1045 2.71 17.40 -4.26
CA THR A 1045 2.24 18.44 -5.18
C THR A 1045 0.72 18.54 -5.18
N ASN A 1046 0.02 17.39 -5.21
CA ASN A 1046 -1.43 17.41 -5.32
C ASN A 1046 -2.10 17.88 -4.02
N LYS A 1047 -1.65 17.33 -2.89
CA LYS A 1047 -2.22 17.59 -1.57
C LYS A 1047 -3.67 17.15 -1.44
N ARG A 1048 -4.19 16.40 -2.41
CA ARG A 1048 -5.57 15.89 -2.40
C ARG A 1048 -5.49 14.40 -2.73
N LEU A 1049 -5.44 13.56 -1.70
CA LEU A 1049 -5.26 12.13 -1.89
C LEU A 1049 -6.14 11.26 -1.01
N ALA A 1050 -7.05 11.84 -0.23
CA ALA A 1050 -8.00 11.15 0.63
C ALA A 1050 -7.34 10.44 1.81
N HIS A 1051 -6.01 10.43 1.89
CA HIS A 1051 -5.32 9.94 3.07
C HIS A 1051 -4.46 11.00 3.74
N LEU A 1052 -4.03 12.04 3.00
CA LEU A 1052 -3.44 13.20 3.65
C LEU A 1052 -4.49 13.97 4.45
N THR A 1053 -5.75 13.92 4.00
CA THR A 1053 -6.84 14.53 4.78
C THR A 1053 -6.96 13.86 6.14
N VAL A 1054 -6.92 12.53 6.16
CA VAL A 1054 -6.96 11.80 7.43
C VAL A 1054 -5.74 12.12 8.28
N TYR A 1055 -4.58 12.26 7.64
CA TYR A 1055 -3.35 12.61 8.35
C TYR A 1055 -3.50 13.96 9.05
N TYR A 1056 -3.99 14.97 8.32
CA TYR A 1056 -4.15 16.29 8.90
C TYR A 1056 -5.24 16.32 9.95
N LYS A 1057 -6.31 15.54 9.77
CA LYS A 1057 -7.35 15.46 10.79
C LYS A 1057 -6.82 14.83 12.07
N LEU A 1058 -6.02 13.78 11.94
CA LEU A 1058 -5.40 13.15 13.12
C LEU A 1058 -4.45 14.12 13.80
N MET A 1059 -3.67 14.88 13.03
CA MET A 1059 -2.76 15.85 13.62
C MET A 1059 -3.50 16.98 14.32
N ALA A 1060 -4.65 17.40 13.77
CA ALA A 1060 -5.39 18.52 14.34
C ALA A 1060 -5.92 18.21 15.73
N ARG A 1061 -6.40 16.98 15.93
CA ARG A 1061 -6.99 16.58 17.20
C ARG A 1061 -5.97 15.99 18.17
N ARG A 1062 -4.67 16.09 17.86
CA ARG A 1062 -3.61 15.57 18.71
C ARG A 1062 -3.78 14.07 18.96
N ALA A 1063 -3.79 13.32 17.87
CA ALA A 1063 -3.87 11.87 17.90
C ALA A 1063 -2.50 11.28 17.52
N GLN A 1064 -2.45 9.96 17.38
CA GLN A 1064 -1.21 9.28 17.02
C GLN A 1064 -0.90 9.56 15.56
N VAL A 1065 0.01 10.49 15.32
CA VAL A 1065 0.37 10.86 13.95
C VAL A 1065 1.20 9.74 13.32
N PRO A 1066 0.82 9.21 12.17
CA PRO A 1066 1.59 8.13 11.55
C PRO A 1066 2.93 8.62 11.03
N SER A 1067 3.83 7.66 10.83
CA SER A 1067 5.18 7.95 10.37
C SER A 1067 5.17 8.15 8.84
N ILE A 1068 6.36 8.17 8.24
CA ILE A 1068 6.51 8.43 6.81
C ILE A 1068 6.62 7.13 6.02
N LYS A 1069 6.38 5.99 6.65
CA LYS A 1069 6.43 4.72 5.93
C LYS A 1069 5.31 3.75 6.29
N ASP A 1070 4.37 4.14 7.16
CA ASP A 1070 3.28 3.26 7.54
C ASP A 1070 2.01 3.65 6.78
N ARG A 1071 1.02 2.76 6.84
CA ARG A 1071 -0.21 2.90 6.08
C ARG A 1071 -1.30 3.51 6.95
N ILE A 1072 -1.96 4.54 6.43
CA ILE A 1072 -3.09 5.19 7.10
C ILE A 1072 -4.39 4.53 6.66
N PRO A 1073 -5.22 4.08 7.59
CA PRO A 1073 -6.55 3.58 7.23
C PRO A 1073 -7.61 4.67 7.29
N TYR A 1074 -8.65 4.49 6.49
CA TYR A 1074 -9.72 5.47 6.40
C TYR A 1074 -10.99 4.81 5.91
N VAL A 1075 -12.11 5.47 6.18
CA VAL A 1075 -13.43 5.04 5.72
C VAL A 1075 -14.13 6.24 5.10
N ILE A 1076 -14.88 5.99 4.03
CA ILE A 1076 -15.61 7.05 3.34
C ILE A 1076 -16.99 7.17 3.97
N VAL A 1077 -17.26 8.30 4.60
CA VAL A 1077 -18.52 8.52 5.30
C VAL A 1077 -19.57 9.06 4.33
N ALA A 1078 -20.82 9.00 4.74
CA ALA A 1078 -21.91 9.51 3.92
C ALA A 1078 -21.89 11.04 3.88
N GLN A 1079 -22.38 11.59 2.78
CA GLN A 1079 -22.43 13.03 2.58
C GLN A 1079 -23.74 13.56 3.14
N THR A 1080 -23.67 14.24 4.28
CA THR A 1080 -24.83 14.85 4.92
C THR A 1080 -24.64 16.34 5.04
N ARG A 1081 -25.71 17.03 5.46
CA ARG A 1081 -25.64 18.47 5.66
C ARG A 1081 -24.64 18.83 6.76
N GLU A 1082 -24.64 18.06 7.85
CA GLU A 1082 -23.67 18.29 8.91
C GLU A 1082 -22.25 18.06 8.41
N VAL A 1083 -22.04 17.00 7.62
CA VAL A 1083 -20.72 16.72 7.07
C VAL A 1083 -20.27 17.85 6.14
N GLU A 1084 -21.18 18.32 5.29
CA GLU A 1084 -20.84 19.41 4.37
C GLU A 1084 -20.51 20.68 5.14
N GLU A 1085 -21.28 20.99 6.19
CA GLU A 1085 -20.99 22.16 7.01
C GLU A 1085 -19.63 22.03 7.69
N THR A 1086 -19.31 20.85 8.20
CA THR A 1086 -18.01 20.63 8.83
C THR A 1086 -16.88 20.80 7.83
N VAL A 1087 -17.06 20.28 6.60
CA VAL A 1087 -16.03 20.43 5.57
C VAL A 1087 -15.85 21.89 5.23
N ALA A 1088 -16.94 22.64 5.08
CA ALA A 1088 -16.83 24.05 4.77
C ALA A 1088 -16.13 24.82 5.89
N ARG A 1089 -16.48 24.52 7.14
CA ARG A 1089 -15.83 25.19 8.27
C ARG A 1089 -14.35 24.87 8.33
N LEU A 1090 -13.97 23.61 8.10
CA LEU A 1090 -12.57 23.24 8.11
C LEU A 1090 -11.81 23.92 6.98
N ALA A 1091 -12.41 24.00 5.79
CA ALA A 1091 -11.76 24.67 4.67
C ALA A 1091 -11.58 26.16 4.95
N ALA A 1092 -12.60 26.80 5.53
CA ALA A 1092 -12.50 28.23 5.82
C ALA A 1092 -11.47 28.50 6.91
N LEU A 1093 -11.42 27.66 7.95
CA LEU A 1093 -10.51 27.91 9.06
C LEU A 1093 -9.06 27.59 8.68
N ARG A 1094 -8.85 26.49 7.97
CA ARG A 1094 -7.49 26.06 7.65
C ARG A 1094 -6.92 26.74 6.41
N GLU A 1095 -7.70 27.60 5.74
CA GLU A 1095 -7.22 28.30 4.55
C GLU A 1095 -6.13 29.30 4.91
N LYS A 1136 -23.09 21.81 -5.17
CA LYS A 1136 -22.35 20.95 -6.07
C LYS A 1136 -21.94 19.65 -5.36
N LEU A 1137 -21.58 18.64 -6.15
CA LEU A 1137 -21.16 17.36 -5.59
C LEU A 1137 -19.84 17.51 -4.83
N LEU A 1138 -19.78 16.89 -3.66
CA LEU A 1138 -18.56 16.98 -2.86
C LEU A 1138 -17.47 16.09 -3.43
N VAL A 1139 -16.23 16.56 -3.27
CA VAL A 1139 -15.07 15.79 -3.73
C VAL A 1139 -14.97 14.52 -2.90
N SER A 1140 -14.35 13.49 -3.48
CA SER A 1140 -14.24 12.18 -2.83
C SER A 1140 -13.36 12.19 -1.59
N GLU A 1141 -12.88 13.35 -1.13
CA GLU A 1141 -12.12 13.43 0.12
C GLU A 1141 -13.07 13.48 1.32
N LEU A 1142 -13.90 12.44 1.40
CA LEU A 1142 -14.81 12.26 2.53
C LEU A 1142 -14.26 11.27 3.56
N ALA A 1143 -12.99 10.89 3.43
CA ALA A 1143 -12.40 9.88 4.31
C ALA A 1143 -12.35 10.37 5.75
N GLU A 1144 -12.53 9.43 6.67
CA GLU A 1144 -12.50 9.71 8.09
C GLU A 1144 -11.79 8.56 8.79
N ASP A 1145 -11.21 8.85 9.96
CA ASP A 1145 -10.56 7.82 10.75
C ASP A 1145 -11.60 6.81 11.23
N PRO A 1146 -11.36 5.51 11.07
CA PRO A 1146 -12.37 4.52 11.51
C PRO A 1146 -12.71 4.61 12.98
N ALA A 1147 -11.73 4.90 13.84
CA ALA A 1147 -12.00 5.03 15.26
C ALA A 1147 -12.95 6.19 15.55
N TYR A 1148 -12.75 7.32 14.86
CA TYR A 1148 -13.64 8.46 15.03
C TYR A 1148 -15.07 8.12 14.59
N ALA A 1149 -15.19 7.40 13.47
CA ALA A 1149 -16.52 7.01 13.00
C ALA A 1149 -17.19 6.05 13.97
N ILE A 1150 -16.43 5.11 14.55
CA ILE A 1150 -16.99 4.21 15.54
C ILE A 1150 -17.46 4.98 16.77
N ALA A 1151 -16.63 5.93 17.24
CA ALA A 1151 -16.95 6.66 18.46
C ALA A 1151 -18.17 7.54 18.26
N HIS A 1152 -18.24 8.27 17.15
CA HIS A 1152 -19.32 9.21 16.91
C HIS A 1152 -20.49 8.60 16.15
N GLY A 1153 -20.37 7.37 15.68
CA GLY A 1153 -21.45 6.73 14.96
C GLY A 1153 -21.85 7.45 13.69
N VAL A 1154 -20.96 7.49 12.71
CA VAL A 1154 -21.18 8.19 11.45
C VAL A 1154 -21.56 7.16 10.39
N ALA A 1155 -22.65 7.42 9.67
CA ALA A 1155 -23.09 6.52 8.62
C ALA A 1155 -22.12 6.54 7.44
N LEU A 1156 -21.95 5.38 6.82
CA LEU A 1156 -21.05 5.23 5.69
C LEU A 1156 -21.78 5.47 4.38
N ASN A 1157 -21.03 5.91 3.37
CA ASN A 1157 -21.58 6.19 2.05
C ASN A 1157 -21.72 4.87 1.29
N THR A 1158 -22.94 4.31 1.32
CA THR A 1158 -23.17 3.04 0.65
C THR A 1158 -23.03 3.15 -0.87
N ASP A 1159 -23.42 4.29 -1.43
CA ASP A 1159 -23.33 4.46 -2.89
C ASP A 1159 -21.88 4.36 -3.37
N TYR A 1160 -20.95 4.98 -2.65
CA TYR A 1160 -19.56 4.93 -3.04
C TYR A 1160 -19.02 3.50 -3.04
N TYR A 1161 -19.30 2.76 -1.97
CA TYR A 1161 -18.80 1.39 -1.87
C TYR A 1161 -19.43 0.48 -2.92
N PHE A 1162 -20.74 0.64 -3.17
CA PHE A 1162 -21.39 -0.19 -4.19
C PHE A 1162 -20.85 0.14 -5.57
N SER A 1163 -20.65 1.43 -5.87
CA SER A 1163 -20.09 1.80 -7.16
C SER A 1163 -18.68 1.25 -7.34
N HIS A 1164 -17.87 1.28 -6.27
CA HIS A 1164 -16.53 0.72 -6.36
C HIS A 1164 -16.57 -0.79 -6.53
N LEU A 1165 -17.51 -1.47 -5.87
CA LEU A 1165 -17.66 -2.91 -6.06
C LEU A 1165 -18.01 -3.23 -7.52
N LEU A 1166 -18.95 -2.47 -8.09
CA LEU A 1166 -19.32 -2.71 -9.48
C LEU A 1166 -18.16 -2.40 -10.42
N GLY A 1167 -17.41 -1.34 -10.13
CA GLY A 1167 -16.26 -1.02 -10.97
C GLY A 1167 -15.18 -2.09 -10.92
N ALA A 1168 -14.89 -2.60 -9.73
CA ALA A 1168 -13.91 -3.69 -9.63
C ALA A 1168 -14.40 -4.93 -10.35
N ALA A 1169 -15.69 -5.26 -10.20
CA ALA A 1169 -16.23 -6.44 -10.87
C ALA A 1169 -16.17 -6.30 -12.38
N CYS A 1170 -16.46 -5.10 -12.91
CA CYS A 1170 -16.46 -4.93 -14.36
C CYS A 1170 -15.04 -4.89 -14.90
N VAL A 1171 -14.12 -4.22 -14.21
CA VAL A 1171 -12.74 -4.15 -14.70
C VAL A 1171 -12.07 -5.52 -14.61
N THR A 1172 -12.48 -6.37 -13.66
CA THR A 1172 -11.91 -7.70 -13.59
C THR A 1172 -12.44 -8.60 -14.71
N PHE A 1173 -13.72 -8.47 -15.04
CA PHE A 1173 -14.37 -9.37 -15.98
C PHE A 1173 -14.69 -8.69 -17.32
N LYS A 1174 -14.04 -7.57 -17.63
CA LYS A 1174 -14.29 -6.90 -18.90
C LYS A 1174 -13.72 -7.68 -20.09
N ALA A 1175 -12.81 -8.62 -19.85
CA ALA A 1175 -12.26 -9.44 -20.93
C ALA A 1175 -13.30 -10.39 -21.51
N LEU A 1176 -14.38 -10.67 -20.78
CA LEU A 1176 -15.41 -11.55 -21.29
C LEU A 1176 -16.22 -10.91 -22.40
N PHE A 1177 -16.34 -9.59 -22.39
CA PHE A 1177 -17.15 -8.85 -23.36
C PHE A 1177 -16.29 -8.02 -24.31
N GLY A 1178 -15.16 -8.58 -24.74
CA GLY A 1178 -14.30 -7.92 -25.70
C GLY A 1178 -13.60 -6.67 -25.19
N ASN A 1179 -13.19 -6.68 -23.92
CA ASN A 1179 -12.38 -5.60 -23.34
C ASN A 1179 -13.06 -4.23 -23.49
N ASN A 1180 -14.37 -4.19 -23.28
CA ASN A 1180 -15.13 -2.94 -23.32
C ASN A 1180 -15.68 -2.68 -21.93
N ALA A 1181 -15.30 -1.54 -21.34
CA ALA A 1181 -15.71 -1.22 -19.98
C ALA A 1181 -17.16 -0.79 -19.91
N LYS A 1182 -17.62 0.01 -20.88
CA LYS A 1182 -18.97 0.56 -20.82
C LYS A 1182 -20.03 -0.52 -20.95
N ILE A 1183 -19.88 -1.41 -21.92
CA ILE A 1183 -20.85 -2.48 -22.13
C ILE A 1183 -20.88 -3.42 -20.92
N THR A 1184 -19.70 -3.77 -20.41
CA THR A 1184 -19.64 -4.64 -19.23
C THR A 1184 -20.30 -3.98 -18.03
N GLU A 1185 -20.05 -2.68 -17.83
CA GLU A 1185 -20.67 -1.98 -16.71
C GLU A 1185 -22.18 -1.95 -16.85
N SER A 1186 -22.69 -1.67 -18.06
CA SER A 1186 -24.13 -1.65 -18.27
C SER A 1186 -24.74 -3.02 -18.03
N LEU A 1187 -24.09 -4.08 -18.52
CA LEU A 1187 -24.61 -5.43 -18.32
C LEU A 1187 -24.62 -5.80 -16.85
N LEU A 1188 -23.57 -5.44 -16.11
CA LEU A 1188 -23.54 -5.73 -14.69
C LEU A 1188 -24.61 -4.96 -13.93
N LYS A 1189 -24.82 -3.69 -14.29
CA LYS A 1189 -25.87 -2.90 -13.65
C LYS A 1189 -27.27 -3.40 -14.00
N ARG A 1190 -27.42 -4.06 -15.16
CA ARG A 1190 -28.70 -4.66 -15.50
C ARG A 1190 -29.09 -5.75 -14.51
N PHE A 1191 -28.12 -6.41 -13.89
CA PHE A 1191 -28.42 -7.50 -12.96
C PHE A 1191 -29.07 -6.98 -11.69
N ILE A 1192 -28.69 -5.81 -11.23
CA ILE A 1192 -29.13 -5.33 -9.91
C ILE A 1192 -30.62 -5.02 -9.94
N PRO A 1193 -31.37 -5.30 -8.88
CA PRO A 1193 -32.78 -4.89 -8.81
C PRO A 1193 -33.02 -3.54 -8.16
N GLU A 1194 -31.98 -2.73 -7.94
CA GLU A 1194 -32.13 -1.45 -7.28
C GLU A 1194 -32.80 -0.44 -8.21
N VAL A 1195 -34.11 -0.61 -8.40
CA VAL A 1195 -34.86 0.24 -9.32
C VAL A 1195 -36.07 0.84 -8.60
N TRP A 1196 -35.97 0.95 -7.27
CA TRP A 1196 -37.05 1.54 -6.50
C TRP A 1196 -37.22 3.01 -6.85
N HIS A 1197 -38.46 3.43 -7.07
CA HIS A 1197 -38.78 4.80 -7.48
C HIS A 1197 -39.87 5.35 -6.57
N PRO A 1198 -39.50 5.78 -5.37
CA PRO A 1198 -40.48 6.40 -4.47
C PRO A 1198 -40.52 7.90 -4.66
N PRO A 1199 -41.66 8.54 -4.39
CA PRO A 1199 -41.73 10.00 -4.48
C PRO A 1199 -40.79 10.67 -3.48
N ASP A 1200 -40.28 11.84 -3.87
CA ASP A 1200 -39.32 12.57 -3.04
C ASP A 1200 -40.06 13.36 -1.96
N ASP A 1201 -40.65 12.60 -1.03
CA ASP A 1201 -41.38 13.13 0.12
C ASP A 1201 -42.54 14.03 -0.28
N VAL A 1202 -43.10 13.82 -1.47
CA VAL A 1202 -44.26 14.56 -1.95
C VAL A 1202 -45.48 13.67 -2.04
N ALA A 1203 -45.37 12.40 -1.63
CA ALA A 1203 -46.50 11.48 -1.73
C ALA A 1203 -47.65 11.90 -0.83
N ALA A 1204 -47.34 12.41 0.38
CA ALA A 1204 -48.39 12.78 1.32
C ALA A 1204 -49.25 13.91 0.78
N ARG A 1205 -48.62 14.92 0.16
CA ARG A 1205 -49.39 16.04 -0.37
C ARG A 1205 -50.34 15.60 -1.47
N LEU A 1206 -49.88 14.73 -2.37
CA LEU A 1206 -50.75 14.22 -3.42
C LEU A 1206 -51.86 13.34 -2.85
N ARG A 1207 -51.53 12.52 -1.84
CA ARG A 1207 -52.54 11.67 -1.22
C ARG A 1207 -53.63 12.50 -0.56
N THR A 1208 -53.25 13.59 0.09
CA THR A 1208 -54.25 14.48 0.69
C THR A 1208 -55.09 15.21 -0.36
N ALA A 1209 -54.66 15.20 -1.61
CA ALA A 1209 -55.41 15.85 -2.69
C ALA A 1209 -56.36 14.90 -3.41
N GLY A 1210 -56.45 13.65 -2.96
CA GLY A 1210 -57.33 12.69 -3.60
C GLY A 1210 -56.69 11.98 -4.77
N PHE A 1211 -55.50 11.44 -4.56
CA PHE A 1211 -54.76 10.73 -5.60
C PHE A 1211 -54.83 9.23 -5.35
N GLY A 1212 -55.20 8.48 -6.37
CA GLY A 1212 -55.25 7.03 -6.24
C GLY A 1212 -53.87 6.42 -6.14
N ALA A 1213 -53.83 5.23 -5.54
CA ALA A 1213 -52.59 4.49 -5.33
C ALA A 1213 -52.53 3.33 -6.32
N VAL A 1214 -51.40 3.21 -7.01
CA VAL A 1214 -51.18 2.16 -8.00
C VAL A 1214 -49.99 1.33 -7.55
N GLY A 1215 -50.17 0.01 -7.51
CA GLY A 1215 -49.07 -0.87 -7.14
C GLY A 1215 -48.72 -0.75 -5.66
N ALA A 1216 -47.45 -0.99 -5.36
CA ALA A 1216 -46.88 -0.91 -4.00
C ALA A 1216 -47.62 -1.94 -3.14
N GLY A 1217 -48.14 -1.58 -1.98
CA GLY A 1217 -48.78 -2.55 -1.11
C GLY A 1217 -50.12 -3.05 -1.63
N ALA A 1218 -50.78 -2.28 -2.49
CA ALA A 1218 -52.06 -2.69 -3.06
C ALA A 1218 -51.78 -3.65 -4.23
N THR A 1219 -51.64 -4.92 -3.87
CA THR A 1219 -51.32 -5.97 -4.84
C THR A 1219 -52.55 -6.67 -5.40
N ALA A 1220 -53.75 -6.28 -4.96
CA ALA A 1220 -54.97 -6.93 -5.41
C ALA A 1220 -55.43 -6.30 -6.73
N GLU A 1221 -56.64 -6.65 -7.16
CA GLU A 1221 -57.09 -6.33 -8.51
C GLU A 1221 -57.66 -4.91 -8.65
N GLU A 1222 -58.02 -4.26 -7.55
CA GLU A 1222 -58.66 -2.95 -7.66
C GLU A 1222 -57.76 -1.92 -8.34
N THR A 1223 -56.44 -2.11 -8.23
CA THR A 1223 -55.51 -1.21 -8.91
C THR A 1223 -55.78 -1.18 -10.40
N ARG A 1224 -56.10 -2.33 -11.00
CA ARG A 1224 -56.51 -2.36 -12.39
C ARG A 1224 -57.68 -1.42 -12.63
N ARG A 1225 -58.73 -1.54 -11.81
CA ARG A 1225 -59.84 -0.60 -11.89
C ARG A 1225 -59.35 0.83 -11.66
N MET A 1226 -58.40 1.01 -10.75
CA MET A 1226 -57.79 2.31 -10.54
C MET A 1226 -57.27 2.89 -11.86
N LEU A 1227 -56.61 2.05 -12.66
CA LEU A 1227 -56.17 2.49 -13.98
C LEU A 1227 -57.35 2.99 -14.80
N HIS A 1228 -58.41 2.19 -14.87
CA HIS A 1228 -59.66 2.67 -15.46
C HIS A 1228 -60.10 3.95 -14.79
N ARG A 1229 -60.14 3.93 -13.45
CA ARG A 1229 -60.52 5.09 -12.67
C ARG A 1229 -59.63 6.29 -12.97
N ALA A 1230 -58.39 6.05 -13.40
CA ALA A 1230 -57.54 7.15 -13.83
C ALA A 1230 -57.83 7.56 -15.27
N PHE A 1231 -57.98 6.57 -16.16
CA PHE A 1231 -58.09 6.88 -17.58
C PHE A 1231 -59.38 7.63 -17.89
N ASP A 1232 -60.49 7.23 -17.26
CA ASP A 1232 -61.74 7.96 -17.44
C ASP A 1232 -61.60 9.39 -16.96
N THR A 1233 -60.71 9.65 -16.00
CA THR A 1233 -60.46 11.03 -15.58
C THR A 1233 -59.64 11.79 -16.62
N LEU A 1234 -58.78 11.09 -17.36
CA LEU A 1234 -57.90 11.73 -18.35
C LEU A 1234 -58.47 11.65 -19.77
N ALA A 1235 -58.75 10.44 -20.25
CA ALA A 1235 -59.27 10.26 -21.59
C ALA A 1235 -60.79 10.11 -21.58
N ALA B 54 -45.16 -14.03 -26.34
CA ALA B 54 -45.34 -12.84 -25.53
C ALA B 54 -46.77 -12.73 -25.03
N PRO B 55 -46.97 -12.98 -23.73
CA PRO B 55 -48.34 -12.91 -23.17
C PRO B 55 -48.96 -11.52 -23.24
N CYS B 56 -48.15 -10.47 -23.34
CA CYS B 56 -48.65 -9.10 -23.39
C CYS B 56 -48.02 -8.35 -24.57
N GLN B 57 -48.01 -8.99 -25.73
CA GLN B 57 -47.46 -8.35 -26.92
C GLN B 57 -48.37 -7.20 -27.36
N VAL B 58 -47.75 -6.08 -27.74
CA VAL B 58 -48.46 -4.89 -28.19
C VAL B 58 -47.92 -4.51 -29.56
N VAL B 59 -48.81 -4.40 -30.53
CA VAL B 59 -48.45 -4.03 -31.90
C VAL B 59 -49.13 -2.72 -32.24
N LEU B 60 -48.34 -1.75 -32.69
CA LEU B 60 -48.82 -0.43 -33.11
C LEU B 60 -48.44 -0.22 -34.57
N GLN B 61 -49.44 -0.22 -35.44
CA GLN B 61 -49.23 -0.12 -36.88
C GLN B 61 -49.24 1.35 -37.33
N GLY B 62 -49.08 1.55 -38.63
CA GLY B 62 -48.96 2.90 -39.17
C GLY B 62 -50.21 3.75 -38.98
N ALA B 63 -51.39 3.13 -39.07
CA ALA B 63 -52.64 3.88 -38.94
C ALA B 63 -52.72 4.59 -37.60
N GLU B 64 -52.34 3.92 -36.53
CA GLU B 64 -52.24 4.55 -35.21
C GLU B 64 -50.89 5.22 -34.99
N LEU B 65 -49.86 4.82 -35.75
CA LEU B 65 -48.57 5.48 -35.64
C LEU B 65 -48.66 6.94 -36.05
N ASN B 66 -49.48 7.24 -37.06
CA ASN B 66 -49.68 8.63 -37.45
C ASN B 66 -50.25 9.45 -36.30
N GLY B 67 -51.27 8.91 -35.62
CA GLY B 67 -51.84 9.62 -34.50
C GLY B 67 -50.86 9.77 -33.34
N ILE B 68 -50.10 8.73 -33.05
CA ILE B 68 -49.11 8.80 -31.97
C ILE B 68 -48.05 9.85 -32.29
N LEU B 69 -47.58 9.88 -33.54
CA LEU B 69 -46.58 10.86 -33.94
C LEU B 69 -47.14 12.28 -33.87
N GLN B 70 -48.41 12.45 -34.28
CA GLN B 70 -49.04 13.76 -34.18
C GLN B 70 -49.14 14.20 -32.72
N ALA B 71 -49.49 13.27 -31.83
CA ALA B 71 -49.59 13.60 -30.41
C ALA B 71 -48.23 13.97 -29.84
N PHE B 72 -47.18 13.25 -30.24
CA PHE B 72 -45.84 13.49 -29.70
C PHE B 72 -45.11 14.64 -30.38
N ALA B 73 -45.62 15.16 -31.50
CA ALA B 73 -44.98 16.25 -32.22
C ALA B 73 -44.73 17.47 -31.32
N PRO B 74 -45.72 17.95 -30.55
CA PRO B 74 -45.41 19.03 -29.59
C PRO B 74 -44.62 18.54 -28.39
N LEU B 75 -44.55 17.23 -28.15
CA LEU B 75 -43.83 16.67 -27.01
C LEU B 75 -42.43 16.22 -27.46
N ARG B 76 -41.61 17.21 -27.80
CA ARG B 76 -40.24 16.97 -28.21
C ARG B 76 -39.28 16.84 -27.04
N THR B 77 -39.80 16.81 -25.81
CA THR B 77 -38.97 16.74 -24.61
C THR B 77 -39.78 16.16 -23.46
N SER B 78 -39.27 16.32 -22.23
CA SER B 78 -39.98 15.94 -21.02
C SER B 78 -40.20 14.43 -20.94
N LEU B 79 -41.01 13.89 -21.86
CA LEU B 79 -41.40 12.48 -21.80
C LEU B 79 -40.22 11.54 -22.03
N LEU B 80 -39.07 12.09 -22.45
CA LEU B 80 -37.86 11.28 -22.59
C LEU B 80 -37.46 10.70 -21.24
N ASP B 81 -37.52 11.51 -20.19
CA ASP B 81 -37.23 11.06 -18.83
C ASP B 81 -38.55 10.96 -18.08
N SER B 82 -39.17 9.78 -18.11
CA SER B 82 -40.50 9.62 -17.55
C SER B 82 -40.76 8.15 -17.25
N LEU B 83 -41.80 7.90 -16.47
CA LEU B 83 -42.23 6.55 -16.13
C LEU B 83 -43.43 6.17 -16.99
N LEU B 84 -43.54 4.88 -17.30
CA LEU B 84 -44.63 4.36 -18.13
C LEU B 84 -45.32 3.23 -17.38
N VAL B 85 -46.57 3.43 -17.00
CA VAL B 85 -47.35 2.42 -16.30
C VAL B 85 -48.35 1.81 -17.27
N MET B 86 -48.36 0.49 -17.35
CA MET B 86 -49.17 -0.24 -18.31
C MET B 86 -50.02 -1.27 -17.58
N GLY B 87 -51.24 -1.46 -18.06
CA GLY B 87 -52.17 -2.42 -17.50
C GLY B 87 -53.07 -2.98 -18.57
N ASP B 88 -54.30 -3.33 -18.17
CA ASP B 88 -55.25 -3.94 -19.08
C ASP B 88 -56.03 -2.93 -19.91
N ARG B 89 -55.81 -1.63 -19.71
CA ARG B 89 -56.52 -0.60 -20.45
C ARG B 89 -55.63 0.18 -21.41
N GLY B 90 -54.40 0.48 -21.02
CA GLY B 90 -53.53 1.26 -21.89
C GLY B 90 -52.25 1.63 -21.18
N ILE B 91 -51.65 2.73 -21.66
CA ILE B 91 -50.36 3.19 -21.17
C ILE B 91 -50.52 4.62 -20.64
N LEU B 92 -50.05 4.84 -19.42
CA LEU B 92 -50.04 6.17 -18.83
C LEU B 92 -48.59 6.61 -18.61
N ILE B 93 -48.25 7.79 -19.11
CA ILE B 93 -46.90 8.33 -19.01
C ILE B 93 -46.90 9.39 -17.93
N HIS B 94 -46.04 9.22 -16.93
CA HIS B 94 -45.99 10.07 -15.75
C HIS B 94 -44.64 10.77 -15.67
N ASN B 95 -44.67 12.06 -15.37
CA ASN B 95 -43.45 12.86 -15.25
C ASN B 95 -43.66 13.93 -14.20
N THR B 96 -42.55 14.48 -13.70
CA THR B 96 -42.52 15.41 -12.57
C THR B 96 -41.82 16.70 -12.97
N ILE B 97 -42.27 17.31 -14.07
CA ILE B 97 -41.55 18.42 -14.67
C ILE B 97 -41.76 19.68 -13.84
N PHE B 98 -40.68 20.18 -13.24
CA PHE B 98 -40.71 21.36 -12.36
C PHE B 98 -41.70 21.18 -11.22
N GLY B 99 -41.74 19.97 -10.65
CA GLY B 99 -42.70 19.68 -9.61
C GLY B 99 -44.14 19.70 -10.09
N GLU B 100 -44.34 19.51 -11.39
CA GLU B 100 -45.66 19.55 -12.01
C GLU B 100 -45.94 18.18 -12.60
N GLN B 101 -47.13 17.64 -12.31
CA GLN B 101 -47.47 16.27 -12.70
C GLN B 101 -47.87 16.26 -14.17
N VAL B 102 -47.01 15.73 -15.03
CA VAL B 102 -47.28 15.63 -16.45
C VAL B 102 -47.78 14.23 -16.73
N PHE B 103 -48.98 14.12 -17.30
CA PHE B 103 -49.62 12.84 -17.55
C PHE B 103 -50.06 12.74 -19.00
N LEU B 104 -49.70 11.63 -19.64
CA LEU B 104 -50.12 11.35 -21.01
C LEU B 104 -50.87 10.03 -21.07
N PRO B 105 -52.17 10.03 -21.31
CA PRO B 105 -52.90 8.76 -21.45
C PRO B 105 -52.88 8.24 -22.88
N LEU B 106 -52.92 6.91 -23.00
CA LEU B 106 -52.99 6.23 -24.28
C LEU B 106 -53.90 5.02 -24.10
N GLU B 107 -55.13 5.13 -24.58
CA GLU B 107 -56.14 4.09 -24.42
C GLU B 107 -55.84 2.92 -25.36
N HIS B 108 -56.48 1.78 -25.06
CA HIS B 108 -56.33 0.59 -25.91
C HIS B 108 -56.79 0.86 -27.33
N SER B 109 -57.81 1.70 -27.50
CA SER B 109 -58.30 2.03 -28.84
C SER B 109 -57.25 2.76 -29.67
N GLN B 110 -56.22 3.31 -29.04
CA GLN B 110 -55.13 3.99 -29.74
C GLN B 110 -54.06 3.03 -30.23
N PHE B 111 -54.18 1.74 -29.92
CA PHE B 111 -53.27 0.73 -30.42
C PHE B 111 -54.05 -0.31 -31.21
N SER B 112 -53.42 -0.80 -32.28
CA SER B 112 -54.07 -1.82 -33.11
C SER B 112 -54.16 -3.16 -32.38
N ARG B 113 -53.08 -3.57 -31.73
CA ARG B 113 -52.98 -4.87 -31.09
C ARG B 113 -52.39 -4.74 -29.69
N TYR B 114 -52.98 -3.88 -28.86
CA TYR B 114 -52.61 -3.81 -27.46
C TYR B 114 -53.21 -4.99 -26.70
N ARG B 115 -52.44 -5.55 -25.77
CA ARG B 115 -52.90 -6.69 -24.99
C ARG B 115 -52.14 -6.76 -23.67
N TRP B 116 -52.83 -7.20 -22.62
CA TRP B 116 -52.22 -7.39 -21.31
C TRP B 116 -52.84 -8.61 -20.66
N ARG B 117 -52.06 -9.28 -19.80
CA ARG B 117 -52.52 -10.49 -19.13
C ARG B 117 -52.26 -10.44 -17.63
N GLY B 118 -51.24 -9.70 -17.21
CA GLY B 118 -50.87 -9.65 -15.81
C GLY B 118 -51.41 -8.44 -15.11
N PRO B 119 -50.87 -8.15 -13.92
CA PRO B 119 -51.27 -6.94 -13.20
C PRO B 119 -50.61 -5.69 -13.74
N THR B 120 -50.81 -4.55 -13.08
CA THR B 120 -50.19 -3.31 -13.52
C THR B 120 -48.67 -3.40 -13.40
N ALA B 121 -47.98 -2.77 -14.34
CA ALA B 121 -46.52 -2.78 -14.38
C ALA B 121 -46.01 -1.37 -14.64
N ALA B 122 -44.79 -1.12 -14.20
CA ALA B 122 -44.13 0.17 -14.38
C ALA B 122 -42.77 -0.04 -15.00
N PHE B 123 -42.47 0.73 -16.05
CA PHE B 123 -41.20 0.65 -16.76
C PHE B 123 -40.60 2.04 -16.88
N LEU B 124 -39.29 2.13 -16.68
CA LEU B 124 -38.56 3.38 -16.85
C LEU B 124 -38.05 3.45 -18.28
N SER B 125 -38.28 4.58 -18.94
CA SER B 125 -38.06 4.67 -20.38
C SER B 125 -36.58 4.46 -20.74
N LEU B 126 -35.68 5.06 -19.96
CA LEU B 126 -34.26 4.96 -20.26
C LEU B 126 -33.76 3.54 -20.02
N VAL B 127 -32.91 3.06 -20.93
CA VAL B 127 -32.24 1.77 -20.79
C VAL B 127 -30.74 2.02 -20.83
N ASP B 128 -30.05 1.62 -19.76
CA ASP B 128 -28.60 1.81 -19.63
C ASP B 128 -28.19 3.27 -19.82
N GLN B 129 -29.09 4.18 -19.48
CA GLN B 129 -28.86 5.63 -19.48
C GLN B 129 -28.78 6.20 -20.89
N LYS B 130 -29.40 7.35 -21.11
CA LYS B 130 -29.33 8.10 -22.37
C LYS B 130 -29.84 7.29 -23.56
N ARG B 131 -30.81 6.41 -23.32
CA ARG B 131 -31.45 5.64 -24.40
C ARG B 131 -32.90 5.42 -23.98
N SER B 132 -33.78 6.31 -24.43
CA SER B 132 -35.18 6.29 -24.03
C SER B 132 -35.98 5.37 -24.93
N LEU B 133 -36.89 4.61 -24.32
CA LEU B 133 -37.81 3.77 -25.09
C LEU B 133 -38.78 4.61 -25.93
N LEU B 134 -38.99 5.87 -25.55
CA LEU B 134 -39.89 6.76 -26.25
C LEU B 134 -39.20 7.56 -27.35
N SER B 135 -37.91 7.28 -27.60
CA SER B 135 -37.17 8.01 -28.63
C SER B 135 -37.70 7.76 -30.04
N VAL B 136 -38.52 6.73 -30.24
CA VAL B 136 -39.13 6.53 -31.54
C VAL B 136 -40.21 7.59 -31.79
N PHE B 137 -40.89 8.04 -30.75
CA PHE B 137 -41.96 9.02 -30.89
C PHE B 137 -41.45 10.42 -30.55
N ARG B 138 -40.60 10.93 -31.44
CA ARG B 138 -40.13 12.32 -31.32
C ARG B 138 -39.75 12.84 -32.70
N ALA B 139 -40.34 13.96 -33.09
CA ALA B 139 -40.03 14.69 -34.32
C ALA B 139 -39.82 13.77 -35.51
N ASN B 140 -38.62 13.81 -36.09
CA ASN B 140 -38.25 13.00 -37.24
C ASN B 140 -36.88 12.38 -37.03
N GLN B 141 -36.66 11.80 -35.84
CA GLN B 141 -35.40 11.12 -35.56
C GLN B 141 -35.16 9.98 -36.55
N TYR B 142 -36.18 9.17 -36.78
CA TYR B 142 -36.14 8.12 -37.79
C TYR B 142 -37.22 8.40 -38.82
N PRO B 143 -36.88 8.94 -39.98
CA PRO B 143 -37.91 9.38 -40.95
C PRO B 143 -38.58 8.22 -41.67
N ASP B 144 -38.32 6.99 -41.25
CA ASP B 144 -38.85 5.80 -41.90
C ASP B 144 -39.56 4.90 -40.89
N LEU B 145 -40.40 5.50 -40.04
CA LEU B 145 -41.12 4.73 -39.04
C LEU B 145 -42.23 3.91 -39.69
N ARG B 146 -42.28 2.62 -39.38
CA ARG B 146 -43.29 1.73 -39.93
C ARG B 146 -44.19 1.13 -38.86
N ARG B 147 -43.62 0.48 -37.84
CA ARG B 147 -44.42 -0.22 -36.85
C ARG B 147 -43.64 -0.27 -35.54
N VAL B 148 -44.37 -0.35 -34.44
CA VAL B 148 -43.79 -0.41 -33.10
C VAL B 148 -44.27 -1.68 -32.42
N GLU B 149 -43.34 -2.42 -31.81
CA GLU B 149 -43.66 -3.65 -31.10
C GLU B 149 -43.17 -3.53 -29.65
N LEU B 150 -44.04 -3.85 -28.72
CA LEU B 150 -43.69 -3.92 -27.30
C LEU B 150 -43.88 -5.37 -26.85
N ALA B 151 -42.81 -5.96 -26.33
CA ALA B 151 -42.79 -7.38 -25.98
C ALA B 151 -42.59 -7.51 -24.47
N ILE B 152 -43.68 -7.74 -23.74
CA ILE B 152 -43.63 -8.01 -22.31
C ILE B 152 -43.58 -9.53 -22.13
N THR B 153 -42.50 -10.01 -21.51
CA THR B 153 -42.33 -11.44 -21.32
C THR B 153 -41.79 -11.71 -19.92
N GLY B 154 -42.11 -12.89 -19.38
CA GLY B 154 -41.62 -13.28 -18.08
C GLY B 154 -42.71 -13.45 -17.04
N GLN B 155 -42.33 -13.47 -15.77
CA GLN B 155 -43.27 -13.64 -14.69
C GLN B 155 -43.69 -12.29 -14.13
N ALA B 156 -44.68 -12.33 -13.23
CA ALA B 156 -45.27 -11.10 -12.69
C ALA B 156 -44.26 -10.12 -12.09
N PRO B 157 -43.30 -10.53 -11.27
CA PRO B 157 -42.28 -9.59 -10.80
C PRO B 157 -41.03 -9.54 -11.66
N PHE B 158 -40.98 -10.28 -12.77
CA PHE B 158 -39.82 -10.30 -13.65
C PHE B 158 -40.21 -10.00 -15.09
N ARG B 159 -41.30 -9.26 -15.29
CA ARG B 159 -41.70 -8.90 -16.64
C ARG B 159 -40.69 -7.96 -17.28
N THR B 160 -40.41 -8.18 -18.56
CA THR B 160 -39.44 -7.40 -19.31
C THR B 160 -40.08 -6.90 -20.59
N LEU B 161 -39.81 -5.65 -20.92
CA LEU B 161 -40.30 -5.01 -22.14
C LEU B 161 -39.19 -4.98 -23.18
N VAL B 162 -39.49 -5.52 -24.35
CA VAL B 162 -38.55 -5.55 -25.47
C VAL B 162 -39.17 -4.75 -26.61
N GLN B 163 -38.45 -3.72 -27.05
CA GLN B 163 -38.90 -2.82 -28.11
C GLN B 163 -38.10 -3.09 -29.38
N ARG B 164 -38.80 -3.41 -30.45
CA ARG B 164 -38.23 -3.61 -31.78
C ARG B 164 -38.87 -2.64 -32.75
N ILE B 165 -38.06 -2.06 -33.63
CA ILE B 165 -38.50 -0.98 -34.51
C ILE B 165 -38.36 -1.41 -35.96
N TRP B 166 -39.38 -1.11 -36.76
CA TRP B 166 -39.38 -1.38 -38.19
C TRP B 166 -38.82 -0.17 -38.95
N THR B 167 -38.74 -0.30 -40.27
CA THR B 167 -38.19 0.76 -41.10
C THR B 167 -38.76 0.66 -42.51
N THR B 168 -39.28 1.78 -43.01
CA THR B 168 -39.73 1.87 -44.41
C THR B 168 -38.55 2.28 -45.26
N THR B 169 -37.79 1.29 -45.73
CA THR B 169 -36.63 1.56 -46.56
C THR B 169 -37.08 2.01 -47.96
N SER B 170 -36.10 2.21 -48.83
CA SER B 170 -36.39 2.67 -50.18
C SER B 170 -37.22 1.65 -50.96
N ASP B 171 -37.09 0.37 -50.62
CA ASP B 171 -37.84 -0.68 -51.33
C ASP B 171 -38.38 -1.73 -50.36
N GLY B 172 -38.65 -1.34 -49.11
CA GLY B 172 -39.16 -2.29 -48.15
C GLY B 172 -39.73 -1.60 -46.93
N GLU B 173 -40.49 -2.36 -46.16
CA GLU B 173 -41.10 -1.91 -44.91
C GLU B 173 -40.96 -2.98 -43.83
N ALA B 174 -39.82 -3.65 -43.82
CA ALA B 174 -39.54 -4.76 -42.92
C ALA B 174 -38.91 -4.24 -41.64
N VAL B 175 -38.35 -5.16 -40.84
CA VAL B 175 -37.70 -4.78 -39.59
C VAL B 175 -36.41 -4.01 -39.87
N GLU B 176 -35.50 -4.61 -40.64
CA GLU B 176 -34.18 -4.05 -40.91
C GLU B 176 -33.45 -3.67 -39.63
N LEU B 177 -33.89 -2.62 -38.96
CA LEU B 177 -33.26 -2.15 -37.74
C LEU B 177 -33.30 -3.21 -36.65
N ALA B 178 -32.12 -3.73 -36.29
CA ALA B 178 -32.01 -4.74 -35.25
C ALA B 178 -31.09 -4.34 -34.11
N SER B 179 -30.22 -3.35 -34.31
CA SER B 179 -29.33 -2.88 -33.25
C SER B 179 -29.98 -1.85 -32.36
N GLU B 180 -31.18 -1.38 -32.69
CA GLU B 180 -31.89 -0.39 -31.89
C GLU B 180 -32.93 -1.01 -30.97
N THR B 181 -33.03 -2.35 -30.93
CA THR B 181 -33.95 -2.99 -30.01
C THR B 181 -33.52 -2.74 -28.57
N LEU B 182 -34.49 -2.54 -27.68
CA LEU B 182 -34.21 -2.20 -26.30
C LEU B 182 -34.88 -3.18 -25.36
N MET B 183 -34.28 -3.38 -24.18
CA MET B 183 -34.82 -4.25 -23.15
C MET B 183 -34.82 -3.52 -21.82
N LYS B 184 -35.96 -3.55 -21.13
CA LYS B 184 -36.08 -2.91 -19.83
C LYS B 184 -36.85 -3.82 -18.89
N ARG B 185 -36.32 -4.03 -17.69
CA ARG B 185 -36.93 -4.94 -16.73
C ARG B 185 -37.92 -4.19 -15.83
N GLU B 186 -38.73 -4.96 -15.11
CA GLU B 186 -39.76 -4.40 -14.25
C GLU B 186 -39.16 -3.56 -13.13
N LEU B 187 -39.89 -2.52 -12.74
CA LEU B 187 -39.47 -1.61 -11.68
C LEU B 187 -39.68 -2.18 -10.28
N THR B 188 -40.14 -3.42 -10.17
CA THR B 188 -40.39 -4.10 -8.90
C THR B 188 -41.30 -3.28 -7.99
N SER B 189 -40.75 -2.66 -6.97
CA SER B 189 -41.53 -1.89 -6.01
C SER B 189 -41.68 -0.46 -6.50
N PHE B 190 -42.92 -0.03 -6.70
CA PHE B 190 -43.22 1.31 -7.19
C PHE B 190 -44.58 1.74 -6.68
N VAL B 191 -44.72 3.04 -6.41
CA VAL B 191 -46.00 3.64 -6.07
C VAL B 191 -46.21 4.86 -6.95
N VAL B 192 -47.38 4.93 -7.59
CA VAL B 192 -47.72 6.01 -8.51
C VAL B 192 -49.03 6.64 -8.04
N LEU B 193 -49.03 7.96 -7.94
CA LEU B 193 -50.22 8.72 -7.54
C LEU B 193 -50.75 9.47 -8.76
N VAL B 194 -52.02 9.25 -9.07
CA VAL B 194 -52.66 9.85 -10.24
C VAL B 194 -53.78 10.77 -9.78
N PRO B 195 -53.91 11.96 -10.36
CA PRO B 195 -55.02 12.86 -9.98
C PRO B 195 -56.35 12.29 -10.43
N GLN B 196 -57.24 12.04 -9.47
CA GLN B 196 -58.56 11.53 -9.77
C GLN B 196 -59.58 12.28 -8.90
N GLY B 197 -60.77 12.47 -9.46
CA GLY B 197 -61.83 13.13 -8.75
C GLY B 197 -62.78 13.79 -9.73
N THR B 198 -63.72 14.55 -9.18
CA THR B 198 -64.67 15.26 -10.02
C THR B 198 -63.96 16.37 -10.79
N PRO B 199 -64.23 16.54 -12.08
CA PRO B 199 -63.63 17.65 -12.82
C PRO B 199 -64.08 19.02 -12.36
N ASP B 200 -65.19 19.09 -11.63
CA ASP B 200 -65.80 20.37 -11.20
C ASP B 200 -66.12 21.17 -12.46
N VAL B 201 -66.01 22.51 -12.37
CA VAL B 201 -66.33 23.35 -13.52
C VAL B 201 -65.24 23.20 -14.57
N GLN B 202 -65.67 23.00 -15.82
CA GLN B 202 -64.77 22.90 -16.96
C GLN B 202 -64.92 24.14 -17.84
N LEU B 203 -64.09 24.20 -18.88
CA LEU B 203 -64.10 25.33 -19.80
C LEU B 203 -63.25 24.99 -21.00
N ARG B 204 -63.62 25.54 -22.16
CA ARG B 204 -62.91 25.30 -23.42
C ARG B 204 -62.06 26.54 -23.73
N LEU B 205 -60.86 26.58 -23.17
CA LEU B 205 -59.93 27.67 -23.45
C LEU B 205 -59.29 27.47 -24.81
N THR B 206 -59.24 28.53 -25.61
CA THR B 206 -58.73 28.45 -26.97
C THR B 206 -57.25 28.85 -27.01
N ARG B 207 -56.65 28.69 -28.19
CA ARG B 207 -55.23 28.99 -28.37
C ARG B 207 -54.87 30.44 -28.07
N PRO B 208 -55.56 31.45 -28.61
CA PRO B 208 -55.12 32.85 -28.36
C PRO B 208 -55.21 33.27 -26.90
N GLN B 209 -56.00 32.58 -26.07
CA GLN B 209 -56.16 33.00 -24.69
C GLN B 209 -54.90 32.84 -23.86
N LEU B 210 -53.96 31.98 -24.29
CA LEU B 210 -52.75 31.75 -23.53
C LEU B 210 -51.84 32.97 -23.49
N THR B 211 -52.06 33.96 -24.36
CA THR B 211 -51.25 35.17 -24.36
C THR B 211 -51.49 36.02 -23.12
N LYS B 212 -52.61 35.82 -22.43
CA LYS B 212 -52.94 36.60 -21.25
C LYS B 212 -53.22 35.78 -20.00
N VAL B 213 -53.63 34.52 -20.13
CA VAL B 213 -53.87 33.68 -18.95
C VAL B 213 -52.60 32.99 -18.47
N LEU B 214 -51.56 32.91 -19.30
CA LEU B 214 -50.29 32.30 -18.92
C LEU B 214 -49.23 33.35 -18.63
N ASN B 215 -49.06 34.32 -19.54
CA ASN B 215 -48.04 35.36 -19.41
C ASN B 215 -48.60 36.57 -18.66
N ALA B 216 -49.01 36.34 -17.41
CA ALA B 216 -49.56 37.40 -16.58
C ALA B 216 -48.69 37.73 -15.37
N THR B 217 -48.48 36.77 -14.46
CA THR B 217 -47.63 37.01 -13.30
C THR B 217 -46.46 36.03 -13.22
N GLY B 218 -46.72 34.72 -13.19
CA GLY B 218 -45.71 33.70 -13.02
C GLY B 218 -44.61 34.02 -12.02
N ALA B 219 -44.97 34.65 -10.90
CA ALA B 219 -43.98 35.17 -9.96
C ALA B 219 -44.36 34.82 -8.53
N ASP B 220 -44.66 33.55 -8.29
CA ASP B 220 -44.87 33.02 -6.94
C ASP B 220 -46.03 33.73 -6.24
N SER B 221 -46.11 33.61 -4.92
CA SER B 221 -47.19 34.25 -4.17
C SER B 221 -46.97 35.74 -3.98
N ALA B 222 -45.75 36.24 -4.21
CA ALA B 222 -45.52 37.68 -4.17
C ALA B 222 -46.32 38.38 -5.26
N THR B 223 -46.38 37.80 -6.45
CA THR B 223 -47.22 38.27 -7.55
C THR B 223 -48.05 37.09 -8.01
N PRO B 224 -49.15 36.80 -7.33
CA PRO B 224 -49.97 35.64 -7.69
C PRO B 224 -51.05 35.98 -8.70
N THR B 225 -51.65 34.93 -9.28
CA THR B 225 -52.76 35.09 -10.20
C THR B 225 -54.11 35.13 -9.51
N THR B 226 -54.19 34.74 -8.24
CA THR B 226 -55.43 34.74 -7.47
C THR B 226 -56.55 34.01 -8.24
N PHE B 227 -56.33 32.71 -8.41
CA PHE B 227 -57.22 31.87 -9.21
C PHE B 227 -58.66 31.99 -8.73
N GLU B 228 -59.52 32.59 -9.57
CA GLU B 228 -60.93 32.76 -9.27
C GLU B 228 -61.71 32.64 -10.57
N LEU B 229 -63.04 32.66 -10.44
CA LEU B 229 -63.93 32.76 -11.59
C LEU B 229 -64.65 34.10 -11.63
N GLY B 230 -65.38 34.43 -10.56
CA GLY B 230 -66.09 35.69 -10.51
C GLY B 230 -67.21 35.68 -9.49
N VAL B 231 -67.39 36.81 -8.79
CA VAL B 231 -68.46 36.91 -7.80
C VAL B 231 -69.84 37.08 -8.42
N ASN B 232 -69.91 37.30 -9.73
CA ASN B 232 -71.18 37.50 -10.41
C ASN B 232 -71.47 36.46 -11.48
N GLY B 233 -70.51 35.63 -11.85
CA GLY B 233 -70.76 34.58 -12.83
C GLY B 233 -69.92 34.67 -14.09
N LYS B 234 -68.76 35.30 -13.99
CA LYS B 234 -67.83 35.46 -15.09
C LYS B 234 -66.63 34.54 -14.90
N PHE B 235 -65.63 34.71 -15.77
CA PHE B 235 -64.34 34.03 -15.65
C PHE B 235 -63.21 35.04 -15.76
N SER B 236 -63.34 36.14 -15.01
CA SER B 236 -62.34 37.21 -15.01
C SER B 236 -61.38 36.96 -13.85
N VAL B 237 -60.14 36.61 -14.18
CA VAL B 237 -59.12 36.31 -13.18
C VAL B 237 -58.27 37.56 -13.02
N PHE B 238 -58.69 38.45 -12.11
CA PHE B 238 -57.89 39.62 -11.77
C PHE B 238 -56.67 39.18 -10.97
N THR B 239 -55.51 39.17 -11.63
CA THR B 239 -54.33 38.57 -10.99
C THR B 239 -53.68 39.54 -10.01
N THR B 240 -53.02 40.59 -10.51
CA THR B 240 -52.66 41.71 -9.66
C THR B 240 -52.95 43.04 -10.33
N SER B 241 -52.66 43.15 -11.62
CA SER B 241 -52.95 44.36 -12.38
C SER B 241 -53.49 44.11 -13.78
N THR B 242 -53.23 42.95 -14.40
CA THR B 242 -53.63 42.74 -15.78
C THR B 242 -55.14 42.65 -15.91
N CYS B 243 -55.80 41.93 -15.00
CA CYS B 243 -57.26 41.81 -14.95
C CYS B 243 -57.80 41.25 -16.28
N VAL B 244 -57.41 40.02 -16.58
CA VAL B 244 -57.97 39.34 -17.74
C VAL B 244 -59.45 39.09 -17.49
N THR B 245 -60.29 39.41 -18.48
CA THR B 245 -61.73 39.38 -18.32
C THR B 245 -62.33 38.42 -19.34
N PHE B 246 -63.05 37.42 -18.84
CA PHE B 246 -63.80 36.49 -19.66
C PHE B 246 -65.27 36.53 -19.25
N ALA B 247 -66.15 36.10 -20.17
CA ALA B 247 -67.58 36.21 -19.96
C ALA B 247 -68.24 34.91 -19.51
N ALA B 248 -67.47 33.84 -19.33
CA ALA B 248 -68.01 32.54 -18.92
C ALA B 248 -69.05 32.05 -19.90
N ARG B 249 -70.33 32.30 -19.61
CA ARG B 249 -71.45 31.84 -20.44
C ARG B 249 -71.40 30.32 -20.63
N GLU B 250 -71.53 29.61 -19.52
CA GLU B 250 -71.36 28.16 -19.50
C GLU B 250 -72.61 27.50 -20.06
N GLU B 251 -72.48 26.86 -21.21
CA GLU B 251 -73.62 26.22 -21.86
C GLU B 251 -74.03 24.95 -21.11
N GLY B 252 -75.28 24.55 -21.31
CA GLY B 252 -75.81 23.35 -20.69
C GLY B 252 -76.01 23.47 -19.19
N ASN B 277 -67.82 35.31 -29.93
CA ASN B 277 -67.50 36.11 -28.75
C ASN B 277 -66.27 35.57 -28.03
N ALA B 278 -65.15 36.27 -28.17
CA ALA B 278 -63.91 35.86 -27.52
C ALA B 278 -63.99 35.98 -26.01
N LYS B 279 -64.88 36.83 -25.49
CA LYS B 279 -65.05 36.94 -24.05
C LYS B 279 -65.58 35.64 -23.45
N THR B 280 -66.51 34.99 -24.14
CA THR B 280 -67.09 33.75 -23.64
C THR B 280 -66.05 32.63 -23.69
N VAL B 281 -65.98 31.86 -22.60
CA VAL B 281 -65.04 30.74 -22.50
C VAL B 281 -65.71 29.40 -22.76
N TYR B 282 -67.05 29.35 -22.82
CA TYR B 282 -67.81 28.12 -23.09
C TYR B 282 -67.51 27.05 -22.03
N GLY B 283 -67.86 27.38 -20.80
CA GLY B 283 -67.64 26.48 -19.69
C GLY B 283 -68.70 25.39 -19.57
N GLU B 284 -68.44 24.47 -18.65
CA GLU B 284 -69.34 23.35 -18.40
C GLU B 284 -69.35 23.03 -16.90
N ASN B 285 -70.37 22.29 -16.48
CA ASN B 285 -70.51 21.85 -15.09
C ASN B 285 -70.52 23.05 -14.13
N THR B 286 -71.59 23.82 -14.26
CA THR B 286 -71.71 25.13 -13.62
C THR B 286 -71.44 25.07 -12.12
N HIS B 287 -70.34 25.69 -11.70
CA HIS B 287 -70.00 25.88 -10.29
C HIS B 287 -69.92 27.35 -9.92
N ARG B 288 -69.10 28.12 -10.64
CA ARG B 288 -69.04 29.58 -10.52
C ARG B 288 -68.80 30.05 -9.08
N THR B 289 -68.05 29.27 -8.30
CA THR B 289 -67.71 29.64 -6.92
C THR B 289 -66.23 29.50 -6.62
N PHE B 290 -65.46 28.82 -7.48
CA PHE B 290 -64.03 28.65 -7.27
C PHE B 290 -63.33 30.00 -7.19
N SER B 291 -62.82 30.34 -6.01
CA SER B 291 -62.13 31.61 -5.82
C SER B 291 -60.88 31.49 -4.96
N VAL B 292 -60.41 30.28 -4.66
CA VAL B 292 -59.28 30.11 -3.76
C VAL B 292 -57.98 30.44 -4.50
N VAL B 293 -57.09 31.16 -3.83
CA VAL B 293 -55.83 31.58 -4.43
C VAL B 293 -54.94 30.37 -4.65
N VAL B 294 -54.07 30.46 -5.67
CA VAL B 294 -53.16 29.37 -5.98
C VAL B 294 -52.10 29.26 -4.88
N ASP B 295 -51.51 28.07 -4.76
CA ASP B 295 -50.48 27.85 -3.74
C ASP B 295 -49.25 28.71 -4.02
N ASP B 296 -48.72 28.62 -5.23
CA ASP B 296 -47.66 29.53 -5.68
C ASP B 296 -47.65 29.57 -7.20
N CYS B 297 -47.68 30.78 -7.76
CA CYS B 297 -47.86 30.96 -9.19
C CYS B 297 -46.53 30.76 -9.90
N SER B 298 -46.31 29.56 -10.45
CA SER B 298 -45.14 29.29 -11.28
C SER B 298 -45.52 29.05 -12.73
N MET B 299 -46.37 28.04 -13.00
CA MET B 299 -46.90 27.69 -14.31
C MET B 299 -45.93 28.00 -15.46
N ARG B 300 -46.43 28.75 -16.44
CA ARG B 300 -45.61 29.26 -17.54
C ARG B 300 -44.77 28.20 -18.22
N ALA B 301 -43.49 28.14 -17.85
CA ALA B 301 -42.46 27.35 -18.51
C ALA B 301 -42.92 25.95 -18.90
N VAL B 302 -43.47 25.20 -17.94
CA VAL B 302 -43.87 23.82 -18.19
C VAL B 302 -44.90 23.76 -19.31
N LEU B 303 -45.93 24.60 -19.23
CA LEU B 303 -46.91 24.66 -20.30
C LEU B 303 -46.25 25.15 -21.59
N ARG B 304 -45.30 26.08 -21.47
CA ARG B 304 -44.50 26.49 -22.61
C ARG B 304 -43.62 25.34 -23.09
N ARG B 305 -43.09 24.56 -22.15
CA ARG B 305 -42.19 23.47 -22.50
C ARG B 305 -42.92 22.38 -23.28
N LEU B 306 -44.15 22.07 -22.87
CA LEU B 306 -44.94 21.05 -23.55
C LEU B 306 -45.52 21.55 -24.87
N GLN B 307 -45.42 22.85 -25.15
CA GLN B 307 -45.93 23.44 -26.39
C GLN B 307 -47.42 23.14 -26.59
N VAL B 308 -48.21 23.33 -25.53
CA VAL B 308 -49.64 23.08 -25.59
C VAL B 308 -50.33 24.28 -26.22
N GLY B 309 -51.12 24.03 -27.26
CA GLY B 309 -51.89 25.11 -27.87
C GLY B 309 -53.00 25.62 -26.96
N GLY B 310 -53.66 24.71 -26.26
CA GLY B 310 -54.75 25.08 -25.38
C GLY B 310 -55.54 23.84 -24.99
N GLY B 311 -56.46 24.05 -24.06
CA GLY B 311 -57.26 22.93 -23.59
C GLY B 311 -58.23 23.32 -22.51
N THR B 312 -58.64 22.30 -21.75
CA THR B 312 -59.65 22.41 -20.72
C THR B 312 -59.01 22.48 -19.34
N LEU B 313 -59.55 23.36 -18.50
CA LEU B 313 -59.13 23.50 -17.11
C LEU B 313 -60.10 22.72 -16.23
N LYS B 314 -59.58 21.76 -15.49
CA LYS B 314 -60.38 20.97 -14.54
C LYS B 314 -59.94 21.29 -13.13
N PHE B 315 -60.91 21.47 -12.24
CA PHE B 315 -60.67 21.87 -10.87
C PHE B 315 -60.99 20.73 -9.91
N PHE B 316 -60.20 20.66 -8.84
CA PHE B 316 -60.30 19.65 -7.80
C PHE B 316 -60.22 20.31 -6.43
N LEU B 317 -61.10 21.30 -6.22
CA LEU B 317 -61.23 21.96 -4.93
C LEU B 317 -62.11 21.18 -3.95
N THR B 318 -62.84 20.17 -4.43
CA THR B 318 -63.66 19.37 -3.52
C THR B 318 -62.80 18.62 -2.51
N THR B 319 -61.65 18.12 -2.95
CA THR B 319 -60.72 17.46 -2.05
C THR B 319 -60.12 18.48 -1.08
N PRO B 320 -59.62 18.01 0.07
CA PRO B 320 -59.00 18.96 1.03
C PRO B 320 -57.86 19.77 0.43
N VAL B 321 -57.13 19.20 -0.53
CA VAL B 321 -56.10 19.95 -1.25
C VAL B 321 -56.58 20.19 -2.67
N PRO B 322 -57.05 21.39 -2.99
CA PRO B 322 -57.50 21.67 -4.36
C PRO B 322 -56.37 21.52 -5.36
N SER B 323 -56.72 21.07 -6.57
CA SER B 323 -55.72 20.97 -7.63
C SER B 323 -56.29 21.48 -8.94
N LEU B 324 -55.39 21.79 -9.87
CA LEU B 324 -55.74 22.29 -11.19
C LEU B 324 -55.09 21.41 -12.24
N CYS B 325 -55.88 20.98 -13.23
CA CYS B 325 -55.40 20.12 -14.30
C CYS B 325 -55.69 20.79 -15.65
N VAL B 326 -54.64 21.10 -16.40
CA VAL B 326 -54.75 21.68 -17.73
C VAL B 326 -54.55 20.54 -18.71
N THR B 327 -55.60 20.15 -19.43
CA THR B 327 -55.54 19.04 -20.37
C THR B 327 -55.71 19.56 -21.79
N ALA B 328 -54.78 19.20 -22.67
CA ALA B 328 -54.77 19.74 -24.02
C ALA B 328 -56.00 19.26 -24.80
N THR B 329 -56.15 19.77 -26.01
CA THR B 329 -57.26 19.42 -26.90
C THR B 329 -56.73 18.65 -28.09
N GLY B 330 -57.34 17.51 -28.38
CA GLY B 330 -56.95 16.69 -29.49
C GLY B 330 -56.76 15.24 -29.09
N PRO B 331 -56.34 14.40 -30.04
CA PRO B 331 -56.12 12.98 -29.73
C PRO B 331 -54.87 12.81 -28.88
N ASN B 332 -55.00 12.04 -27.79
CA ASN B 332 -53.92 11.74 -26.87
C ASN B 332 -53.30 13.04 -26.32
N ALA B 333 -54.14 13.82 -25.67
CA ALA B 333 -53.71 15.09 -25.09
C ALA B 333 -52.90 14.86 -23.82
N VAL B 334 -52.07 15.83 -23.49
CA VAL B 334 -51.25 15.79 -22.29
C VAL B 334 -51.88 16.70 -21.24
N SER B 335 -51.68 16.35 -19.97
CA SER B 335 -52.28 17.07 -18.86
C SER B 335 -51.20 17.48 -17.86
N ALA B 336 -51.23 18.74 -17.46
CA ALA B 336 -50.36 19.27 -16.42
C ALA B 336 -51.17 19.50 -15.16
N VAL B 337 -50.70 18.93 -14.05
CA VAL B 337 -51.44 18.94 -12.79
C VAL B 337 -50.61 19.66 -11.74
N PHE B 338 -51.27 20.58 -11.02
CA PHE B 338 -50.63 21.40 -10.00
C PHE B 338 -51.53 21.45 -8.77
N LEU B 339 -50.90 21.70 -7.62
CA LEU B 339 -51.59 21.74 -6.34
C LEU B 339 -51.84 23.18 -5.91
N LEU B 340 -53.07 23.46 -5.46
CA LEU B 340 -53.48 24.78 -5.02
C LEU B 340 -53.36 24.89 -3.50
N LYS B 341 -53.88 25.99 -2.95
CA LYS B 341 -53.80 26.24 -1.53
C LYS B 341 -54.71 25.28 -0.76
N PRO B 342 -54.19 24.49 0.17
CA PRO B 342 -55.05 23.57 0.93
C PRO B 342 -55.63 24.21 2.18
N GLN B 343 -55.60 25.55 2.24
CA GLN B 343 -56.08 26.24 3.44
C GLN B 343 -57.55 26.00 3.70
N LYS B 344 -58.34 25.79 2.63
CA LYS B 344 -59.77 25.55 2.78
C LYS B 344 -60.06 24.06 2.93
#